data_2KSF
#
_entry.id   2KSF
#
_entity_poly.entity_id   1
_entity_poly.type   'polypeptide(L)'
_entity_poly.pdbx_seq_one_letter_code
;MVQIQGSVVAAALSAVITLIAMQWLMAFDAANLVMLYLLGVVVVALFYGRWPSVVATVINVVSFDLFFIAPRGTLAVSDV
QYLLTFAVMLTVGLVIGNLTAGVRYQA
;
_entity_poly.pdbx_strand_id   A
#
# COMPACT_ATOMS: atom_id res chain seq x y z
N MET A 1 -17.26 15.54 -7.08
CA MET A 1 -16.62 15.93 -5.80
C MET A 1 -15.33 15.14 -5.55
N VAL A 2 -14.38 15.75 -4.84
CA VAL A 2 -13.11 15.08 -4.54
C VAL A 2 -12.55 15.53 -3.19
N GLN A 3 -12.31 14.57 -2.30
CA GLN A 3 -11.77 14.86 -0.97
C GLN A 3 -10.33 14.35 -0.83
N ILE A 4 -9.58 14.98 0.08
CA ILE A 4 -8.18 14.60 0.33
C ILE A 4 -8.11 13.28 1.11
N GLN A 5 -7.83 12.19 0.40
CA GLN A 5 -7.74 10.86 1.01
C GLN A 5 -9.09 10.39 1.55
N GLY A 6 -9.95 9.88 0.65
CA GLY A 6 -11.26 9.40 1.05
C GLY A 6 -11.61 8.05 0.47
N SER A 7 -12.83 7.92 -0.05
CA SER A 7 -13.30 6.65 -0.65
C SER A 7 -12.26 6.07 -1.60
N VAL A 8 -11.59 6.94 -2.37
CA VAL A 8 -10.56 6.50 -3.31
C VAL A 8 -9.44 5.79 -2.57
N VAL A 9 -8.97 6.39 -1.48
CA VAL A 9 -7.90 5.80 -0.66
C VAL A 9 -8.34 4.44 -0.11
N ALA A 10 -9.55 4.41 0.46
CA ALA A 10 -10.10 3.18 1.02
C ALA A 10 -10.21 2.10 -0.06
N ALA A 11 -10.84 2.45 -1.19
CA ALA A 11 -10.99 1.52 -2.31
C ALA A 11 -9.63 1.02 -2.80
N ALA A 12 -8.72 1.96 -3.06
CA ALA A 12 -7.38 1.64 -3.54
C ALA A 12 -6.66 0.71 -2.56
N LEU A 13 -6.55 1.14 -1.30
CA LEU A 13 -5.89 0.33 -0.27
C LEU A 13 -6.59 -1.03 -0.13
N SER A 14 -7.93 -1.00 -0.17
CA SER A 14 -8.72 -2.23 -0.06
C SER A 14 -8.32 -3.22 -1.16
N ALA A 15 -8.42 -2.78 -2.41
CA ALA A 15 -8.05 -3.62 -3.55
C ALA A 15 -6.62 -4.15 -3.38
N VAL A 16 -5.71 -3.28 -2.93
CA VAL A 16 -4.32 -3.66 -2.70
C VAL A 16 -4.21 -4.75 -1.65
N ILE A 17 -4.70 -4.48 -0.44
CA ILE A 17 -4.64 -5.47 0.65
C ILE A 17 -5.29 -6.78 0.23
N THR A 18 -6.46 -6.69 -0.43
CA THR A 18 -7.17 -7.88 -0.90
C THR A 18 -6.29 -8.66 -1.86
N LEU A 19 -5.76 -7.96 -2.88
CA LEU A 19 -4.87 -8.59 -3.86
C LEU A 19 -3.66 -9.22 -3.17
N ILE A 20 -3.04 -8.46 -2.25
CA ILE A 20 -1.89 -8.95 -1.49
C ILE A 20 -2.24 -10.23 -0.74
N ALA A 21 -3.32 -10.18 0.03
CA ALA A 21 -3.77 -11.34 0.80
C ALA A 21 -4.06 -12.53 -0.12
N MET A 22 -4.80 -12.28 -1.20
CA MET A 22 -5.14 -13.33 -2.17
C MET A 22 -3.88 -13.93 -2.78
N GLN A 23 -3.02 -13.07 -3.31
CA GLN A 23 -1.77 -13.51 -3.94
C GLN A 23 -0.88 -14.24 -2.94
N TRP A 24 -0.70 -13.66 -1.75
CA TRP A 24 0.12 -14.27 -0.71
C TRP A 24 -0.43 -15.65 -0.33
N LEU A 25 -1.75 -15.73 -0.18
CA LEU A 25 -2.43 -16.98 0.16
C LEU A 25 -2.25 -18.02 -0.96
N MET A 26 -2.39 -17.58 -2.21
CA MET A 26 -2.26 -18.48 -3.36
C MET A 26 -0.81 -18.98 -3.53
N ALA A 27 -0.66 -20.30 -3.60
CA ALA A 27 0.66 -20.94 -3.77
C ALA A 27 1.51 -20.83 -2.50
N PHE A 28 2.43 -19.86 -2.45
CA PHE A 28 3.31 -19.67 -1.29
C PHE A 28 4.29 -18.51 -1.50
N ASP A 29 3.79 -17.41 -2.07
CA ASP A 29 4.63 -16.24 -2.34
C ASP A 29 3.81 -14.95 -2.25
N ALA A 30 4.49 -13.83 -2.01
CA ALA A 30 3.83 -12.53 -1.90
C ALA A 30 3.31 -12.06 -3.27
N ALA A 31 4.02 -12.47 -4.33
CA ALA A 31 3.66 -12.11 -5.71
C ALA A 31 4.80 -12.43 -6.67
N ASN A 32 4.51 -12.47 -7.97
CA ASN A 32 5.53 -12.75 -8.98
C ASN A 32 6.19 -11.45 -9.47
N LEU A 33 6.41 -10.51 -8.54
CA LEU A 33 7.04 -9.22 -8.86
C LEU A 33 6.44 -8.55 -10.11
N VAL A 34 5.16 -8.80 -10.35
CA VAL A 34 4.47 -8.20 -11.51
C VAL A 34 3.01 -7.84 -11.18
N MET A 35 2.17 -8.86 -10.98
CA MET A 35 0.77 -8.64 -10.66
C MET A 35 0.61 -7.64 -9.50
N LEU A 36 1.31 -7.92 -8.39
CA LEU A 36 1.26 -7.04 -7.23
C LEU A 36 1.82 -5.66 -7.55
N TYR A 37 2.90 -5.61 -8.33
CA TYR A 37 3.51 -4.35 -8.72
C TYR A 37 2.59 -3.56 -9.65
N LEU A 38 2.06 -4.22 -10.68
CA LEU A 38 1.15 -3.57 -11.62
C LEU A 38 -0.04 -2.96 -10.89
N LEU A 39 -0.80 -3.81 -10.19
CA LEU A 39 -1.96 -3.35 -9.42
C LEU A 39 -1.53 -2.33 -8.38
N GLY A 40 -0.44 -2.64 -7.66
CA GLY A 40 0.09 -1.73 -6.65
C GLY A 40 0.33 -0.34 -7.20
N VAL A 41 1.12 -0.26 -8.28
CA VAL A 41 1.42 1.02 -8.91
C VAL A 41 0.12 1.74 -9.29
N VAL A 42 -0.81 1.01 -9.93
CA VAL A 42 -2.10 1.58 -10.33
C VAL A 42 -2.78 2.21 -9.11
N VAL A 43 -2.85 1.43 -8.02
CA VAL A 43 -3.45 1.91 -6.77
C VAL A 43 -2.66 3.12 -6.24
N VAL A 44 -1.34 3.02 -6.29
CA VAL A 44 -0.46 4.11 -5.85
C VAL A 44 -0.84 5.38 -6.59
N ALA A 45 -1.02 5.27 -7.92
CA ALA A 45 -1.43 6.42 -8.72
C ALA A 45 -2.76 6.96 -8.19
N LEU A 46 -3.71 6.04 -7.95
CA LEU A 46 -5.02 6.42 -7.40
C LEU A 46 -4.84 7.17 -6.08
N PHE A 47 -3.96 6.64 -5.23
CA PHE A 47 -3.66 7.25 -3.93
C PHE A 47 -3.02 8.63 -4.11
N TYR A 48 -2.05 8.71 -5.03
CA TYR A 48 -1.36 9.97 -5.32
C TYR A 48 -2.37 11.06 -5.65
N GLY A 49 -3.39 10.72 -6.44
CA GLY A 49 -4.42 11.69 -6.80
C GLY A 49 -5.39 11.97 -5.67
N ARG A 50 -4.85 12.23 -4.47
CA ARG A 50 -5.67 12.52 -3.29
C ARG A 50 -5.09 13.70 -2.50
N TRP A 51 -4.41 14.61 -3.22
CA TRP A 51 -3.78 15.79 -2.61
C TRP A 51 -2.39 15.44 -2.06
N PRO A 52 -1.34 16.18 -2.48
CA PRO A 52 0.03 15.93 -2.03
C PRO A 52 0.31 16.47 -0.62
N SER A 53 0.21 15.59 0.37
CA SER A 53 0.45 15.98 1.77
C SER A 53 1.59 15.18 2.41
N VAL A 54 2.65 14.92 1.63
CA VAL A 54 3.82 14.16 2.12
C VAL A 54 3.48 12.69 2.40
N VAL A 55 2.46 12.46 3.23
CA VAL A 55 2.03 11.11 3.59
C VAL A 55 2.01 10.16 2.38
N ALA A 56 1.43 10.61 1.27
CA ALA A 56 1.38 9.78 0.05
C ALA A 56 2.79 9.43 -0.40
N THR A 57 3.66 10.44 -0.45
CA THR A 57 5.06 10.24 -0.84
C THR A 57 5.70 9.19 0.07
N VAL A 58 5.54 9.38 1.38
CA VAL A 58 6.08 8.44 2.36
C VAL A 58 5.54 7.03 2.11
N ILE A 59 4.21 6.91 2.04
CA ILE A 59 3.56 5.62 1.79
C ILE A 59 4.13 4.97 0.52
N ASN A 60 4.17 5.73 -0.56
CA ASN A 60 4.69 5.22 -1.83
C ASN A 60 6.16 4.79 -1.67
N VAL A 61 6.98 5.70 -1.13
CA VAL A 61 8.40 5.41 -0.91
C VAL A 61 8.59 4.12 -0.10
N VAL A 62 7.91 4.05 1.05
CA VAL A 62 8.00 2.86 1.90
C VAL A 62 7.71 1.59 1.10
N SER A 63 6.56 1.57 0.41
CA SER A 63 6.19 0.42 -0.41
C SER A 63 7.23 0.16 -1.49
N PHE A 64 7.68 1.25 -2.15
CA PHE A 64 8.68 1.14 -3.21
C PHE A 64 9.96 0.48 -2.69
N ASP A 65 10.55 1.07 -1.64
CA ASP A 65 11.76 0.53 -1.05
C ASP A 65 11.53 -0.89 -0.53
N LEU A 66 10.37 -1.12 0.10
CA LEU A 66 10.02 -2.44 0.61
C LEU A 66 9.77 -3.44 -0.53
N PHE A 67 9.47 -2.92 -1.74
CA PHE A 67 9.20 -3.78 -2.90
C PHE A 67 10.43 -4.63 -3.24
N PHE A 68 10.64 -5.67 -2.44
CA PHE A 68 11.75 -6.59 -2.61
C PHE A 68 11.70 -7.65 -1.52
N ILE A 69 11.68 -7.19 -0.26
CA ILE A 69 11.60 -8.10 0.88
C ILE A 69 10.14 -8.35 1.30
N ALA A 70 9.31 -8.71 0.32
CA ALA A 70 7.89 -9.00 0.57
C ALA A 70 7.63 -10.51 0.70
N PRO A 71 7.93 -11.31 -0.35
CA PRO A 71 7.71 -12.77 -0.31
C PRO A 71 8.46 -13.45 0.82
N ARG A 72 7.90 -14.56 1.33
CA ARG A 72 8.50 -15.33 2.42
C ARG A 72 9.83 -15.96 2.00
N GLY A 73 10.79 -15.09 1.65
CA GLY A 73 12.11 -15.54 1.22
C GLY A 73 12.82 -14.46 0.42
N THR A 74 12.36 -14.23 -0.81
CA THR A 74 12.91 -13.21 -1.72
C THR A 74 14.42 -12.95 -1.52
N LEU A 75 15.18 -14.05 -1.41
CA LEU A 75 16.64 -13.96 -1.22
C LEU A 75 17.05 -12.90 -0.19
N ALA A 76 16.23 -12.73 0.85
CA ALA A 76 16.51 -11.75 1.90
C ALA A 76 17.32 -12.36 3.05
N VAL A 77 17.84 -11.49 3.92
CA VAL A 77 18.65 -11.94 5.07
C VAL A 77 17.89 -11.75 6.39
N SER A 78 17.18 -10.63 6.52
CA SER A 78 16.40 -10.35 7.74
C SER A 78 15.03 -11.01 7.69
N ASP A 79 14.22 -10.75 8.72
CA ASP A 79 12.88 -11.32 8.79
C ASP A 79 11.92 -10.61 7.82
N VAL A 80 11.72 -11.23 6.66
CA VAL A 80 10.83 -10.66 5.63
C VAL A 80 9.43 -10.43 6.19
N GLN A 81 8.88 -11.44 6.86
CA GLN A 81 7.54 -11.34 7.45
C GLN A 81 7.44 -10.13 8.38
N TYR A 82 8.43 -9.98 9.27
CA TYR A 82 8.45 -8.86 10.20
C TYR A 82 8.64 -7.53 9.48
N LEU A 83 9.68 -7.45 8.63
CA LEU A 83 9.96 -6.23 7.86
C LEU A 83 8.72 -5.78 7.10
N LEU A 84 8.12 -6.70 6.35
CA LEU A 84 6.90 -6.41 5.60
C LEU A 84 5.78 -6.00 6.55
N THR A 85 5.60 -6.77 7.63
CA THR A 85 4.57 -6.47 8.63
C THR A 85 4.69 -5.03 9.12
N PHE A 86 5.91 -4.63 9.49
CA PHE A 86 6.16 -3.26 9.96
C PHE A 86 5.76 -2.26 8.88
N ALA A 87 6.30 -2.45 7.67
CA ALA A 87 5.97 -1.56 6.54
C ALA A 87 4.47 -1.48 6.33
N VAL A 88 3.79 -2.63 6.43
CA VAL A 88 2.33 -2.69 6.27
C VAL A 88 1.66 -1.90 7.39
N MET A 89 2.07 -2.17 8.63
CA MET A 89 1.51 -1.47 9.79
C MET A 89 1.68 0.04 9.65
N LEU A 90 2.92 0.47 9.38
CA LEU A 90 3.21 1.89 9.20
C LEU A 90 2.33 2.47 8.09
N THR A 91 2.31 1.78 6.94
CA THR A 91 1.49 2.20 5.80
C THR A 91 0.03 2.32 6.22
N VAL A 92 -0.47 1.29 6.92
CA VAL A 92 -1.84 1.28 7.41
C VAL A 92 -2.11 2.49 8.29
N GLY A 93 -1.18 2.73 9.24
CA GLY A 93 -1.31 3.90 10.12
C GLY A 93 -1.46 5.18 9.33
N LEU A 94 -0.64 5.32 8.28
CA LEU A 94 -0.71 6.50 7.41
C LEU A 94 -2.05 6.56 6.70
N VAL A 95 -2.44 5.44 6.09
CA VAL A 95 -3.72 5.35 5.36
C VAL A 95 -4.90 5.67 6.27
N ILE A 96 -5.02 4.94 7.38
CA ILE A 96 -6.11 5.16 8.33
C ILE A 96 -6.11 6.62 8.83
N GLY A 97 -4.93 7.15 9.12
CA GLY A 97 -4.83 8.53 9.57
C GLY A 97 -5.35 9.49 8.53
N ASN A 98 -4.88 9.34 7.30
CA ASN A 98 -5.32 10.18 6.18
C ASN A 98 -6.82 10.02 5.95
N LEU A 99 -7.26 8.78 5.76
CA LEU A 99 -8.67 8.48 5.55
C LEU A 99 -9.53 9.09 6.66
N THR A 100 -9.07 8.95 7.90
CA THR A 100 -9.78 9.49 9.06
C THR A 100 -9.88 11.01 8.95
N ALA A 101 -8.74 11.67 8.70
CA ALA A 101 -8.68 13.12 8.56
C ALA A 101 -9.58 13.59 7.41
N GLY A 102 -9.45 12.94 6.25
CA GLY A 102 -10.26 13.29 5.09
C GLY A 102 -11.75 13.20 5.37
N VAL A 103 -12.19 12.06 5.91
CA VAL A 103 -13.59 11.86 6.24
C VAL A 103 -14.00 12.70 7.44
N ARG A 104 -13.18 12.66 8.50
CA ARG A 104 -13.44 13.43 9.72
C ARG A 104 -12.48 14.61 9.78
N TYR A 105 -12.88 15.73 9.17
CA TYR A 105 -12.06 16.94 9.14
C TYR A 105 -11.74 17.44 10.56
N GLN A 106 -12.76 17.60 11.39
CA GLN A 106 -12.58 18.05 12.77
C GLN A 106 -13.39 17.21 13.75
N ALA A 107 -13.00 17.26 15.03
CA ALA A 107 -13.68 16.52 16.07
C ALA A 107 -13.45 17.16 17.45
N MET A 1 -16.13 9.26 -1.72
CA MET A 1 -15.71 9.91 -3.00
C MET A 1 -15.85 11.44 -2.92
N VAL A 2 -14.94 12.07 -2.19
CA VAL A 2 -14.96 13.52 -2.03
C VAL A 2 -13.65 14.04 -1.43
N GLN A 3 -13.08 15.08 -2.04
CA GLN A 3 -11.82 15.68 -1.58
C GLN A 3 -10.65 14.68 -1.69
N ILE A 4 -9.50 15.08 -1.13
CA ILE A 4 -8.31 14.23 -1.16
C ILE A 4 -8.43 13.05 -0.18
N GLN A 5 -7.78 11.93 -0.54
CA GLN A 5 -7.80 10.73 0.29
C GLN A 5 -9.22 10.17 0.48
N GLY A 6 -9.37 9.23 1.43
CA GLY A 6 -10.67 8.64 1.69
C GLY A 6 -10.98 7.49 0.75
N SER A 7 -11.94 7.69 -0.16
CA SER A 7 -12.33 6.66 -1.11
C SER A 7 -11.12 6.13 -1.89
N VAL A 8 -10.31 7.04 -2.41
CA VAL A 8 -9.12 6.67 -3.16
C VAL A 8 -8.22 5.74 -2.35
N VAL A 9 -7.88 6.16 -1.14
CA VAL A 9 -7.05 5.34 -0.25
C VAL A 9 -7.73 4.01 0.04
N ALA A 10 -9.02 4.06 0.37
CA ALA A 10 -9.80 2.86 0.66
C ALA A 10 -9.73 1.90 -0.53
N ALA A 11 -9.88 2.42 -1.75
CA ALA A 11 -9.81 1.61 -2.95
C ALA A 11 -8.44 0.94 -3.09
N ALA A 12 -7.38 1.76 -3.05
CA ALA A 12 -6.01 1.25 -3.16
C ALA A 12 -5.75 0.22 -2.06
N LEU A 13 -6.11 0.57 -0.82
CA LEU A 13 -5.93 -0.33 0.32
C LEU A 13 -6.69 -1.63 0.09
N SER A 14 -7.96 -1.52 -0.31
CA SER A 14 -8.78 -2.70 -0.59
C SER A 14 -8.08 -3.60 -1.59
N ALA A 15 -7.60 -3.00 -2.68
CA ALA A 15 -6.86 -3.74 -3.71
C ALA A 15 -5.66 -4.45 -3.09
N VAL A 16 -4.94 -3.74 -2.23
CA VAL A 16 -3.78 -4.31 -1.54
C VAL A 16 -4.21 -5.48 -0.64
N ILE A 17 -5.33 -5.29 0.07
CA ILE A 17 -5.87 -6.31 0.95
C ILE A 17 -6.25 -7.56 0.15
N THR A 18 -7.06 -7.38 -0.89
CA THR A 18 -7.48 -8.50 -1.73
C THR A 18 -6.25 -9.18 -2.34
N LEU A 19 -5.31 -8.38 -2.83
CA LEU A 19 -4.06 -8.89 -3.41
C LEU A 19 -3.33 -9.74 -2.38
N ILE A 20 -3.16 -9.19 -1.17
CA ILE A 20 -2.48 -9.92 -0.08
C ILE A 20 -3.23 -11.21 0.23
N ALA A 21 -4.53 -11.08 0.50
CA ALA A 21 -5.38 -12.23 0.81
C ALA A 21 -5.24 -13.31 -0.27
N MET A 22 -5.37 -12.91 -1.53
CA MET A 22 -5.25 -13.84 -2.65
C MET A 22 -3.84 -14.43 -2.72
N GLN A 23 -2.83 -13.58 -2.53
CA GLN A 23 -1.43 -13.99 -2.55
C GLN A 23 -1.15 -15.09 -1.52
N TRP A 24 -1.67 -14.89 -0.29
CA TRP A 24 -1.47 -15.86 0.79
C TRP A 24 -2.45 -17.04 0.69
N LEU A 25 -3.67 -16.78 0.24
CA LEU A 25 -4.70 -17.80 0.10
C LEU A 25 -4.20 -19.02 -0.68
N MET A 26 -3.74 -18.79 -1.91
CA MET A 26 -3.24 -19.89 -2.76
C MET A 26 -2.08 -19.43 -3.65
N ALA A 27 -1.01 -18.96 -3.02
CA ALA A 27 0.17 -18.48 -3.76
C ALA A 27 1.33 -18.19 -2.81
N PHE A 28 2.44 -17.69 -3.37
CA PHE A 28 3.62 -17.36 -2.58
C PHE A 28 3.58 -15.90 -2.13
N ASP A 29 4.19 -15.62 -0.98
CA ASP A 29 4.22 -14.26 -0.44
C ASP A 29 4.66 -13.24 -1.50
N ALA A 30 3.75 -12.32 -1.82
CA ALA A 30 4.01 -11.27 -2.81
C ALA A 30 4.35 -11.83 -4.20
N ALA A 31 3.91 -13.06 -4.49
CA ALA A 31 4.18 -13.68 -5.78
C ALA A 31 3.44 -12.95 -6.91
N ASN A 32 3.87 -13.20 -8.15
CA ASN A 32 3.26 -12.56 -9.32
C ASN A 32 3.75 -11.11 -9.49
N LEU A 33 5.06 -10.95 -9.72
CA LEU A 33 5.67 -9.64 -9.89
C LEU A 33 4.90 -8.78 -10.89
N VAL A 34 4.61 -9.35 -12.06
CA VAL A 34 3.86 -8.63 -13.10
C VAL A 34 2.53 -8.10 -12.56
N MET A 35 1.66 -9.01 -12.13
CA MET A 35 0.35 -8.63 -11.58
C MET A 35 0.52 -7.65 -10.42
N LEU A 36 1.41 -7.99 -9.49
CA LEU A 36 1.67 -7.12 -8.33
C LEU A 36 2.10 -5.73 -8.77
N TYR A 37 3.08 -5.65 -9.67
CA TYR A 37 3.57 -4.37 -10.18
C TYR A 37 2.47 -3.63 -10.95
N LEU A 38 1.82 -4.33 -11.89
CA LEU A 38 0.75 -3.72 -12.69
C LEU A 38 -0.35 -3.18 -11.78
N LEU A 39 -0.89 -4.03 -10.92
CA LEU A 39 -1.93 -3.61 -9.99
C LEU A 39 -1.41 -2.46 -9.11
N GLY A 40 -0.20 -2.64 -8.57
CA GLY A 40 0.41 -1.62 -7.73
C GLY A 40 0.46 -0.26 -8.41
N VAL A 41 1.09 -0.18 -9.59
CA VAL A 41 1.17 1.08 -10.32
C VAL A 41 -0.22 1.66 -10.56
N VAL A 42 -1.19 0.80 -10.88
CA VAL A 42 -2.56 1.25 -11.12
C VAL A 42 -3.14 1.92 -9.87
N VAL A 43 -3.17 1.20 -8.75
CA VAL A 43 -3.70 1.75 -7.49
C VAL A 43 -2.88 2.97 -7.05
N VAL A 44 -1.56 2.89 -7.24
CA VAL A 44 -0.66 3.99 -6.90
C VAL A 44 -1.05 5.24 -7.67
N ALA A 45 -1.20 5.10 -8.99
CA ALA A 45 -1.59 6.23 -9.84
C ALA A 45 -2.91 6.81 -9.35
N LEU A 46 -3.88 5.93 -9.09
CA LEU A 46 -5.19 6.35 -8.60
C LEU A 46 -5.05 7.13 -7.28
N PHE A 47 -4.26 6.56 -6.35
CA PHE A 47 -4.00 7.21 -5.06
C PHE A 47 -3.31 8.55 -5.24
N TYR A 48 -2.28 8.56 -6.09
CA TYR A 48 -1.50 9.76 -6.39
C TYR A 48 -2.38 10.86 -6.99
N GLY A 49 -3.24 10.49 -7.93
CA GLY A 49 -4.12 11.46 -8.57
C GLY A 49 -5.18 12.05 -7.64
N ARG A 50 -4.73 12.59 -6.51
CA ARG A 50 -5.64 13.19 -5.53
C ARG A 50 -4.93 14.29 -4.73
N TRP A 51 -4.20 15.15 -5.43
CA TRP A 51 -3.45 16.26 -4.82
C TRP A 51 -2.13 15.79 -4.21
N PRO A 52 -1.01 16.43 -4.60
CA PRO A 52 0.33 16.07 -4.08
C PRO A 52 0.55 16.58 -2.65
N SER A 53 0.89 15.66 -1.75
CA SER A 53 1.14 16.01 -0.35
C SER A 53 2.28 15.18 0.23
N VAL A 54 2.98 15.76 1.22
CA VAL A 54 4.09 15.08 1.88
C VAL A 54 3.70 13.67 2.34
N VAL A 55 2.54 13.54 2.96
CA VAL A 55 2.07 12.23 3.44
C VAL A 55 1.98 11.24 2.28
N ALA A 56 1.28 11.63 1.22
CA ALA A 56 1.14 10.78 0.03
C ALA A 56 2.52 10.41 -0.51
N THR A 57 3.37 11.42 -0.71
CA THR A 57 4.73 11.20 -1.20
C THR A 57 5.48 10.22 -0.30
N VAL A 58 5.38 10.41 1.02
CA VAL A 58 6.02 9.53 1.98
C VAL A 58 5.54 8.09 1.80
N ILE A 59 4.21 7.91 1.79
CA ILE A 59 3.63 6.57 1.61
C ILE A 59 4.10 5.95 0.29
N ASN A 60 3.94 6.71 -0.81
CA ASN A 60 4.36 6.27 -2.14
C ASN A 60 5.84 5.88 -2.14
N VAL A 61 6.68 6.79 -1.64
CA VAL A 61 8.12 6.56 -1.56
C VAL A 61 8.43 5.31 -0.75
N VAL A 62 7.94 5.26 0.49
CA VAL A 62 8.14 4.10 1.36
C VAL A 62 7.89 2.80 0.60
N SER A 63 6.72 2.71 -0.03
CA SER A 63 6.35 1.53 -0.82
C SER A 63 7.33 1.31 -1.97
N PHE A 64 7.69 2.39 -2.67
CA PHE A 64 8.62 2.33 -3.79
C PHE A 64 9.98 1.79 -3.34
N ASP A 65 10.60 2.46 -2.37
CA ASP A 65 11.90 2.04 -1.84
C ASP A 65 11.85 0.58 -1.36
N LEU A 66 10.75 0.21 -0.68
CA LEU A 66 10.58 -1.15 -0.18
C LEU A 66 10.31 -2.16 -1.31
N PHE A 67 9.72 -1.69 -2.41
CA PHE A 67 9.40 -2.55 -3.55
C PHE A 67 10.66 -3.14 -4.18
N PHE A 68 10.95 -4.41 -3.89
CA PHE A 68 12.13 -5.08 -4.43
C PHE A 68 11.84 -6.56 -4.72
N ILE A 69 11.22 -6.82 -5.87
CA ILE A 69 10.89 -8.20 -6.28
C ILE A 69 10.00 -8.89 -5.25
N ALA A 70 8.67 -8.69 -5.39
CA ALA A 70 7.70 -9.29 -4.48
C ALA A 70 7.69 -8.54 -3.14
N PRO A 71 7.14 -7.31 -3.13
CA PRO A 71 7.07 -6.47 -1.91
C PRO A 71 6.12 -7.04 -0.86
N ARG A 72 6.37 -6.65 0.40
CA ARG A 72 5.57 -7.08 1.55
C ARG A 72 6.03 -8.45 2.07
N GLY A 73 5.78 -9.50 1.30
CA GLY A 73 6.19 -10.84 1.71
C GLY A 73 7.09 -11.52 0.68
N THR A 74 7.75 -12.59 1.10
CA THR A 74 8.64 -13.34 0.21
C THR A 74 9.18 -14.61 0.90
N LEU A 75 9.66 -15.56 0.10
CA LEU A 75 10.20 -16.81 0.63
C LEU A 75 11.72 -16.71 0.80
N ALA A 76 12.15 -15.85 1.73
CA ALA A 76 13.57 -15.65 2.00
C ALA A 76 13.93 -15.88 3.47
N VAL A 77 13.37 -15.06 4.37
CA VAL A 77 13.65 -15.19 5.80
C VAL A 77 12.41 -14.91 6.66
N SER A 78 12.37 -15.52 7.84
CA SER A 78 11.24 -15.36 8.77
C SER A 78 11.48 -14.23 9.78
N ASP A 79 12.25 -13.22 9.39
CA ASP A 79 12.56 -12.08 10.26
C ASP A 79 12.15 -10.77 9.60
N VAL A 80 12.88 -10.39 8.55
CA VAL A 80 12.60 -9.15 7.81
C VAL A 80 11.16 -9.13 7.32
N GLN A 81 10.66 -10.28 6.87
CA GLN A 81 9.28 -10.41 6.39
C GLN A 81 8.28 -9.90 7.43
N TYR A 82 8.47 -10.31 8.68
CA TYR A 82 7.60 -9.90 9.78
C TYR A 82 7.81 -8.42 10.10
N LEU A 83 9.07 -8.02 10.27
CA LEU A 83 9.41 -6.63 10.57
C LEU A 83 8.82 -5.68 9.51
N LEU A 84 9.09 -5.97 8.25
CA LEU A 84 8.59 -5.17 7.14
C LEU A 84 7.06 -5.17 7.13
N THR A 85 6.46 -6.36 7.19
CA THR A 85 5.01 -6.50 7.22
C THR A 85 4.41 -5.65 8.34
N PHE A 86 5.00 -5.74 9.53
CA PHE A 86 4.54 -4.96 10.68
C PHE A 86 4.62 -3.47 10.37
N ALA A 87 5.78 -3.04 9.84
CA ALA A 87 5.98 -1.64 9.48
C ALA A 87 4.92 -1.20 8.47
N VAL A 88 4.67 -2.06 7.46
CA VAL A 88 3.66 -1.78 6.45
C VAL A 88 2.27 -1.69 7.10
N MET A 89 1.97 -2.64 7.98
CA MET A 89 0.69 -2.66 8.68
C MET A 89 0.51 -1.36 9.48
N LEU A 90 1.51 -1.03 10.30
CA LEU A 90 1.47 0.20 11.09
C LEU A 90 1.28 1.40 10.16
N THR A 91 1.99 1.38 9.03
CA THR A 91 1.88 2.44 8.03
C THR A 91 0.45 2.52 7.52
N VAL A 92 -0.11 1.35 7.18
CA VAL A 92 -1.50 1.27 6.71
C VAL A 92 -2.43 1.87 7.76
N GLY A 93 -2.27 1.43 9.01
CA GLY A 93 -3.08 1.96 10.10
C GLY A 93 -2.98 3.48 10.17
N LEU A 94 -1.74 3.98 10.10
CA LEU A 94 -1.49 5.42 10.12
C LEU A 94 -2.24 6.09 8.97
N VAL A 95 -2.08 5.55 7.77
CA VAL A 95 -2.76 6.07 6.58
C VAL A 95 -4.28 6.10 6.81
N ILE A 96 -4.82 4.99 7.31
CA ILE A 96 -6.25 4.88 7.60
C ILE A 96 -6.69 6.00 8.54
N GLY A 97 -5.87 6.29 9.55
CA GLY A 97 -6.17 7.35 10.48
C GLY A 97 -6.06 8.71 9.83
N ASN A 98 -4.98 8.92 9.08
CA ASN A 98 -4.73 10.18 8.37
C ASN A 98 -5.91 10.51 7.44
N LEU A 99 -6.28 9.55 6.59
CA LEU A 99 -7.41 9.75 5.67
C LEU A 99 -8.70 9.97 6.45
N THR A 100 -8.93 9.15 7.48
CA THR A 100 -10.13 9.28 8.31
C THR A 100 -10.21 10.68 8.91
N ALA A 101 -9.07 11.18 9.40
CA ALA A 101 -8.99 12.51 9.99
C ALA A 101 -9.23 13.57 8.92
N GLY A 102 -8.43 13.52 7.84
CA GLY A 102 -8.56 14.47 6.75
C GLY A 102 -9.98 14.55 6.20
N VAL A 103 -10.54 13.39 5.84
CA VAL A 103 -11.90 13.33 5.31
C VAL A 103 -12.88 14.13 6.19
N ARG A 104 -12.63 14.15 7.49
CA ARG A 104 -13.48 14.88 8.44
C ARG A 104 -12.78 16.15 8.96
N TYR A 105 -11.78 16.65 8.21
CA TYR A 105 -11.04 17.84 8.61
C TYR A 105 -10.82 18.78 7.43
N GLN A 106 -11.92 19.26 6.85
CA GLN A 106 -11.88 20.17 5.69
C GLN A 106 -11.64 19.40 4.40
N ALA A 107 -12.46 19.68 3.38
CA ALA A 107 -12.34 19.02 2.08
C ALA A 107 -11.83 19.98 1.01
N MET A 1 -9.92 20.43 -2.67
CA MET A 1 -10.48 19.64 -3.81
C MET A 1 -10.34 18.14 -3.57
N VAL A 2 -9.10 17.65 -3.46
CA VAL A 2 -8.85 16.23 -3.22
C VAL A 2 -8.71 15.94 -1.73
N GLN A 3 -9.45 14.94 -1.27
CA GLN A 3 -9.43 14.55 0.14
C GLN A 3 -8.00 14.26 0.62
N ILE A 4 -7.33 13.34 -0.07
CA ILE A 4 -5.95 12.94 0.27
C ILE A 4 -5.91 12.15 1.58
N GLN A 5 -5.21 11.01 1.56
CA GLN A 5 -5.11 10.16 2.74
C GLN A 5 -6.49 9.78 3.27
N GLY A 6 -7.34 9.28 2.37
CA GLY A 6 -8.69 8.89 2.77
C GLY A 6 -9.22 7.70 2.00
N SER A 7 -10.37 7.89 1.35
CA SER A 7 -11.00 6.82 0.57
C SER A 7 -10.06 6.28 -0.51
N VAL A 8 -9.47 7.19 -1.30
CA VAL A 8 -8.54 6.81 -2.36
C VAL A 8 -7.39 5.95 -1.83
N VAL A 9 -6.77 6.41 -0.74
CA VAL A 9 -5.65 5.68 -0.14
C VAL A 9 -6.14 4.37 0.50
N ALA A 10 -7.30 4.43 1.17
CA ALA A 10 -7.88 3.25 1.78
C ALA A 10 -8.19 2.19 0.72
N ALA A 11 -8.73 2.65 -0.42
CA ALA A 11 -9.04 1.76 -1.54
C ALA A 11 -7.76 1.11 -2.06
N ALA A 12 -6.75 1.94 -2.34
CA ALA A 12 -5.46 1.45 -2.80
C ALA A 12 -4.91 0.42 -1.80
N LEU A 13 -4.92 0.79 -0.52
CA LEU A 13 -4.46 -0.11 0.53
C LEU A 13 -5.28 -1.40 0.50
N SER A 14 -6.60 -1.26 0.33
CA SER A 14 -7.50 -2.40 0.25
C SER A 14 -7.00 -3.39 -0.79
N ALA A 15 -6.71 -2.89 -1.99
CA ALA A 15 -6.19 -3.74 -3.06
C ALA A 15 -4.90 -4.43 -2.60
N VAL A 16 -3.99 -3.64 -2.03
CA VAL A 16 -2.72 -4.17 -1.53
C VAL A 16 -2.94 -5.30 -0.51
N ILE A 17 -3.68 -5.00 0.56
CA ILE A 17 -4.00 -5.99 1.58
C ILE A 17 -4.69 -7.20 0.96
N THR A 18 -5.62 -6.95 0.02
CA THR A 18 -6.33 -8.02 -0.67
C THR A 18 -5.32 -8.93 -1.34
N LEU A 19 -4.39 -8.33 -2.10
CA LEU A 19 -3.33 -9.09 -2.78
C LEU A 19 -2.48 -9.83 -1.76
N ILE A 20 -2.07 -9.13 -0.70
CA ILE A 20 -1.27 -9.72 0.38
C ILE A 20 -1.97 -10.99 0.90
N ALA A 21 -3.26 -10.85 1.21
CA ALA A 21 -4.05 -11.99 1.69
C ALA A 21 -4.00 -13.14 0.68
N MET A 22 -4.26 -12.79 -0.60
CA MET A 22 -4.21 -13.78 -1.68
C MET A 22 -2.84 -14.47 -1.71
N GLN A 23 -1.78 -13.67 -1.60
CA GLN A 23 -0.41 -14.19 -1.58
C GLN A 23 -0.22 -15.15 -0.42
N TRP A 24 -0.62 -14.70 0.77
CA TRP A 24 -0.53 -15.52 1.99
C TRP A 24 -1.31 -16.82 1.79
N LEU A 25 -2.44 -16.74 1.08
CA LEU A 25 -3.28 -17.89 0.82
C LEU A 25 -2.58 -18.86 -0.14
N MET A 26 -2.09 -18.34 -1.27
CA MET A 26 -1.40 -19.17 -2.27
C MET A 26 -0.93 -18.37 -3.49
N ALA A 27 0.01 -17.44 -3.27
CA ALA A 27 0.54 -16.61 -4.36
C ALA A 27 1.98 -16.18 -4.08
N PHE A 28 2.53 -15.33 -4.97
CA PHE A 28 3.92 -14.85 -4.81
C PHE A 28 3.97 -13.32 -4.65
N ASP A 29 5.19 -12.80 -4.46
CA ASP A 29 5.41 -11.37 -4.30
C ASP A 29 5.81 -10.71 -5.62
N ALA A 30 4.84 -10.10 -6.30
CA ALA A 30 5.07 -9.42 -7.57
C ALA A 30 5.95 -10.25 -8.53
N ALA A 31 5.65 -11.54 -8.62
CA ALA A 31 6.40 -12.44 -9.51
C ALA A 31 5.90 -12.34 -10.96
N ASN A 32 4.71 -12.90 -11.22
CA ASN A 32 4.13 -12.86 -12.57
C ASN A 32 2.71 -12.27 -12.54
N LEU A 33 1.72 -13.10 -12.26
CA LEU A 33 0.32 -12.65 -12.19
C LEU A 33 0.15 -11.56 -11.14
N VAL A 34 0.52 -11.87 -9.89
CA VAL A 34 0.43 -10.90 -8.80
C VAL A 34 1.20 -9.62 -9.14
N MET A 35 2.30 -9.76 -9.89
CA MET A 35 3.11 -8.62 -10.31
C MET A 35 2.24 -7.62 -11.08
N LEU A 36 1.54 -8.12 -12.10
CA LEU A 36 0.66 -7.27 -12.91
C LEU A 36 -0.42 -6.65 -12.01
N TYR A 37 -1.00 -7.48 -11.14
CA TYR A 37 -2.03 -7.01 -10.21
C TYR A 37 -1.48 -5.87 -9.37
N LEU A 38 -0.37 -6.13 -8.68
CA LEU A 38 0.28 -5.11 -7.85
C LEU A 38 0.62 -3.89 -8.70
N LEU A 39 1.17 -4.13 -9.90
CA LEU A 39 1.51 -3.04 -10.83
C LEU A 39 0.29 -2.16 -11.07
N GLY A 40 -0.83 -2.78 -11.43
CA GLY A 40 -2.06 -2.05 -11.65
C GLY A 40 -2.46 -1.26 -10.42
N VAL A 41 -2.40 -1.93 -9.27
CA VAL A 41 -2.72 -1.29 -7.99
C VAL A 41 -1.83 -0.06 -7.78
N VAL A 42 -0.53 -0.23 -8.07
CA VAL A 42 0.43 0.87 -7.95
C VAL A 42 -0.03 2.06 -8.79
N VAL A 43 -0.43 1.78 -10.04
CA VAL A 43 -0.92 2.82 -10.94
C VAL A 43 -2.12 3.54 -10.31
N VAL A 44 -3.06 2.77 -9.79
CA VAL A 44 -4.26 3.34 -9.15
C VAL A 44 -3.86 4.21 -7.96
N ALA A 45 -3.05 3.65 -7.06
CA ALA A 45 -2.58 4.38 -5.88
C ALA A 45 -1.84 5.65 -6.30
N LEU A 46 -0.89 5.50 -7.23
CA LEU A 46 -0.13 6.65 -7.73
C LEU A 46 -1.06 7.70 -8.32
N PHE A 47 -2.01 7.26 -9.15
CA PHE A 47 -2.98 8.16 -9.76
C PHE A 47 -3.83 8.84 -8.69
N TYR A 48 -4.21 8.07 -7.67
CA TYR A 48 -5.00 8.59 -6.56
C TYR A 48 -4.21 9.62 -5.74
N GLY A 49 -2.95 9.30 -5.45
CA GLY A 49 -2.11 10.21 -4.68
C GLY A 49 -1.66 11.43 -5.46
N ARG A 50 -2.61 12.22 -5.96
CA ARG A 50 -2.29 13.43 -6.72
C ARG A 50 -2.19 14.65 -5.79
N TRP A 51 -1.25 14.57 -4.84
CA TRP A 51 -1.02 15.66 -3.89
C TRP A 51 0.14 15.33 -2.92
N PRO A 52 1.15 16.23 -2.84
CA PRO A 52 2.31 16.04 -1.97
C PRO A 52 2.14 16.73 -0.61
N SER A 53 2.38 15.99 0.48
CA SER A 53 2.25 16.56 1.83
C SER A 53 2.90 15.66 2.89
N VAL A 54 4.22 15.52 2.80
CA VAL A 54 5.00 14.70 3.73
C VAL A 54 4.64 13.22 3.63
N VAL A 55 3.42 12.86 4.06
CA VAL A 55 2.96 11.47 4.01
C VAL A 55 3.11 10.90 2.60
N ALA A 56 2.69 11.68 1.60
CA ALA A 56 2.81 11.25 0.21
C ALA A 56 4.28 11.02 -0.14
N THR A 57 5.16 11.91 0.35
CA THR A 57 6.60 11.79 0.12
C THR A 57 7.10 10.49 0.74
N VAL A 58 6.78 10.28 2.02
CA VAL A 58 7.17 9.07 2.73
C VAL A 58 6.68 7.84 1.97
N ILE A 59 5.39 7.88 1.58
CA ILE A 59 4.79 6.79 0.81
C ILE A 59 5.60 6.55 -0.46
N ASN A 60 5.87 7.63 -1.20
CA ASN A 60 6.66 7.55 -2.43
C ASN A 60 8.00 6.87 -2.14
N VAL A 61 8.68 7.33 -1.09
CA VAL A 61 9.96 6.76 -0.68
C VAL A 61 9.81 5.25 -0.45
N VAL A 62 8.89 4.88 0.46
CA VAL A 62 8.63 3.47 0.75
C VAL A 62 8.35 2.70 -0.54
N SER A 63 7.51 3.28 -1.40
CA SER A 63 7.20 2.67 -2.70
C SER A 63 8.48 2.39 -3.46
N PHE A 64 9.36 3.40 -3.50
CA PHE A 64 10.66 3.28 -4.17
C PHE A 64 11.47 2.16 -3.53
N ASP A 65 11.59 2.19 -2.20
CA ASP A 65 12.35 1.18 -1.46
C ASP A 65 11.81 -0.22 -1.77
N LEU A 66 10.47 -0.35 -1.82
CA LEU A 66 9.83 -1.62 -2.12
C LEU A 66 10.03 -2.02 -3.58
N PHE A 67 9.98 -1.02 -4.47
CA PHE A 67 10.16 -1.23 -5.91
C PHE A 67 11.41 -2.05 -6.20
N PHE A 68 11.37 -2.82 -7.29
CA PHE A 68 12.50 -3.67 -7.69
C PHE A 68 12.66 -4.83 -6.71
N ILE A 69 12.92 -4.52 -5.44
CA ILE A 69 13.08 -5.54 -4.40
C ILE A 69 11.86 -6.47 -4.34
N ALA A 70 10.68 -5.88 -4.15
CA ALA A 70 9.44 -6.67 -4.08
C ALA A 70 9.36 -7.73 -5.18
N PRO A 71 9.36 -7.32 -6.46
CA PRO A 71 9.29 -8.25 -7.60
C PRO A 71 10.61 -9.01 -7.86
N ARG A 72 11.72 -8.49 -7.33
CA ARG A 72 13.02 -9.11 -7.53
C ARG A 72 13.83 -9.14 -6.23
N GLY A 73 13.31 -9.87 -5.23
CA GLY A 73 13.98 -9.96 -3.94
C GLY A 73 13.02 -10.08 -2.77
N THR A 74 12.17 -11.10 -2.81
CA THR A 74 11.19 -11.35 -1.74
C THR A 74 10.92 -12.84 -1.58
N LEU A 75 10.72 -13.26 -0.33
CA LEU A 75 10.45 -14.67 -0.03
C LEU A 75 8.96 -14.90 0.24
N ALA A 76 8.24 -15.34 -0.78
CA ALA A 76 6.79 -15.60 -0.68
C ALA A 76 6.48 -16.78 0.25
N VAL A 77 6.95 -16.70 1.50
CA VAL A 77 6.73 -17.76 2.50
C VAL A 77 6.74 -17.17 3.92
N SER A 78 7.80 -16.45 4.26
CA SER A 78 7.94 -15.83 5.58
C SER A 78 8.86 -14.61 5.52
N ASP A 79 8.71 -13.80 4.48
CA ASP A 79 9.54 -12.60 4.30
C ASP A 79 9.26 -11.56 5.39
N VAL A 80 10.25 -11.34 6.24
CA VAL A 80 10.14 -10.36 7.32
C VAL A 80 9.80 -8.97 6.77
N GLN A 81 10.43 -8.60 5.65
CA GLN A 81 10.18 -7.31 5.01
C GLN A 81 8.75 -7.25 4.48
N TYR A 82 8.29 -8.35 3.86
CA TYR A 82 6.92 -8.41 3.35
C TYR A 82 5.94 -8.21 4.51
N LEU A 83 6.08 -9.04 5.55
CA LEU A 83 5.23 -8.95 6.74
C LEU A 83 5.31 -7.54 7.32
N LEU A 84 6.53 -7.03 7.51
CA LEU A 84 6.73 -5.69 8.04
C LEU A 84 6.00 -4.67 7.17
N THR A 85 6.13 -4.81 5.85
CA THR A 85 5.46 -3.92 4.90
C THR A 85 3.95 -3.96 5.14
N PHE A 86 3.41 -5.17 5.32
CA PHE A 86 1.98 -5.34 5.58
C PHE A 86 1.61 -4.63 6.90
N ALA A 87 2.39 -4.90 7.95
CA ALA A 87 2.16 -4.27 9.26
C ALA A 87 2.17 -2.74 9.12
N VAL A 88 3.16 -2.23 8.39
CA VAL A 88 3.28 -0.79 8.18
C VAL A 88 2.06 -0.29 7.37
N MET A 89 1.75 -0.99 6.28
CA MET A 89 0.61 -0.64 5.44
C MET A 89 -0.68 -0.56 6.28
N LEU A 90 -0.98 -1.64 6.99
CA LEU A 90 -2.17 -1.68 7.85
C LEU A 90 -2.17 -0.47 8.79
N THR A 91 -1.03 -0.25 9.44
CA THR A 91 -0.86 0.89 10.35
C THR A 91 -1.17 2.20 9.62
N VAL A 92 -0.57 2.35 8.44
CA VAL A 92 -0.80 3.54 7.61
C VAL A 92 -2.29 3.67 7.33
N GLY A 93 -2.93 2.53 7.02
CA GLY A 93 -4.37 2.52 6.76
C GLY A 93 -5.14 3.09 7.93
N LEU A 94 -4.77 2.66 9.14
CA LEU A 94 -5.41 3.16 10.36
C LEU A 94 -5.28 4.69 10.39
N VAL A 95 -4.06 5.17 10.17
CA VAL A 95 -3.80 6.61 10.13
C VAL A 95 -4.66 7.26 9.03
N ILE A 96 -4.70 6.62 7.87
CA ILE A 96 -5.50 7.09 6.74
C ILE A 96 -6.96 7.25 7.17
N GLY A 97 -7.47 6.29 7.93
CA GLY A 97 -8.84 6.37 8.41
C GLY A 97 -9.02 7.58 9.32
N ASN A 98 -8.11 7.74 10.29
CA ASN A 98 -8.13 8.87 11.20
C ASN A 98 -8.16 10.19 10.42
N LEU A 99 -7.25 10.31 9.44
CA LEU A 99 -7.19 11.51 8.63
C LEU A 99 -8.43 11.63 7.73
N THR A 100 -8.92 10.48 7.25
CA THR A 100 -10.13 10.46 6.43
C THR A 100 -11.22 11.23 7.13
N ALA A 101 -11.43 10.89 8.41
CA ALA A 101 -12.41 11.57 9.23
C ALA A 101 -12.04 13.04 9.43
N GLY A 102 -10.76 13.29 9.77
CA GLY A 102 -10.28 14.65 9.97
C GLY A 102 -10.55 15.55 8.78
N VAL A 103 -10.30 15.04 7.58
CA VAL A 103 -10.53 15.80 6.35
C VAL A 103 -12.02 15.86 6.02
N ARG A 104 -12.70 14.72 6.17
CA ARG A 104 -14.13 14.63 5.90
C ARG A 104 -14.93 15.55 6.83
N TYR A 105 -14.62 15.51 8.12
CA TYR A 105 -15.31 16.34 9.11
C TYR A 105 -14.51 17.60 9.42
N GLN A 106 -14.28 18.42 8.40
CA GLN A 106 -13.53 19.66 8.54
C GLN A 106 -14.27 20.85 7.94
N ALA A 107 -14.10 22.03 8.53
CA ALA A 107 -14.76 23.24 8.04
C ALA A 107 -13.77 24.41 7.95
N MET A 1 -15.91 16.10 -3.52
CA MET A 1 -15.60 15.16 -2.40
C MET A 1 -14.15 14.67 -2.48
N VAL A 2 -13.49 14.56 -1.33
CA VAL A 2 -12.09 14.10 -1.25
C VAL A 2 -11.12 15.21 -1.66
N GLN A 3 -10.03 15.35 -0.90
CA GLN A 3 -9.04 16.38 -1.18
C GLN A 3 -7.63 15.79 -1.26
N ILE A 4 -7.17 15.18 -0.16
CA ILE A 4 -5.85 14.57 -0.11
C ILE A 4 -5.87 13.29 0.75
N GLN A 5 -5.64 12.15 0.11
CA GLN A 5 -5.64 10.86 0.81
C GLN A 5 -7.05 10.50 1.34
N GLY A 6 -7.14 9.39 2.07
CA GLY A 6 -8.42 8.95 2.61
C GLY A 6 -8.89 7.62 2.05
N SER A 7 -10.15 7.58 1.61
CA SER A 7 -10.73 6.37 1.04
C SER A 7 -9.92 5.87 -0.16
N VAL A 8 -9.42 6.82 -0.97
CA VAL A 8 -8.63 6.47 -2.16
C VAL A 8 -7.43 5.59 -1.80
N VAL A 9 -6.56 6.07 -0.90
CA VAL A 9 -5.40 5.30 -0.48
C VAL A 9 -5.85 4.03 0.23
N ALA A 10 -6.91 4.14 1.03
CA ALA A 10 -7.46 3.00 1.75
C ALA A 10 -7.82 1.88 0.77
N ALA A 11 -8.53 2.24 -0.30
CA ALA A 11 -8.92 1.28 -1.34
C ALA A 11 -7.69 0.68 -2.00
N ALA A 12 -6.74 1.55 -2.36
CA ALA A 12 -5.49 1.11 -2.99
C ALA A 12 -4.77 0.09 -2.11
N LEU A 13 -4.49 0.48 -0.87
CA LEU A 13 -3.84 -0.41 0.10
C LEU A 13 -4.70 -1.66 0.31
N SER A 14 -6.02 -1.47 0.38
CA SER A 14 -6.96 -2.58 0.57
C SER A 14 -6.68 -3.68 -0.45
N ALA A 15 -6.61 -3.30 -1.72
CA ALA A 15 -6.33 -4.25 -2.79
C ALA A 15 -4.95 -4.84 -2.62
N VAL A 16 -3.95 -3.98 -2.37
CA VAL A 16 -2.56 -4.42 -2.17
C VAL A 16 -2.47 -5.50 -1.07
N ILE A 17 -2.92 -5.16 0.13
CA ILE A 17 -2.88 -6.11 1.25
C ILE A 17 -3.67 -7.38 0.91
N THR A 18 -4.81 -7.21 0.25
CA THR A 18 -5.64 -8.35 -0.16
C THR A 18 -4.84 -9.24 -1.12
N LEU A 19 -4.16 -8.61 -2.07
CA LEU A 19 -3.33 -9.33 -3.05
C LEU A 19 -2.19 -10.05 -2.33
N ILE A 20 -1.47 -9.33 -1.46
CA ILE A 20 -0.38 -9.90 -0.69
C ILE A 20 -0.89 -11.09 0.13
N ALA A 21 -2.03 -10.91 0.80
CA ALA A 21 -2.65 -11.97 1.59
C ALA A 21 -2.83 -13.22 0.71
N MET A 22 -3.43 -13.02 -0.47
CA MET A 22 -3.64 -14.12 -1.42
C MET A 22 -2.30 -14.77 -1.76
N GLN A 23 -1.27 -13.93 -1.99
CA GLN A 23 0.07 -14.43 -2.30
C GLN A 23 0.54 -15.38 -1.22
N TRP A 24 0.45 -14.94 0.04
CA TRP A 24 0.83 -15.77 1.19
C TRP A 24 0.01 -17.06 1.18
N LEU A 25 -1.28 -16.92 0.88
CA LEU A 25 -2.19 -18.07 0.81
C LEU A 25 -1.75 -19.04 -0.28
N MET A 26 -1.59 -18.55 -1.51
CA MET A 26 -1.15 -19.40 -2.63
C MET A 26 -1.01 -18.61 -3.94
N ALA A 27 0.09 -17.88 -4.09
CA ALA A 27 0.34 -17.10 -5.30
C ALA A 27 1.83 -16.85 -5.53
N PHE A 28 2.16 -16.35 -6.73
CA PHE A 28 3.55 -16.07 -7.10
C PHE A 28 4.12 -14.90 -6.28
N ASP A 29 5.39 -14.58 -6.53
CA ASP A 29 6.07 -13.49 -5.84
C ASP A 29 5.83 -12.16 -6.56
N ALA A 30 6.43 -11.08 -6.04
CA ALA A 30 6.29 -9.75 -6.65
C ALA A 30 6.96 -9.68 -8.03
N ALA A 31 6.51 -10.56 -8.93
CA ALA A 31 7.04 -10.61 -10.30
C ALA A 31 5.98 -11.15 -11.25
N ASN A 32 5.55 -12.39 -11.02
CA ASN A 32 4.52 -13.02 -11.85
C ASN A 32 3.14 -12.72 -11.29
N LEU A 33 2.32 -12.03 -12.09
CA LEU A 33 0.96 -11.66 -11.67
C LEU A 33 0.97 -10.56 -10.61
N VAL A 34 1.64 -10.83 -9.48
CA VAL A 34 1.75 -9.87 -8.37
C VAL A 34 2.25 -8.51 -8.86
N MET A 35 3.36 -8.51 -9.60
CA MET A 35 3.91 -7.27 -10.14
C MET A 35 2.85 -6.53 -10.97
N LEU A 36 2.12 -7.28 -11.80
CA LEU A 36 1.06 -6.71 -12.62
C LEU A 36 -0.03 -6.12 -11.72
N TYR A 37 -0.46 -6.92 -10.74
CA TYR A 37 -1.48 -6.47 -9.79
C TYR A 37 -1.00 -5.21 -9.08
N LEU A 38 0.25 -5.25 -8.60
CA LEU A 38 0.85 -4.10 -7.93
C LEU A 38 0.84 -2.88 -8.85
N LEU A 39 1.26 -3.09 -10.10
CA LEU A 39 1.28 -2.02 -11.09
C LEU A 39 -0.11 -1.39 -11.19
N GLY A 40 -1.13 -2.25 -11.33
CA GLY A 40 -2.51 -1.78 -11.42
C GLY A 40 -2.90 -0.93 -10.23
N VAL A 41 -2.80 -1.50 -9.02
CA VAL A 41 -3.14 -0.77 -7.79
C VAL A 41 -2.35 0.54 -7.70
N VAL A 42 -1.04 0.46 -7.99
CA VAL A 42 -0.19 1.64 -7.97
C VAL A 42 -0.75 2.68 -8.93
N VAL A 43 -1.10 2.22 -10.15
CA VAL A 43 -1.69 3.11 -11.16
C VAL A 43 -2.97 3.73 -10.59
N VAL A 44 -3.81 2.88 -9.96
CA VAL A 44 -5.05 3.36 -9.35
C VAL A 44 -4.73 4.47 -8.34
N ALA A 45 -3.73 4.23 -7.50
CA ALA A 45 -3.30 5.22 -6.51
C ALA A 45 -2.83 6.50 -7.22
N LEU A 46 -2.00 6.33 -8.25
CA LEU A 46 -1.51 7.47 -9.04
C LEU A 46 -2.68 8.26 -9.63
N PHE A 47 -3.69 7.53 -10.12
CA PHE A 47 -4.88 8.15 -10.69
C PHE A 47 -5.67 8.90 -9.62
N TYR A 48 -5.85 8.24 -8.46
CA TYR A 48 -6.58 8.84 -7.34
C TYR A 48 -5.80 9.97 -6.71
N GLY A 49 -4.52 9.74 -6.42
CA GLY A 49 -3.68 10.75 -5.81
C GLY A 49 -3.52 11.99 -6.67
N ARG A 50 -3.66 13.17 -6.04
CA ARG A 50 -3.54 14.44 -6.76
C ARG A 50 -2.74 15.46 -5.95
N TRP A 51 -3.20 15.73 -4.72
CA TRP A 51 -2.53 16.70 -3.84
C TRP A 51 -1.37 16.03 -3.09
N PRO A 52 -0.13 16.56 -3.27
CA PRO A 52 1.07 16.01 -2.64
C PRO A 52 1.38 16.60 -1.26
N SER A 53 2.21 15.87 -0.49
CA SER A 53 2.63 16.29 0.85
C SER A 53 3.51 15.22 1.50
N VAL A 54 3.86 15.41 2.78
CA VAL A 54 4.70 14.45 3.50
C VAL A 54 4.23 13.01 3.28
N VAL A 55 2.93 12.77 3.43
CA VAL A 55 2.35 11.45 3.22
C VAL A 55 2.64 10.94 1.82
N ALA A 56 2.34 11.77 0.81
CA ALA A 56 2.60 11.41 -0.59
C ALA A 56 4.08 11.09 -0.78
N THR A 57 4.95 11.95 -0.23
CA THR A 57 6.40 11.73 -0.32
C THR A 57 6.74 10.34 0.21
N VAL A 58 6.28 10.05 1.43
CA VAL A 58 6.51 8.74 2.06
C VAL A 58 5.97 7.62 1.16
N ILE A 59 4.74 7.81 0.67
CA ILE A 59 4.11 6.83 -0.22
C ILE A 59 4.98 6.56 -1.43
N ASN A 60 5.44 7.62 -2.10
CA ASN A 60 6.30 7.49 -3.27
C ASN A 60 7.61 6.80 -2.90
N VAL A 61 8.31 7.33 -1.89
CA VAL A 61 9.57 6.76 -1.44
C VAL A 61 9.43 5.26 -1.13
N VAL A 62 8.48 4.94 -0.24
CA VAL A 62 8.22 3.54 0.14
C VAL A 62 7.95 2.69 -1.09
N SER A 63 7.07 3.19 -1.98
CA SER A 63 6.75 2.47 -3.21
C SER A 63 8.00 2.26 -4.05
N PHE A 64 8.81 3.32 -4.17
CA PHE A 64 10.06 3.25 -4.92
C PHE A 64 10.93 2.08 -4.44
N ASP A 65 11.11 1.99 -3.12
CA ASP A 65 11.89 0.90 -2.54
C ASP A 65 11.18 -0.44 -2.76
N LEU A 66 9.87 -0.46 -2.45
CA LEU A 66 9.06 -1.67 -2.62
C LEU A 66 9.21 -2.25 -4.04
N PHE A 67 9.32 -1.35 -5.02
CA PHE A 67 9.49 -1.75 -6.43
C PHE A 67 10.87 -2.37 -6.66
N PHE A 68 11.17 -3.46 -5.94
CA PHE A 68 12.45 -4.15 -6.05
C PHE A 68 12.32 -5.59 -5.55
N ILE A 69 11.47 -6.37 -6.23
CA ILE A 69 11.24 -7.78 -5.86
C ILE A 69 10.63 -7.89 -4.46
N ALA A 70 9.83 -6.90 -4.07
CA ALA A 70 9.17 -6.86 -2.77
C ALA A 70 10.16 -7.09 -1.62
N PRO A 71 11.00 -6.07 -1.32
CA PRO A 71 12.00 -6.14 -0.24
C PRO A 71 11.39 -6.60 1.09
N ARG A 72 11.51 -7.91 1.34
CA ARG A 72 10.97 -8.52 2.56
C ARG A 72 11.12 -10.03 2.50
N GLY A 73 10.68 -10.61 1.40
CA GLY A 73 10.73 -12.05 1.20
C GLY A 73 9.61 -12.55 0.32
N THR A 74 9.47 -11.95 -0.86
CA THR A 74 8.41 -12.32 -1.79
C THR A 74 8.59 -13.75 -2.31
N LEU A 75 9.83 -14.17 -2.48
CA LEU A 75 10.14 -15.52 -2.95
C LEU A 75 9.92 -16.54 -1.84
N ALA A 76 10.56 -16.31 -0.69
CA ALA A 76 10.44 -17.21 0.45
C ALA A 76 9.85 -16.49 1.66
N VAL A 77 8.54 -16.27 1.64
CA VAL A 77 7.85 -15.61 2.75
C VAL A 77 7.63 -16.58 3.91
N SER A 78 8.00 -16.15 5.12
CA SER A 78 7.85 -17.01 6.30
C SER A 78 6.98 -16.36 7.37
N ASP A 79 7.54 -15.40 8.11
CA ASP A 79 6.80 -14.72 9.17
C ASP A 79 7.02 -13.20 9.13
N VAL A 80 8.27 -12.78 9.38
CA VAL A 80 8.63 -11.36 9.37
C VAL A 80 7.99 -10.61 8.20
N GLN A 81 7.99 -11.23 7.02
CA GLN A 81 7.40 -10.61 5.82
C GLN A 81 5.95 -10.21 6.08
N TYR A 82 5.14 -11.19 6.50
CA TYR A 82 3.72 -10.96 6.78
C TYR A 82 3.54 -10.09 8.02
N LEU A 83 4.22 -10.48 9.11
CA LEU A 83 4.13 -9.73 10.37
C LEU A 83 4.44 -8.25 10.16
N LEU A 84 5.60 -7.97 9.56
CA LEU A 84 6.01 -6.60 9.26
C LEU A 84 5.00 -5.91 8.34
N THR A 85 4.62 -6.59 7.26
CA THR A 85 3.65 -6.05 6.32
C THR A 85 2.32 -5.73 7.02
N PHE A 86 1.92 -6.59 7.95
CA PHE A 86 0.69 -6.38 8.72
C PHE A 86 0.79 -5.11 9.55
N ALA A 87 1.90 -4.97 10.28
CA ALA A 87 2.13 -3.78 11.11
C ALA A 87 2.14 -2.53 10.24
N VAL A 88 2.83 -2.62 9.09
CA VAL A 88 2.90 -1.51 8.15
C VAL A 88 1.50 -1.15 7.63
N MET A 89 0.79 -2.16 7.13
CA MET A 89 -0.58 -1.97 6.61
C MET A 89 -1.47 -1.35 7.69
N LEU A 90 -1.44 -1.95 8.89
CA LEU A 90 -2.24 -1.45 10.01
C LEU A 90 -1.88 0.02 10.28
N THR A 91 -0.58 0.30 10.31
CA THR A 91 -0.10 1.67 10.53
C THR A 91 -0.64 2.60 9.45
N VAL A 92 -0.46 2.20 8.19
CA VAL A 92 -0.95 2.98 7.05
C VAL A 92 -2.46 3.20 7.17
N GLY A 93 -3.20 2.13 7.46
CA GLY A 93 -4.65 2.24 7.61
C GLY A 93 -5.00 3.24 8.69
N LEU A 94 -4.36 3.11 9.85
CA LEU A 94 -4.58 4.03 10.96
C LEU A 94 -4.33 5.47 10.52
N VAL A 95 -3.19 5.69 9.87
CA VAL A 95 -2.84 7.01 9.35
C VAL A 95 -3.94 7.50 8.40
N ILE A 96 -4.32 6.63 7.47
CA ILE A 96 -5.38 6.95 6.51
C ILE A 96 -6.68 7.30 7.23
N GLY A 97 -6.99 6.55 8.29
CA GLY A 97 -8.20 6.80 9.07
C GLY A 97 -8.17 8.18 9.72
N ASN A 98 -7.14 8.41 10.54
CA ASN A 98 -6.99 9.71 11.20
C ASN A 98 -6.96 10.83 10.17
N LEU A 99 -6.15 10.64 9.11
CA LEU A 99 -6.05 11.62 8.03
C LEU A 99 -7.41 11.87 7.39
N THR A 100 -8.15 10.79 7.13
CA THR A 100 -9.49 10.90 6.54
C THR A 100 -10.40 11.71 7.45
N ALA A 101 -10.32 11.45 8.75
CA ALA A 101 -11.12 12.16 9.74
C ALA A 101 -10.77 13.65 9.75
N GLY A 102 -9.49 13.96 10.01
CA GLY A 102 -9.04 15.35 10.04
C GLY A 102 -9.21 16.09 8.72
N VAL A 103 -8.78 15.46 7.62
CA VAL A 103 -8.89 16.06 6.29
C VAL A 103 -10.35 16.33 5.90
N ARG A 104 -11.26 15.51 6.42
CA ARG A 104 -12.69 15.66 6.14
C ARG A 104 -13.36 16.56 7.19
N TYR A 105 -13.02 16.33 8.47
CA TYR A 105 -13.58 17.10 9.57
C TYR A 105 -12.50 17.92 10.27
N GLN A 106 -12.37 19.19 9.88
CA GLN A 106 -11.38 20.09 10.48
C GLN A 106 -11.87 20.65 11.82
N ALA A 107 -13.17 20.91 11.91
CA ALA A 107 -13.76 21.45 13.14
C ALA A 107 -15.22 21.00 13.28
N MET A 1 -12.76 21.51 -1.17
CA MET A 1 -13.46 21.16 -2.45
C MET A 1 -12.90 19.85 -3.05
N VAL A 2 -11.66 19.90 -3.54
CA VAL A 2 -11.02 18.72 -4.13
C VAL A 2 -10.85 17.60 -3.11
N GLN A 3 -11.36 16.41 -3.43
CA GLN A 3 -11.24 15.26 -2.54
C GLN A 3 -9.99 14.45 -2.87
N ILE A 4 -8.83 14.98 -2.48
CA ILE A 4 -7.55 14.31 -2.72
C ILE A 4 -7.51 12.90 -2.13
N GLN A 5 -8.08 12.74 -0.94
CA GLN A 5 -8.10 11.43 -0.27
C GLN A 5 -9.51 11.09 0.26
N GLY A 6 -9.91 9.83 0.12
CA GLY A 6 -11.22 9.39 0.59
C GLY A 6 -11.61 8.05 0.02
N SER A 7 -12.60 8.04 -0.87
CA SER A 7 -13.06 6.80 -1.50
C SER A 7 -11.87 6.07 -2.15
N VAL A 8 -11.04 6.84 -2.85
CA VAL A 8 -9.86 6.30 -3.53
C VAL A 8 -8.90 5.64 -2.54
N VAL A 9 -8.48 6.37 -1.49
CA VAL A 9 -7.57 5.80 -0.50
C VAL A 9 -8.20 4.59 0.19
N ALA A 10 -9.49 4.71 0.53
CA ALA A 10 -10.21 3.60 1.16
C ALA A 10 -10.15 2.36 0.26
N ALA A 11 -10.56 2.54 -1.00
CA ALA A 11 -10.52 1.46 -1.98
C ALA A 11 -9.08 0.96 -2.15
N ALA A 12 -8.13 1.90 -2.17
CA ALA A 12 -6.71 1.57 -2.29
C ALA A 12 -6.30 0.60 -1.17
N LEU A 13 -6.63 0.98 0.08
CA LEU A 13 -6.34 0.11 1.22
C LEU A 13 -6.97 -1.26 0.99
N SER A 14 -8.22 -1.25 0.52
CA SER A 14 -8.93 -2.49 0.20
C SER A 14 -8.14 -3.31 -0.83
N ALA A 15 -7.65 -2.63 -1.85
CA ALA A 15 -6.85 -3.27 -2.90
C ALA A 15 -5.56 -3.85 -2.31
N VAL A 16 -4.91 -3.07 -1.45
CA VAL A 16 -3.69 -3.51 -0.78
C VAL A 16 -3.96 -4.77 0.06
N ILE A 17 -5.00 -4.69 0.91
CA ILE A 17 -5.40 -5.83 1.73
C ILE A 17 -5.68 -7.03 0.84
N THR A 18 -6.43 -6.79 -0.23
CA THR A 18 -6.76 -7.85 -1.19
C THR A 18 -5.48 -8.46 -1.76
N LEU A 19 -4.55 -7.60 -2.19
CA LEU A 19 -3.27 -8.04 -2.74
C LEU A 19 -2.49 -8.90 -1.74
N ILE A 20 -2.21 -8.33 -0.55
CA ILE A 20 -1.47 -9.05 0.48
C ILE A 20 -2.19 -10.35 0.87
N ALA A 21 -3.51 -10.27 1.04
CA ALA A 21 -4.32 -11.43 1.39
C ALA A 21 -4.18 -12.51 0.33
N MET A 22 -4.45 -12.15 -0.93
CA MET A 22 -4.33 -13.09 -2.05
C MET A 22 -2.93 -13.68 -2.07
N GLN A 23 -1.93 -12.79 -2.02
CA GLN A 23 -0.52 -13.19 -2.02
C GLN A 23 -0.25 -14.24 -0.94
N TRP A 24 -0.64 -13.92 0.29
CA TRP A 24 -0.46 -14.84 1.42
C TRP A 24 -1.17 -16.17 1.14
N LEU A 25 -2.39 -16.08 0.60
CA LEU A 25 -3.19 -17.27 0.28
C LEU A 25 -2.55 -18.07 -0.86
N MET A 26 -2.22 -17.39 -1.96
CA MET A 26 -1.62 -18.06 -3.12
C MET A 26 -0.60 -17.15 -3.82
N ALA A 27 0.62 -17.66 -3.99
CA ALA A 27 1.70 -16.91 -4.65
C ALA A 27 2.17 -15.73 -3.79
N PHE A 28 3.14 -15.99 -2.91
CA PHE A 28 3.67 -14.95 -2.04
C PHE A 28 4.64 -14.02 -2.80
N ASP A 29 4.68 -12.76 -2.37
CA ASP A 29 5.54 -11.74 -2.98
C ASP A 29 5.06 -11.35 -4.38
N ALA A 30 5.71 -10.34 -4.98
CA ALA A 30 5.33 -9.86 -6.31
C ALA A 30 6.19 -10.49 -7.41
N ALA A 31 5.67 -11.54 -8.04
CA ALA A 31 6.38 -12.23 -9.12
C ALA A 31 5.43 -12.62 -10.25
N ASN A 32 5.01 -13.90 -10.29
CA ASN A 32 4.08 -14.38 -11.32
C ASN A 32 2.64 -14.03 -10.94
N LEU A 33 1.87 -13.54 -11.92
CA LEU A 33 0.46 -13.15 -11.69
C LEU A 33 0.36 -11.92 -10.81
N VAL A 34 0.96 -11.98 -9.61
CA VAL A 34 0.95 -10.86 -8.66
C VAL A 34 1.41 -9.55 -9.32
N MET A 35 2.39 -9.65 -10.21
CA MET A 35 2.91 -8.47 -10.93
C MET A 35 1.78 -7.59 -11.43
N LEU A 36 0.77 -8.22 -12.03
CA LEU A 36 -0.41 -7.50 -12.54
C LEU A 36 -1.12 -6.79 -11.39
N TYR A 37 -1.42 -7.56 -10.34
CA TYR A 37 -2.09 -7.02 -9.15
C TYR A 37 -1.26 -5.87 -8.55
N LEU A 38 0.05 -6.12 -8.43
CA LEU A 38 0.99 -5.12 -7.92
C LEU A 38 0.92 -3.85 -8.77
N LEU A 39 1.06 -4.03 -10.09
CA LEU A 39 0.99 -2.92 -11.04
C LEU A 39 -0.34 -2.18 -10.87
N GLY A 40 -1.44 -2.94 -10.79
CA GLY A 40 -2.76 -2.35 -10.61
C GLY A 40 -2.77 -1.39 -9.42
N VAL A 41 -2.28 -1.87 -8.27
CA VAL A 41 -2.19 -1.04 -7.08
C VAL A 41 -1.38 0.22 -7.36
N VAL A 42 -0.23 0.04 -8.02
CA VAL A 42 0.65 1.15 -8.38
C VAL A 42 -0.10 2.16 -9.24
N VAL A 43 -0.87 1.65 -10.21
CA VAL A 43 -1.67 2.50 -11.10
C VAL A 43 -2.62 3.38 -10.28
N VAL A 44 -3.42 2.74 -9.41
CA VAL A 44 -4.36 3.47 -8.57
C VAL A 44 -3.62 4.46 -7.66
N ALA A 45 -2.59 3.97 -6.98
CA ALA A 45 -1.78 4.79 -6.08
C ALA A 45 -1.24 6.03 -6.80
N LEU A 46 -0.63 5.81 -7.96
CA LEU A 46 -0.06 6.90 -8.76
C LEU A 46 -1.17 7.83 -9.28
N PHE A 47 -2.21 7.23 -9.86
CA PHE A 47 -3.34 8.00 -10.41
C PHE A 47 -3.97 8.94 -9.37
N TYR A 48 -4.16 8.44 -8.15
CA TYR A 48 -4.76 9.25 -7.09
C TYR A 48 -3.71 10.07 -6.34
N GLY A 49 -2.50 9.53 -6.19
CA GLY A 49 -1.43 10.24 -5.49
C GLY A 49 -0.95 11.47 -6.24
N ARG A 50 -1.79 12.51 -6.25
CA ARG A 50 -1.44 13.76 -6.93
C ARG A 50 -1.50 14.94 -5.95
N TRP A 51 -0.70 15.97 -6.22
CA TRP A 51 -0.64 17.17 -5.38
C TRP A 51 0.30 16.96 -4.19
N PRO A 52 1.21 17.91 -3.93
CA PRO A 52 2.17 17.82 -2.82
C PRO A 52 1.47 17.66 -1.46
N SER A 53 1.60 16.49 -0.86
CA SER A 53 0.96 16.21 0.43
C SER A 53 1.83 15.29 1.30
N VAL A 54 1.93 15.64 2.58
CA VAL A 54 2.72 14.88 3.54
C VAL A 54 2.47 13.37 3.41
N VAL A 55 1.22 12.96 3.59
CA VAL A 55 0.84 11.54 3.49
C VAL A 55 1.29 10.94 2.16
N ALA A 56 1.02 11.65 1.06
CA ALA A 56 1.41 11.19 -0.26
C ALA A 56 2.93 11.11 -0.39
N THR A 57 3.61 12.17 0.04
CA THR A 57 5.07 12.24 -0.01
C THR A 57 5.70 11.08 0.78
N VAL A 58 5.35 10.97 2.07
CA VAL A 58 5.89 9.90 2.91
C VAL A 58 5.52 8.53 2.35
N ILE A 59 4.26 8.35 1.93
CA ILE A 59 3.81 7.09 1.36
C ILE A 59 4.65 6.75 0.13
N ASN A 60 4.77 7.71 -0.79
CA ASN A 60 5.56 7.52 -2.01
C ASN A 60 6.97 7.05 -1.66
N VAL A 61 7.62 7.75 -0.71
CA VAL A 61 8.96 7.37 -0.27
C VAL A 61 8.96 5.92 0.20
N VAL A 62 8.05 5.59 1.12
CA VAL A 62 7.93 4.22 1.63
C VAL A 62 7.81 3.23 0.48
N SER A 63 6.86 3.48 -0.44
CA SER A 63 6.67 2.62 -1.60
C SER A 63 7.97 2.54 -2.41
N PHE A 64 8.68 3.66 -2.52
CA PHE A 64 9.94 3.70 -3.23
C PHE A 64 10.95 2.76 -2.58
N ASP A 65 11.08 2.85 -1.26
CA ASP A 65 12.00 1.99 -0.51
C ASP A 65 11.62 0.52 -0.68
N LEU A 66 10.33 0.22 -0.53
CA LEU A 66 9.82 -1.15 -0.67
C LEU A 66 9.86 -1.62 -2.13
N PHE A 67 9.93 -0.68 -3.06
CA PHE A 67 9.97 -0.99 -4.49
C PHE A 67 11.28 -1.72 -4.86
N PHE A 68 11.54 -1.83 -6.17
CA PHE A 68 12.75 -2.51 -6.64
C PHE A 68 12.68 -4.02 -6.38
N ILE A 69 12.55 -4.40 -5.11
CA ILE A 69 12.47 -5.82 -4.74
C ILE A 69 11.11 -6.42 -5.11
N ALA A 70 10.03 -5.68 -4.87
CA ALA A 70 8.67 -6.15 -5.19
C ALA A 70 8.49 -6.29 -6.71
N PRO A 71 8.60 -5.18 -7.47
CA PRO A 71 8.45 -5.21 -8.93
C PRO A 71 9.66 -5.84 -9.61
N ARG A 72 9.97 -7.09 -9.23
CA ARG A 72 11.10 -7.81 -9.79
C ARG A 72 10.94 -9.33 -9.64
N GLY A 73 10.61 -9.78 -8.43
CA GLY A 73 10.44 -11.20 -8.18
C GLY A 73 11.10 -11.65 -6.89
N THR A 74 10.35 -11.58 -5.79
CA THR A 74 10.86 -11.97 -4.47
C THR A 74 10.61 -13.45 -4.18
N LEU A 75 11.60 -14.12 -3.59
CA LEU A 75 11.49 -15.54 -3.26
C LEU A 75 12.30 -15.89 -2.01
N ALA A 76 12.30 -14.99 -1.03
CA ALA A 76 13.03 -15.20 0.23
C ALA A 76 12.44 -14.35 1.35
N VAL A 77 11.37 -14.84 1.96
CA VAL A 77 10.70 -14.13 3.05
C VAL A 77 10.93 -14.82 4.40
N SER A 78 10.49 -16.08 4.50
CA SER A 78 10.63 -16.87 5.74
C SER A 78 9.78 -16.30 6.88
N ASP A 79 10.13 -15.10 7.33
CA ASP A 79 9.39 -14.44 8.41
C ASP A 79 9.63 -12.92 8.40
N VAL A 80 10.88 -12.52 8.68
CA VAL A 80 11.25 -11.09 8.72
C VAL A 80 10.57 -10.27 7.61
N GLN A 81 10.63 -10.75 6.37
CA GLN A 81 10.00 -10.04 5.25
C GLN A 81 8.49 -9.87 5.46
N TYR A 82 7.84 -10.92 5.97
CA TYR A 82 6.41 -10.87 6.24
C TYR A 82 6.11 -9.98 7.45
N LEU A 83 6.85 -10.21 8.55
CA LEU A 83 6.68 -9.42 9.77
C LEU A 83 6.86 -7.94 9.46
N LEU A 84 7.98 -7.60 8.80
CA LEU A 84 8.27 -6.23 8.42
C LEU A 84 7.14 -5.69 7.53
N THR A 85 6.78 -6.46 6.51
CA THR A 85 5.70 -6.08 5.60
C THR A 85 4.43 -5.80 6.40
N PHE A 86 4.15 -6.65 7.39
CA PHE A 86 2.98 -6.49 8.26
C PHE A 86 3.02 -5.13 8.95
N ALA A 87 4.16 -4.79 9.55
CA ALA A 87 4.33 -3.51 10.23
C ALA A 87 4.14 -2.35 9.25
N VAL A 88 4.76 -2.47 8.07
CA VAL A 88 4.65 -1.44 7.03
C VAL A 88 3.20 -1.27 6.59
N MET A 89 2.55 -2.41 6.30
CA MET A 89 1.15 -2.42 5.89
C MET A 89 0.28 -1.81 6.99
N LEU A 90 0.47 -2.27 8.23
CA LEU A 90 -0.27 -1.75 9.37
C LEU A 90 -0.06 -0.24 9.46
N THR A 91 1.20 0.18 9.34
CA THR A 91 1.56 1.60 9.36
C THR A 91 0.78 2.34 8.27
N VAL A 92 0.80 1.77 7.05
CA VAL A 92 0.07 2.35 5.93
C VAL A 92 -1.41 2.47 6.27
N GLY A 93 -1.99 1.39 6.81
CA GLY A 93 -3.39 1.41 7.21
C GLY A 93 -3.68 2.53 8.19
N LEU A 94 -2.81 2.65 9.21
CA LEU A 94 -2.95 3.70 10.21
C LEU A 94 -2.92 5.08 9.54
N VAL A 95 -1.93 5.29 8.67
CA VAL A 95 -1.80 6.56 7.94
C VAL A 95 -3.05 6.80 7.09
N ILE A 96 -3.47 5.79 6.32
CA ILE A 96 -4.66 5.90 5.47
C ILE A 96 -5.88 6.26 6.31
N GLY A 97 -6.04 5.58 7.45
CA GLY A 97 -7.15 5.87 8.34
C GLY A 97 -7.05 7.28 8.90
N ASN A 98 -5.83 7.66 9.31
CA ASN A 98 -5.56 8.99 9.84
C ASN A 98 -5.95 10.07 8.84
N LEU A 99 -5.37 10.01 7.64
CA LEU A 99 -5.68 11.00 6.60
C LEU A 99 -7.16 11.01 6.27
N THR A 100 -7.76 9.82 6.15
CA THR A 100 -9.20 9.69 5.85
C THR A 100 -10.03 10.36 6.96
N ALA A 101 -9.71 10.01 8.22
CA ALA A 101 -10.42 10.56 9.37
C ALA A 101 -10.23 12.08 9.45
N GLY A 102 -8.99 12.53 9.23
CA GLY A 102 -8.70 13.95 9.27
C GLY A 102 -9.39 14.72 8.16
N VAL A 103 -9.27 14.22 6.92
CA VAL A 103 -9.90 14.87 5.77
C VAL A 103 -11.44 14.83 5.86
N ARG A 104 -11.99 13.67 6.24
CA ARG A 104 -13.43 13.52 6.36
C ARG A 104 -13.93 14.09 7.69
N TYR A 105 -13.77 15.40 7.85
CA TYR A 105 -14.19 16.09 9.08
C TYR A 105 -15.64 15.76 9.44
N GLN A 106 -15.83 15.17 10.62
CA GLN A 106 -17.16 14.80 11.09
C GLN A 106 -17.45 15.44 12.46
N ALA A 107 -17.01 16.69 12.63
CA ALA A 107 -17.22 17.42 13.88
C ALA A 107 -16.94 18.92 13.68
N MET A 1 -11.66 16.74 -9.88
CA MET A 1 -11.76 16.23 -8.48
C MET A 1 -10.40 16.25 -7.79
N VAL A 2 -10.41 16.42 -6.46
CA VAL A 2 -9.17 16.46 -5.68
C VAL A 2 -9.27 15.60 -4.41
N GLN A 3 -9.75 14.37 -4.57
CA GLN A 3 -9.89 13.45 -3.44
C GLN A 3 -8.54 13.14 -2.80
N ILE A 4 -8.36 13.56 -1.54
CA ILE A 4 -7.10 13.33 -0.83
C ILE A 4 -7.01 11.90 -0.30
N GLN A 5 -6.08 11.66 0.63
CA GLN A 5 -5.90 10.33 1.21
C GLN A 5 -7.08 9.92 2.10
N GLY A 6 -8.24 9.69 1.48
CA GLY A 6 -9.43 9.31 2.23
C GLY A 6 -10.07 8.01 1.77
N SER A 7 -11.35 8.07 1.42
CA SER A 7 -12.10 6.88 0.96
C SER A 7 -11.35 6.13 -0.14
N VAL A 8 -11.01 6.84 -1.22
CA VAL A 8 -10.29 6.23 -2.35
C VAL A 8 -9.03 5.51 -1.85
N VAL A 9 -8.25 6.20 -1.02
CA VAL A 9 -7.03 5.63 -0.46
C VAL A 9 -7.35 4.36 0.35
N ALA A 10 -8.36 4.45 1.23
CA ALA A 10 -8.77 3.30 2.03
C ALA A 10 -9.18 2.13 1.14
N ALA A 11 -10.03 2.41 0.14
CA ALA A 11 -10.50 1.40 -0.80
C ALA A 11 -9.32 0.76 -1.54
N ALA A 12 -8.52 1.61 -2.21
CA ALA A 12 -7.35 1.12 -2.95
C ALA A 12 -6.43 0.30 -2.04
N LEU A 13 -6.13 0.87 -0.87
CA LEU A 13 -5.28 0.17 0.10
C LEU A 13 -5.88 -1.19 0.45
N SER A 14 -7.17 -1.20 0.78
CA SER A 14 -7.88 -2.44 1.11
C SER A 14 -7.61 -3.49 0.04
N ALA A 15 -7.86 -3.13 -1.23
CA ALA A 15 -7.62 -4.04 -2.35
C ALA A 15 -6.17 -4.53 -2.34
N VAL A 16 -5.24 -3.59 -2.18
CA VAL A 16 -3.82 -3.92 -2.14
C VAL A 16 -3.55 -4.93 -1.02
N ILE A 17 -4.10 -4.68 0.16
CA ILE A 17 -3.94 -5.59 1.30
C ILE A 17 -4.40 -7.00 0.93
N THR A 18 -5.57 -7.10 0.29
CA THR A 18 -6.09 -8.40 -0.14
C THR A 18 -5.16 -9.02 -1.18
N LEU A 19 -4.63 -8.18 -2.08
CA LEU A 19 -3.71 -8.65 -3.12
C LEU A 19 -2.43 -9.23 -2.50
N ILE A 20 -1.80 -8.45 -1.62
CA ILE A 20 -0.58 -8.92 -0.94
C ILE A 20 -0.88 -10.19 -0.17
N ALA A 21 -2.04 -10.21 0.52
CA ALA A 21 -2.47 -11.39 1.26
C ALA A 21 -2.57 -12.58 0.31
N MET A 22 -3.26 -12.38 -0.81
CA MET A 22 -3.41 -13.43 -1.82
C MET A 22 -2.03 -13.89 -2.31
N GLN A 23 -1.14 -12.92 -2.55
CA GLN A 23 0.22 -13.22 -3.00
C GLN A 23 0.91 -14.16 -2.01
N TRP A 24 0.93 -13.76 -0.73
CA TRP A 24 1.53 -14.57 0.32
C TRP A 24 0.90 -15.96 0.34
N LEU A 25 -0.42 -16.02 0.17
CA LEU A 25 -1.15 -17.29 0.15
C LEU A 25 -0.93 -18.03 -1.19
N MET A 26 0.33 -18.16 -1.59
CA MET A 26 0.69 -18.84 -2.84
C MET A 26 2.20 -18.78 -3.08
N ALA A 27 2.76 -17.56 -3.15
CA ALA A 27 4.19 -17.38 -3.38
C ALA A 27 4.67 -16.05 -2.80
N PHE A 28 5.74 -16.10 -1.99
CA PHE A 28 6.30 -14.90 -1.38
C PHE A 28 7.41 -14.27 -2.23
N ASP A 29 7.28 -14.39 -3.56
CA ASP A 29 8.27 -13.83 -4.47
C ASP A 29 7.80 -12.48 -5.06
N ALA A 30 8.72 -11.79 -5.71
CA ALA A 30 8.42 -10.50 -6.33
C ALA A 30 8.81 -10.49 -7.81
N ALA A 31 8.71 -11.65 -8.46
CA ALA A 31 9.07 -11.76 -9.87
C ALA A 31 7.82 -11.88 -10.75
N ASN A 32 6.96 -12.86 -10.45
CA ASN A 32 5.74 -13.06 -11.21
C ASN A 32 4.57 -12.26 -10.63
N LEU A 33 4.20 -12.59 -9.40
CA LEU A 33 3.09 -11.90 -8.72
C LEU A 33 3.30 -10.38 -8.69
N VAL A 34 4.55 -9.96 -8.49
CA VAL A 34 4.90 -8.54 -8.44
C VAL A 34 4.25 -7.75 -9.58
N MET A 35 4.26 -8.31 -10.78
CA MET A 35 3.66 -7.63 -11.95
C MET A 35 2.23 -7.18 -11.64
N LEU A 36 1.40 -8.11 -11.20
CA LEU A 36 0.02 -7.80 -10.85
C LEU A 36 -0.04 -6.85 -9.66
N TYR A 37 0.74 -7.17 -8.61
CA TYR A 37 0.79 -6.34 -7.41
C TYR A 37 1.29 -4.94 -7.76
N LEU A 38 2.40 -4.86 -8.48
CA LEU A 38 2.97 -3.59 -8.90
C LEU A 38 1.94 -2.76 -9.67
N LEU A 39 1.21 -3.42 -10.57
CA LEU A 39 0.17 -2.74 -11.35
C LEU A 39 -0.86 -2.11 -10.40
N GLY A 40 -1.42 -2.92 -9.50
CA GLY A 40 -2.40 -2.42 -8.54
C GLY A 40 -1.83 -1.31 -7.68
N VAL A 41 -0.66 -1.55 -7.10
CA VAL A 41 -0.01 -0.54 -6.26
C VAL A 41 0.25 0.74 -7.05
N VAL A 42 0.73 0.59 -8.29
CA VAL A 42 0.99 1.73 -9.16
C VAL A 42 -0.28 2.58 -9.29
N VAL A 43 -1.40 1.92 -9.56
CA VAL A 43 -2.69 2.61 -9.67
C VAL A 43 -2.96 3.38 -8.38
N VAL A 44 -2.74 2.72 -7.24
CA VAL A 44 -2.92 3.37 -5.94
C VAL A 44 -2.01 4.59 -5.80
N ALA A 45 -0.72 4.39 -6.09
CA ALA A 45 0.28 5.46 -6.03
C ALA A 45 -0.13 6.63 -6.93
N LEU A 46 -0.48 6.31 -8.18
CA LEU A 46 -0.92 7.33 -9.14
C LEU A 46 -2.06 8.14 -8.53
N PHE A 47 -3.01 7.43 -7.92
CA PHE A 47 -4.15 8.08 -7.26
C PHE A 47 -3.65 8.90 -6.07
N TYR A 48 -2.68 8.34 -5.35
CA TYR A 48 -2.08 9.00 -4.18
C TYR A 48 -1.34 10.28 -4.57
N GLY A 49 -0.54 10.19 -5.64
CA GLY A 49 0.24 11.33 -6.11
C GLY A 49 -0.58 12.51 -6.59
N ARG A 50 -1.12 13.28 -5.65
CA ARG A 50 -1.91 14.47 -5.98
C ARG A 50 -1.76 15.52 -4.88
N TRP A 51 -2.26 15.21 -3.68
CA TRP A 51 -2.17 16.11 -2.54
C TRP A 51 -1.58 15.36 -1.33
N PRO A 52 -0.31 14.94 -1.43
CA PRO A 52 0.38 14.19 -0.37
C PRO A 52 0.89 15.06 0.78
N SER A 53 1.05 14.44 1.95
CA SER A 53 1.55 15.13 3.14
C SER A 53 2.52 14.24 3.92
N VAL A 54 3.73 14.07 3.37
CA VAL A 54 4.76 13.24 3.99
C VAL A 54 4.43 11.74 3.87
N VAL A 55 3.35 11.31 4.53
CA VAL A 55 2.93 9.91 4.49
C VAL A 55 2.83 9.41 3.04
N ALA A 56 2.09 10.14 2.21
CA ALA A 56 1.94 9.79 0.80
C ALA A 56 3.30 9.74 0.12
N THR A 57 4.16 10.71 0.47
CA THR A 57 5.51 10.77 -0.09
C THR A 57 6.30 9.51 0.25
N VAL A 58 6.30 9.15 1.54
CA VAL A 58 7.00 7.95 2.00
C VAL A 58 6.51 6.71 1.25
N ILE A 59 5.19 6.50 1.21
CA ILE A 59 4.62 5.36 0.50
C ILE A 59 4.97 5.43 -0.98
N ASN A 60 4.93 6.64 -1.56
CA ASN A 60 5.28 6.83 -2.96
C ASN A 60 6.70 6.28 -3.22
N VAL A 61 7.64 6.65 -2.34
CA VAL A 61 9.01 6.17 -2.43
C VAL A 61 9.04 4.65 -2.38
N VAL A 62 8.45 4.09 -1.31
CA VAL A 62 8.38 2.63 -1.15
C VAL A 62 7.78 1.98 -2.40
N SER A 63 6.74 2.62 -2.94
CA SER A 63 6.09 2.13 -4.16
C SER A 63 7.13 2.03 -5.28
N PHE A 64 7.97 3.07 -5.39
CA PHE A 64 9.04 3.11 -6.37
C PHE A 64 9.97 1.90 -6.17
N ASP A 65 10.41 1.70 -4.93
CA ASP A 65 11.28 0.56 -4.59
C ASP A 65 10.59 -0.76 -4.94
N LEU A 66 9.30 -0.85 -4.63
CA LEU A 66 8.51 -2.05 -4.92
C LEU A 66 8.55 -2.37 -6.42
N PHE A 67 8.41 -1.33 -7.24
CA PHE A 67 8.43 -1.49 -8.70
C PHE A 67 9.84 -1.88 -9.19
N PHE A 68 10.35 -2.99 -8.68
CA PHE A 68 11.68 -3.49 -9.04
C PHE A 68 11.95 -4.83 -8.36
N ILE A 69 10.98 -5.75 -8.48
CA ILE A 69 11.09 -7.08 -7.86
C ILE A 69 11.25 -6.94 -6.33
N ALA A 70 10.54 -5.96 -5.76
CA ALA A 70 10.60 -5.68 -4.32
C ALA A 70 11.94 -5.06 -3.93
N PRO A 71 11.92 -4.02 -3.06
CA PRO A 71 13.12 -3.32 -2.60
C PRO A 71 14.32 -4.26 -2.35
N ARG A 72 14.05 -5.45 -1.81
CA ARG A 72 15.11 -6.41 -1.53
C ARG A 72 14.78 -7.81 -2.08
N GLY A 73 13.93 -7.88 -3.11
CA GLY A 73 13.58 -9.17 -3.70
C GLY A 73 12.39 -9.81 -3.02
N THR A 74 12.56 -10.14 -1.74
CA THR A 74 11.49 -10.77 -0.95
C THR A 74 11.75 -10.60 0.55
N LEU A 75 10.68 -10.63 1.36
CA LEU A 75 10.81 -10.46 2.81
C LEU A 75 11.37 -11.73 3.47
N ALA A 76 12.64 -12.04 3.20
CA ALA A 76 13.29 -13.21 3.76
C ALA A 76 14.35 -12.82 4.79
N VAL A 77 13.90 -12.27 5.92
CA VAL A 77 14.81 -11.84 6.99
C VAL A 77 14.23 -12.14 8.38
N SER A 78 13.51 -13.27 8.49
CA SER A 78 12.90 -13.69 9.75
C SER A 78 11.71 -12.79 10.13
N ASP A 79 10.83 -13.30 11.00
CA ASP A 79 9.65 -12.56 11.45
C ASP A 79 8.91 -11.91 10.27
N VAL A 80 8.93 -12.59 9.11
CA VAL A 80 8.26 -12.08 7.90
C VAL A 80 6.80 -11.71 8.17
N GLN A 81 6.10 -12.57 8.89
CA GLN A 81 4.69 -12.32 9.22
C GLN A 81 4.55 -11.05 10.06
N TYR A 82 5.23 -11.01 11.20
CA TYR A 82 5.19 -9.85 12.09
C TYR A 82 5.60 -8.57 11.35
N LEU A 83 6.67 -8.67 10.56
CA LEU A 83 7.17 -7.53 9.77
C LEU A 83 6.07 -6.99 8.85
N LEU A 84 5.46 -7.89 8.06
CA LEU A 84 4.38 -7.50 7.16
C LEU A 84 3.21 -6.94 7.96
N THR A 85 2.84 -7.65 9.04
CA THR A 85 1.74 -7.22 9.91
C THR A 85 1.99 -5.79 10.40
N PHE A 86 3.22 -5.54 10.88
CA PHE A 86 3.60 -4.21 11.37
C PHE A 86 3.49 -3.17 10.25
N ALA A 87 4.15 -3.44 9.12
CA ALA A 87 4.13 -2.54 7.97
C ALA A 87 2.68 -2.24 7.56
N VAL A 88 1.86 -3.29 7.51
CA VAL A 88 0.46 -3.14 7.15
C VAL A 88 -0.29 -2.33 8.20
N MET A 89 -0.13 -2.70 9.47
CA MET A 89 -0.76 -1.99 10.59
C MET A 89 -0.42 -0.50 10.53
N LEU A 90 0.87 -0.19 10.48
CA LEU A 90 1.32 1.20 10.40
C LEU A 90 0.68 1.92 9.21
N THR A 91 0.77 1.28 8.03
CA THR A 91 0.19 1.83 6.80
C THR A 91 -1.30 2.09 6.99
N VAL A 92 -2.01 1.10 7.55
CA VAL A 92 -3.44 1.22 7.81
C VAL A 92 -3.73 2.38 8.76
N GLY A 93 -2.99 2.43 9.87
CA GLY A 93 -3.16 3.50 10.84
C GLY A 93 -2.93 4.87 10.20
N LEU A 94 -1.86 4.98 9.42
CA LEU A 94 -1.54 6.23 8.73
C LEU A 94 -2.66 6.59 7.74
N VAL A 95 -3.07 5.60 6.95
CA VAL A 95 -4.14 5.79 5.97
C VAL A 95 -5.43 6.22 6.64
N ILE A 96 -5.94 5.40 7.56
CA ILE A 96 -7.18 5.72 8.28
C ILE A 96 -7.07 7.06 8.97
N GLY A 97 -5.88 7.39 9.48
CA GLY A 97 -5.68 8.68 10.14
C GLY A 97 -5.95 9.83 9.20
N ASN A 98 -5.25 9.84 8.06
CA ASN A 98 -5.43 10.89 7.06
C ASN A 98 -6.86 10.85 6.50
N LEU A 99 -7.35 9.63 6.25
CA LEU A 99 -8.70 9.43 5.73
C LEU A 99 -9.73 10.05 6.68
N THR A 100 -9.61 9.72 7.96
CA THR A 100 -10.51 10.27 8.98
C THR A 100 -10.30 11.78 9.09
N ALA A 101 -9.04 12.21 9.08
CA ALA A 101 -8.71 13.64 9.15
C ALA A 101 -9.37 14.40 8.01
N GLY A 102 -9.31 13.84 6.79
CA GLY A 102 -9.91 14.47 5.64
C GLY A 102 -11.43 14.53 5.73
N VAL A 103 -12.04 13.40 6.09
CA VAL A 103 -13.49 13.31 6.21
C VAL A 103 -13.99 14.02 7.48
N ARG A 104 -13.27 13.83 8.59
CA ARG A 104 -13.63 14.45 9.87
C ARG A 104 -12.82 15.72 10.10
N TYR A 105 -13.45 16.87 9.85
CA TYR A 105 -12.80 18.17 10.02
C TYR A 105 -12.19 18.33 11.41
N GLN A 106 -10.86 18.45 11.46
CA GLN A 106 -10.15 18.60 12.73
C GLN A 106 -9.80 20.08 12.99
N ALA A 107 -9.84 20.48 14.26
CA ALA A 107 -9.54 21.84 14.65
C ALA A 107 -8.96 21.91 16.07
N MET A 1 -11.45 13.23 -9.97
CA MET A 1 -11.47 14.27 -8.90
C MET A 1 -11.39 13.64 -7.51
N VAL A 2 -10.70 14.31 -6.59
CA VAL A 2 -10.55 13.82 -5.22
C VAL A 2 -10.15 14.95 -4.27
N GLN A 3 -10.72 14.94 -3.06
CA GLN A 3 -10.45 15.97 -2.07
C GLN A 3 -8.94 16.09 -1.80
N ILE A 4 -8.35 15.04 -1.22
CA ILE A 4 -6.92 15.04 -0.93
C ILE A 4 -6.40 13.63 -0.61
N GLN A 5 -6.94 13.01 0.44
CA GLN A 5 -6.53 11.66 0.84
C GLN A 5 -7.67 10.91 1.52
N GLY A 6 -8.16 9.85 0.88
CA GLY A 6 -9.25 9.07 1.45
C GLY A 6 -9.61 7.83 0.66
N SER A 7 -10.80 7.82 0.06
CA SER A 7 -11.29 6.68 -0.73
C SER A 7 -10.20 6.04 -1.59
N VAL A 8 -9.50 6.86 -2.39
CA VAL A 8 -8.43 6.37 -3.26
C VAL A 8 -7.44 5.49 -2.49
N VAL A 9 -6.86 6.05 -1.42
CA VAL A 9 -5.90 5.32 -0.60
C VAL A 9 -6.56 4.13 0.10
N ALA A 10 -7.79 4.34 0.59
CA ALA A 10 -8.55 3.29 1.27
C ALA A 10 -8.71 2.09 0.35
N ALA A 11 -9.07 2.35 -0.91
CA ALA A 11 -9.23 1.30 -1.90
C ALA A 11 -7.88 0.62 -2.15
N ALA A 12 -6.84 1.43 -2.34
CA ALA A 12 -5.50 0.91 -2.55
C ALA A 12 -5.12 -0.05 -1.42
N LEU A 13 -5.20 0.44 -0.19
CA LEU A 13 -4.88 -0.37 1.00
C LEU A 13 -5.76 -1.63 1.01
N SER A 14 -7.04 -1.45 0.69
CA SER A 14 -7.98 -2.58 0.65
C SER A 14 -7.46 -3.65 -0.31
N ALA A 15 -7.15 -3.22 -1.55
CA ALA A 15 -6.61 -4.13 -2.56
C ALA A 15 -5.33 -4.77 -2.05
N VAL A 16 -4.42 -3.94 -1.53
CA VAL A 16 -3.15 -4.41 -0.98
C VAL A 16 -3.40 -5.47 0.09
N ILE A 17 -4.40 -5.23 0.94
CA ILE A 17 -4.76 -6.17 1.99
C ILE A 17 -5.12 -7.53 1.37
N THR A 18 -6.02 -7.50 0.38
CA THR A 18 -6.41 -8.73 -0.31
C THR A 18 -5.19 -9.41 -0.93
N LEU A 19 -4.28 -8.61 -1.47
CA LEU A 19 -3.05 -9.12 -2.09
C LEU A 19 -2.15 -9.78 -1.03
N ILE A 20 -1.77 -9.01 -0.01
CA ILE A 20 -0.92 -9.53 1.07
C ILE A 20 -1.54 -10.77 1.70
N ALA A 21 -2.87 -10.75 1.88
CA ALA A 21 -3.59 -11.89 2.43
C ALA A 21 -3.40 -13.11 1.52
N MET A 22 -3.59 -12.91 0.22
CA MET A 22 -3.41 -13.97 -0.77
C MET A 22 -2.01 -14.56 -0.63
N GLN A 23 -0.99 -13.70 -0.62
CA GLN A 23 0.39 -14.13 -0.46
C GLN A 23 0.57 -14.85 0.88
N TRP A 24 -0.07 -14.30 1.91
CA TRP A 24 -0.01 -14.88 3.26
C TRP A 24 -0.46 -16.34 3.26
N LEU A 25 -1.51 -16.62 2.48
CA LEU A 25 -2.07 -17.98 2.38
C LEU A 25 -1.38 -18.80 1.28
N MET A 26 -1.02 -18.15 0.18
CA MET A 26 -0.36 -18.81 -0.94
C MET A 26 1.16 -18.81 -0.78
N ALA A 27 1.88 -19.10 -1.87
CA ALA A 27 3.35 -19.13 -1.84
C ALA A 27 3.92 -18.98 -3.25
N PHE A 28 4.79 -17.99 -3.45
CA PHE A 28 5.42 -17.75 -4.75
C PHE A 28 6.43 -16.60 -4.67
N ASP A 29 7.17 -16.39 -5.76
CA ASP A 29 8.16 -15.33 -5.82
C ASP A 29 7.50 -13.95 -5.98
N ALA A 30 8.31 -12.91 -6.02
CA ALA A 30 7.81 -11.53 -6.15
C ALA A 30 7.62 -11.13 -7.62
N ALA A 31 8.29 -11.84 -8.54
CA ALA A 31 8.18 -11.52 -9.97
C ALA A 31 6.73 -11.53 -10.47
N ASN A 32 6.48 -10.80 -11.55
CA ASN A 32 5.13 -10.71 -12.14
C ASN A 32 4.17 -9.95 -11.22
N LEU A 33 3.92 -10.50 -10.03
CA LEU A 33 3.01 -9.86 -9.08
C LEU A 33 3.50 -8.48 -8.67
N VAL A 34 4.79 -8.36 -8.31
CA VAL A 34 5.36 -7.07 -7.93
C VAL A 34 5.04 -6.01 -8.99
N MET A 35 5.11 -6.40 -10.27
CA MET A 35 4.81 -5.48 -11.37
C MET A 35 3.31 -5.16 -11.40
N LEU A 36 2.48 -6.20 -11.37
CA LEU A 36 1.02 -6.01 -11.38
C LEU A 36 0.61 -5.17 -10.17
N TYR A 37 1.12 -5.54 -8.99
CA TYR A 37 0.83 -4.80 -7.76
C TYR A 37 1.27 -3.35 -7.91
N LEU A 38 2.52 -3.15 -8.34
CA LEU A 38 3.04 -1.80 -8.55
C LEU A 38 2.14 -1.04 -9.51
N LEU A 39 1.70 -1.70 -10.58
CA LEU A 39 0.81 -1.07 -11.55
C LEU A 39 -0.44 -0.53 -10.84
N GLY A 40 -1.08 -1.39 -10.05
CA GLY A 40 -2.26 -0.97 -9.29
C GLY A 40 -1.94 0.17 -8.34
N VAL A 41 -0.85 0.03 -7.58
CA VAL A 41 -0.41 1.06 -6.64
C VAL A 41 -0.17 2.38 -7.38
N VAL A 42 0.44 2.28 -8.56
CA VAL A 42 0.71 3.46 -9.39
C VAL A 42 -0.61 4.12 -9.81
N VAL A 43 -1.58 3.28 -10.20
CA VAL A 43 -2.91 3.79 -10.59
C VAL A 43 -3.53 4.55 -9.42
N VAL A 44 -3.53 3.92 -8.24
CA VAL A 44 -4.07 4.55 -7.04
C VAL A 44 -3.28 5.82 -6.73
N ALA A 45 -1.95 5.73 -6.85
CA ALA A 45 -1.07 6.87 -6.61
C ALA A 45 -1.44 8.02 -7.53
N LEU A 46 -1.54 7.75 -8.82
CA LEU A 46 -1.92 8.77 -9.79
C LEU A 46 -3.28 9.39 -9.42
N PHE A 47 -4.20 8.54 -8.97
CA PHE A 47 -5.53 9.00 -8.55
C PHE A 47 -5.46 9.82 -7.26
N TYR A 48 -4.56 9.44 -6.36
CA TYR A 48 -4.39 10.15 -5.08
C TYR A 48 -3.39 11.32 -5.20
N GLY A 49 -2.54 11.29 -6.23
CA GLY A 49 -1.53 12.32 -6.45
C GLY A 49 -2.08 13.72 -6.62
N ARG A 50 -2.72 14.25 -5.58
CA ARG A 50 -3.28 15.60 -5.61
C ARG A 50 -2.30 16.58 -4.93
N TRP A 51 -1.61 16.09 -3.90
CA TRP A 51 -0.62 16.88 -3.16
C TRP A 51 0.44 15.95 -2.56
N PRO A 52 1.74 16.28 -2.75
CA PRO A 52 2.85 15.46 -2.22
C PRO A 52 2.69 15.17 -0.72
N SER A 53 2.71 16.23 0.09
CA SER A 53 2.56 16.09 1.55
C SER A 53 3.47 15.00 2.12
N VAL A 54 4.65 14.82 1.52
CA VAL A 54 5.63 13.82 1.95
C VAL A 54 5.11 12.39 1.74
N VAL A 55 3.99 12.05 2.38
CA VAL A 55 3.39 10.72 2.26
C VAL A 55 3.28 10.24 0.81
N ALA A 56 2.69 11.08 -0.04
CA ALA A 56 2.53 10.73 -1.47
C ALA A 56 3.89 10.44 -2.11
N THR A 57 4.86 11.31 -1.85
CA THR A 57 6.21 11.14 -2.39
C THR A 57 6.80 9.82 -1.90
N VAL A 58 6.78 9.62 -0.57
CA VAL A 58 7.29 8.40 0.04
C VAL A 58 6.63 7.17 -0.58
N ILE A 59 5.31 7.20 -0.69
CA ILE A 59 4.57 6.08 -1.29
C ILE A 59 5.12 5.75 -2.67
N ASN A 60 5.12 6.75 -3.55
CA ASN A 60 5.62 6.58 -4.92
C ASN A 60 7.05 6.04 -4.90
N VAL A 61 7.92 6.66 -4.09
CA VAL A 61 9.31 6.21 -3.95
C VAL A 61 9.36 4.74 -3.56
N VAL A 62 8.66 4.40 -2.46
CA VAL A 62 8.62 3.02 -1.97
C VAL A 62 8.30 2.06 -3.11
N SER A 63 7.24 2.35 -3.87
CA SER A 63 6.86 1.48 -5.00
C SER A 63 8.00 1.41 -6.02
N PHE A 64 8.66 2.54 -6.26
CA PHE A 64 9.78 2.60 -7.20
C PHE A 64 10.92 1.68 -6.77
N ASP A 65 11.43 1.89 -5.55
CA ASP A 65 12.52 1.07 -5.02
C ASP A 65 12.09 -0.38 -4.85
N LEU A 66 10.87 -0.60 -4.36
CA LEU A 66 10.34 -1.96 -4.15
C LEU A 66 10.17 -2.70 -5.48
N PHE A 67 9.87 -1.97 -6.56
CA PHE A 67 9.68 -2.57 -7.89
C PHE A 67 10.67 -3.72 -8.14
N PHE A 68 10.17 -4.83 -8.69
CA PHE A 68 11.01 -6.00 -8.97
C PHE A 68 11.32 -6.80 -7.70
N ILE A 69 11.79 -6.10 -6.67
CA ILE A 69 12.12 -6.74 -5.39
C ILE A 69 10.87 -7.11 -4.59
N ALA A 70 9.94 -6.16 -4.46
CA ALA A 70 8.70 -6.37 -3.71
C ALA A 70 8.96 -6.42 -2.20
N PRO A 71 7.89 -6.60 -1.38
CA PRO A 71 8.03 -6.65 0.09
C PRO A 71 8.82 -7.87 0.56
N ARG A 72 9.32 -7.82 1.79
CA ARG A 72 10.10 -8.91 2.37
C ARG A 72 9.25 -10.17 2.55
N GLY A 73 9.93 -11.31 2.78
CA GLY A 73 9.24 -12.57 2.96
C GLY A 73 8.93 -13.30 1.65
N THR A 74 9.77 -13.10 0.64
CA THR A 74 9.57 -13.76 -0.66
C THR A 74 10.51 -14.95 -0.83
N LEU A 75 11.82 -14.71 -0.75
CA LEU A 75 12.81 -15.78 -0.91
C LEU A 75 13.04 -16.54 0.41
N ALA A 76 13.22 -15.78 1.50
CA ALA A 76 13.46 -16.38 2.81
C ALA A 76 12.15 -16.49 3.60
N VAL A 77 11.93 -17.66 4.21
CA VAL A 77 10.72 -17.90 5.00
C VAL A 77 10.86 -17.32 6.41
N SER A 78 9.85 -16.56 6.83
CA SER A 78 9.85 -15.94 8.16
C SER A 78 8.52 -15.25 8.46
N ASP A 79 7.67 -15.94 9.22
CA ASP A 79 6.36 -15.41 9.59
C ASP A 79 6.46 -14.02 10.22
N VAL A 80 7.44 -13.83 11.10
CA VAL A 80 7.65 -12.54 11.77
C VAL A 80 7.69 -11.38 10.76
N GLN A 81 8.39 -11.59 9.65
CA GLN A 81 8.50 -10.56 8.60
C GLN A 81 7.11 -10.24 8.03
N TYR A 82 6.31 -11.28 7.84
CA TYR A 82 4.95 -11.13 7.32
C TYR A 82 4.06 -10.42 8.35
N LEU A 83 4.06 -10.95 9.57
CA LEU A 83 3.26 -10.38 10.67
C LEU A 83 3.62 -8.91 10.87
N LEU A 84 4.92 -8.62 10.96
CA LEU A 84 5.40 -7.24 11.13
C LEU A 84 4.89 -6.36 9.98
N THR A 85 5.16 -6.79 8.75
CA THR A 85 4.72 -6.05 7.56
C THR A 85 3.22 -5.80 7.63
N PHE A 86 2.45 -6.84 7.97
CA PHE A 86 0.99 -6.71 8.10
C PHE A 86 0.64 -5.68 9.18
N ALA A 87 1.30 -5.80 10.34
CA ALA A 87 1.09 -4.87 11.45
C ALA A 87 1.35 -3.43 10.99
N VAL A 88 2.44 -3.24 10.27
CA VAL A 88 2.80 -1.92 9.75
C VAL A 88 1.74 -1.43 8.76
N MET A 89 1.40 -2.30 7.80
CA MET A 89 0.37 -1.98 6.80
C MET A 89 -0.95 -1.58 7.48
N LEU A 90 -1.38 -2.37 8.45
CA LEU A 90 -2.60 -2.08 9.19
C LEU A 90 -2.46 -0.77 9.96
N THR A 91 -1.33 -0.62 10.65
CA THR A 91 -1.04 0.60 11.42
C THR A 91 -1.15 1.83 10.54
N VAL A 92 -0.35 1.88 9.47
CA VAL A 92 -0.38 3.00 8.54
C VAL A 92 -1.79 3.20 7.98
N GLY A 93 -2.45 2.10 7.63
CA GLY A 93 -3.81 2.16 7.12
C GLY A 93 -4.74 2.83 8.11
N LEU A 94 -4.66 2.40 9.37
CA LEU A 94 -5.47 2.98 10.44
C LEU A 94 -5.23 4.48 10.51
N VAL A 95 -3.96 4.87 10.44
CA VAL A 95 -3.58 6.29 10.47
C VAL A 95 -4.21 7.02 9.29
N ILE A 96 -3.98 6.50 8.08
CA ILE A 96 -4.54 7.09 6.86
C ILE A 96 -6.06 7.18 6.97
N GLY A 97 -6.68 6.13 7.53
CA GLY A 97 -8.12 6.11 7.71
C GLY A 97 -8.57 7.19 8.66
N ASN A 98 -7.93 7.25 9.83
CA ASN A 98 -8.25 8.27 10.83
C ASN A 98 -8.11 9.66 10.22
N LEU A 99 -6.96 9.89 9.56
CA LEU A 99 -6.71 11.16 8.89
C LEU A 99 -7.82 11.44 7.86
N THR A 100 -8.08 10.42 7.03
CA THR A 100 -9.14 10.52 6.01
C THR A 100 -10.44 10.96 6.67
N ALA A 101 -10.81 10.29 7.77
CA ALA A 101 -12.02 10.62 8.50
C ALA A 101 -11.97 12.06 9.02
N GLY A 102 -10.79 12.48 9.49
CA GLY A 102 -10.62 13.84 9.99
C GLY A 102 -10.75 14.89 8.90
N VAL A 103 -10.40 14.51 7.67
CA VAL A 103 -10.48 15.44 6.54
C VAL A 103 -11.83 15.32 5.81
N ARG A 104 -12.27 14.09 5.57
CA ARG A 104 -13.54 13.84 4.87
C ARG A 104 -14.76 14.18 5.76
N TYR A 105 -14.90 15.46 6.11
CA TYR A 105 -16.01 15.92 6.95
C TYR A 105 -17.22 16.34 6.10
N GLN A 106 -17.15 17.52 5.50
CA GLN A 106 -18.24 18.03 4.66
C GLN A 106 -18.10 17.53 3.22
N ALA A 107 -16.91 17.72 2.64
CA ALA A 107 -16.65 17.28 1.27
C ALA A 107 -15.56 16.20 1.24
N MET A 1 -16.21 15.08 3.70
CA MET A 1 -14.90 14.84 3.05
C MET A 1 -14.89 15.35 1.61
N VAL A 2 -13.84 16.11 1.26
CA VAL A 2 -13.71 16.67 -0.09
C VAL A 2 -12.25 16.79 -0.51
N GLN A 3 -11.92 16.20 -1.67
CA GLN A 3 -10.54 16.25 -2.19
C GLN A 3 -9.51 15.93 -1.10
N ILE A 4 -9.77 14.87 -0.33
CA ILE A 4 -8.87 14.47 0.74
C ILE A 4 -8.67 12.95 0.79
N GLN A 5 -7.69 12.52 1.58
CA GLN A 5 -7.38 11.10 1.73
C GLN A 5 -8.59 10.33 2.29
N GLY A 6 -9.30 9.63 1.41
CA GLY A 6 -10.47 8.86 1.82
C GLY A 6 -10.88 7.84 0.79
N SER A 7 -11.54 8.29 -0.27
CA SER A 7 -11.98 7.38 -1.34
C SER A 7 -10.79 6.68 -2.00
N VAL A 8 -9.83 7.46 -2.49
CA VAL A 8 -8.64 6.90 -3.14
C VAL A 8 -7.84 6.03 -2.16
N VAL A 9 -7.63 6.55 -0.95
CA VAL A 9 -6.89 5.81 0.08
C VAL A 9 -7.60 4.50 0.38
N ALA A 10 -8.92 4.57 0.59
CA ALA A 10 -9.72 3.37 0.86
C ALA A 10 -9.59 2.38 -0.29
N ALA A 11 -9.75 2.88 -1.53
CA ALA A 11 -9.63 2.06 -2.72
C ALA A 11 -8.25 1.37 -2.75
N ALA A 12 -7.19 2.18 -2.61
CA ALA A 12 -5.83 1.65 -2.60
C ALA A 12 -5.68 0.58 -1.51
N LEU A 13 -6.11 0.93 -0.29
CA LEU A 13 -6.06 0.00 0.84
C LEU A 13 -6.81 -1.29 0.50
N SER A 14 -7.99 -1.14 -0.10
CA SER A 14 -8.81 -2.28 -0.50
C SER A 14 -8.01 -3.24 -1.37
N ALA A 15 -7.42 -2.72 -2.45
CA ALA A 15 -6.61 -3.55 -3.35
C ALA A 15 -5.49 -4.22 -2.56
N VAL A 16 -4.83 -3.46 -1.69
CA VAL A 16 -3.75 -3.99 -0.86
C VAL A 16 -4.22 -5.13 0.03
N ILE A 17 -5.27 -4.89 0.83
CA ILE A 17 -5.82 -5.91 1.72
C ILE A 17 -6.29 -7.13 0.94
N THR A 18 -6.95 -6.90 -0.20
CA THR A 18 -7.43 -8.00 -1.04
C THR A 18 -6.27 -8.84 -1.54
N LEU A 19 -5.29 -8.20 -2.18
CA LEU A 19 -4.13 -8.89 -2.71
C LEU A 19 -3.34 -9.56 -1.57
N ILE A 20 -3.04 -8.82 -0.52
CA ILE A 20 -2.31 -9.36 0.63
C ILE A 20 -3.07 -10.53 1.25
N ALA A 21 -4.39 -10.40 1.38
CA ALA A 21 -5.22 -11.47 1.95
C ALA A 21 -5.04 -12.74 1.12
N MET A 22 -5.14 -12.59 -0.20
CA MET A 22 -4.96 -13.73 -1.11
C MET A 22 -3.55 -14.31 -0.93
N GLN A 23 -2.56 -13.42 -0.91
CA GLN A 23 -1.16 -13.83 -0.74
C GLN A 23 -0.99 -14.63 0.55
N TRP A 24 -1.41 -14.04 1.67
CA TRP A 24 -1.32 -14.70 2.96
C TRP A 24 -2.05 -16.05 2.92
N LEU A 25 -3.27 -16.04 2.36
CA LEU A 25 -4.06 -17.26 2.22
C LEU A 25 -3.32 -18.30 1.38
N MET A 26 -2.80 -17.86 0.23
CA MET A 26 -2.05 -18.74 -0.67
C MET A 26 -0.74 -19.19 -0.03
N ALA A 27 -0.13 -18.30 0.76
CA ALA A 27 1.14 -18.58 1.45
C ALA A 27 2.32 -18.50 0.49
N PHE A 28 2.54 -17.31 -0.08
CA PHE A 28 3.64 -17.10 -1.02
C PHE A 28 4.37 -15.79 -0.75
N ASP A 29 5.68 -15.77 -1.03
CA ASP A 29 6.51 -14.59 -0.82
C ASP A 29 6.33 -13.58 -1.98
N ALA A 30 7.26 -12.63 -2.07
CA ALA A 30 7.20 -11.60 -3.12
C ALA A 30 7.78 -12.13 -4.45
N ALA A 31 6.92 -12.72 -5.27
CA ALA A 31 7.36 -13.25 -6.56
C ALA A 31 6.23 -13.28 -7.60
N ASN A 32 6.52 -12.82 -8.81
CA ASN A 32 5.56 -12.80 -9.92
C ASN A 32 4.39 -11.84 -9.62
N LEU A 33 3.44 -12.29 -8.79
CA LEU A 33 2.27 -11.48 -8.44
C LEU A 33 2.70 -10.07 -8.03
N VAL A 34 3.78 -9.98 -7.25
CA VAL A 34 4.31 -8.70 -6.79
C VAL A 34 4.45 -7.71 -7.95
N MET A 35 4.89 -8.20 -9.12
CA MET A 35 5.06 -7.35 -10.30
C MET A 35 3.70 -6.78 -10.73
N LEU A 36 2.73 -7.68 -10.93
CA LEU A 36 1.37 -7.27 -11.31
C LEU A 36 0.79 -6.36 -10.24
N TYR A 37 1.00 -6.75 -8.97
CA TYR A 37 0.53 -5.96 -7.84
C TYR A 37 1.14 -4.56 -7.90
N LEU A 38 2.47 -4.52 -8.04
CA LEU A 38 3.20 -3.25 -8.15
C LEU A 38 2.62 -2.44 -9.30
N LEU A 39 2.49 -3.07 -10.47
CA LEU A 39 1.93 -2.42 -11.65
C LEU A 39 0.61 -1.73 -11.31
N GLY A 40 -0.33 -2.50 -10.76
CA GLY A 40 -1.62 -1.93 -10.38
C GLY A 40 -1.47 -0.79 -9.39
N VAL A 41 -0.71 -1.05 -8.32
CA VAL A 41 -0.44 -0.02 -7.30
C VAL A 41 0.11 1.25 -7.95
N VAL A 42 1.04 1.07 -8.90
CA VAL A 42 1.65 2.20 -9.61
C VAL A 42 0.59 2.99 -10.37
N VAL A 43 -0.29 2.27 -11.09
CA VAL A 43 -1.37 2.90 -11.84
C VAL A 43 -2.24 3.75 -10.90
N VAL A 44 -2.75 3.12 -9.85
CA VAL A 44 -3.57 3.83 -8.86
C VAL A 44 -2.80 4.99 -8.26
N ALA A 45 -1.55 4.73 -7.88
CA ALA A 45 -0.68 5.76 -7.31
C ALA A 45 -0.56 6.95 -8.27
N LEU A 46 -0.31 6.66 -9.55
CA LEU A 46 -0.20 7.68 -10.58
C LEU A 46 -1.46 8.55 -10.59
N PHE A 47 -2.62 7.91 -10.54
CA PHE A 47 -3.92 8.61 -10.55
C PHE A 47 -4.21 9.27 -9.20
N TYR A 48 -3.66 8.71 -8.12
CA TYR A 48 -3.88 9.23 -6.76
C TYR A 48 -2.87 10.32 -6.41
N GLY A 49 -1.61 10.12 -6.80
CA GLY A 49 -0.56 11.09 -6.49
C GLY A 49 -0.71 12.42 -7.22
N ARG A 50 -1.83 13.09 -7.01
CA ARG A 50 -2.08 14.39 -7.63
C ARG A 50 -1.69 15.51 -6.67
N TRP A 51 -2.14 15.36 -5.42
CA TRP A 51 -1.84 16.33 -4.37
C TRP A 51 -1.27 15.61 -3.14
N PRO A 52 -0.06 15.02 -3.28
CA PRO A 52 0.59 14.29 -2.18
C PRO A 52 1.04 15.19 -1.04
N SER A 53 0.14 15.47 -0.11
CA SER A 53 0.44 16.32 1.04
C SER A 53 1.38 15.60 2.02
N VAL A 54 2.58 15.27 1.55
CA VAL A 54 3.58 14.56 2.35
C VAL A 54 3.17 13.12 2.65
N VAL A 55 2.03 12.95 3.32
CA VAL A 55 1.53 11.61 3.67
C VAL A 55 1.48 10.68 2.45
N ALA A 56 0.65 11.05 1.47
CA ALA A 56 0.52 10.24 0.24
C ALA A 56 1.88 9.96 -0.39
N THR A 57 2.76 10.95 -0.38
CA THR A 57 4.11 10.80 -0.94
C THR A 57 4.88 9.73 -0.16
N VAL A 58 4.97 9.91 1.16
CA VAL A 58 5.66 8.94 2.02
C VAL A 58 5.08 7.53 1.81
N ILE A 59 3.74 7.44 1.79
CA ILE A 59 3.07 6.16 1.58
C ILE A 59 3.52 5.52 0.26
N ASN A 60 3.48 6.31 -0.81
CA ASN A 60 3.88 5.84 -2.13
C ASN A 60 5.36 5.42 -2.14
N VAL A 61 6.22 6.29 -1.59
CA VAL A 61 7.65 6.00 -1.53
C VAL A 61 7.94 4.74 -0.71
N VAL A 62 7.51 4.75 0.56
CA VAL A 62 7.71 3.61 1.45
C VAL A 62 7.25 2.30 0.79
N SER A 63 6.03 2.31 0.25
CA SER A 63 5.49 1.12 -0.42
C SER A 63 6.33 0.74 -1.64
N PHE A 64 6.63 1.72 -2.48
CA PHE A 64 7.43 1.49 -3.69
C PHE A 64 8.80 0.89 -3.36
N ASP A 65 9.54 1.57 -2.48
CA ASP A 65 10.87 1.11 -2.07
C ASP A 65 10.82 -0.29 -1.47
N LEU A 66 9.93 -0.50 -0.49
CA LEU A 66 9.78 -1.79 0.15
C LEU A 66 9.35 -2.86 -0.86
N PHE A 67 8.22 -2.63 -1.52
CA PHE A 67 7.72 -3.57 -2.52
C PHE A 67 8.43 -3.37 -3.86
N PHE A 68 9.72 -3.71 -3.89
CA PHE A 68 10.51 -3.56 -5.12
C PHE A 68 9.88 -4.32 -6.28
N ILE A 69 9.83 -3.67 -7.45
CA ILE A 69 9.24 -4.30 -8.65
C ILE A 69 10.08 -5.50 -9.13
N ALA A 70 9.93 -6.62 -8.43
CA ALA A 70 10.67 -7.83 -8.77
C ALA A 70 9.79 -8.81 -9.55
N PRO A 71 9.88 -8.80 -10.90
CA PRO A 71 9.09 -9.69 -11.75
C PRO A 71 9.15 -11.15 -11.28
N ARG A 72 10.37 -11.66 -11.09
CA ARG A 72 10.55 -13.04 -10.64
C ARG A 72 10.47 -13.11 -9.10
N GLY A 73 10.99 -12.08 -8.43
CA GLY A 73 10.98 -12.04 -6.98
C GLY A 73 12.33 -11.68 -6.40
N THR A 74 12.54 -11.99 -5.13
CA THR A 74 13.82 -11.70 -4.46
C THR A 74 14.01 -12.58 -3.24
N LEU A 75 15.27 -12.78 -2.83
CA LEU A 75 15.57 -13.61 -1.67
C LEU A 75 15.49 -12.79 -0.37
N ALA A 76 15.25 -13.49 0.74
CA ALA A 76 15.13 -12.83 2.05
C ALA A 76 16.08 -13.44 3.08
N VAL A 77 16.74 -12.59 3.87
CA VAL A 77 17.66 -13.05 4.90
C VAL A 77 16.97 -13.91 5.97
N SER A 78 15.67 -13.69 6.15
CA SER A 78 14.87 -14.44 7.14
C SER A 78 13.40 -14.04 7.10
N ASP A 79 13.14 -12.73 7.21
CA ASP A 79 11.76 -12.23 7.20
C ASP A 79 11.68 -10.85 6.50
N VAL A 80 12.26 -10.74 5.31
CA VAL A 80 12.25 -9.48 4.55
C VAL A 80 10.83 -9.11 4.13
N GLN A 81 10.18 -9.98 3.36
CA GLN A 81 8.81 -9.73 2.92
C GLN A 81 7.89 -9.48 4.11
N TYR A 82 8.07 -10.26 5.18
CA TYR A 82 7.27 -10.09 6.39
C TYR A 82 7.48 -8.71 6.98
N LEU A 83 8.75 -8.32 7.15
CA LEU A 83 9.08 -6.99 7.69
C LEU A 83 8.49 -5.90 6.80
N LEU A 84 8.69 -6.04 5.49
CA LEU A 84 8.16 -5.09 4.52
C LEU A 84 6.64 -5.01 4.63
N THR A 85 5.99 -6.18 4.55
CA THR A 85 4.54 -6.27 4.67
C THR A 85 4.06 -5.61 5.96
N PHE A 86 4.73 -5.94 7.07
CA PHE A 86 4.39 -5.35 8.37
C PHE A 86 4.53 -3.83 8.34
N ALA A 87 5.67 -3.35 7.83
CA ALA A 87 5.94 -1.92 7.73
C ALA A 87 4.89 -1.21 6.87
N VAL A 88 4.60 -1.76 5.69
CA VAL A 88 3.60 -1.17 4.80
C VAL A 88 2.21 -1.25 5.45
N MET A 89 1.91 -2.39 6.07
CA MET A 89 0.62 -2.57 6.75
C MET A 89 0.45 -1.51 7.84
N LEU A 90 1.45 -1.40 8.71
CA LEU A 90 1.44 -0.40 9.78
C LEU A 90 1.27 1.00 9.17
N THR A 91 2.05 1.25 8.12
CA THR A 91 1.98 2.53 7.40
C THR A 91 0.54 2.78 6.94
N VAL A 92 -0.06 1.76 6.32
CA VAL A 92 -1.44 1.84 5.86
C VAL A 92 -2.35 2.15 7.04
N GLY A 93 -2.17 1.42 8.15
CA GLY A 93 -2.96 1.66 9.34
C GLY A 93 -2.89 3.12 9.75
N LEU A 94 -1.67 3.67 9.75
CA LEU A 94 -1.46 5.07 10.06
C LEU A 94 -2.26 5.94 9.10
N VAL A 95 -2.16 5.62 7.81
CA VAL A 95 -2.90 6.33 6.77
C VAL A 95 -4.40 6.26 7.07
N ILE A 96 -4.86 5.08 7.49
CA ILE A 96 -6.26 4.87 7.82
C ILE A 96 -6.68 5.83 8.93
N GLY A 97 -5.93 5.83 10.03
CA GLY A 97 -6.22 6.73 11.14
C GLY A 97 -6.25 8.17 10.70
N ASN A 98 -5.20 8.59 9.98
CA ASN A 98 -5.11 9.97 9.48
C ASN A 98 -6.29 10.29 8.56
N LEU A 99 -6.61 9.36 7.65
CA LEU A 99 -7.72 9.54 6.72
C LEU A 99 -9.03 9.63 7.50
N THR A 100 -9.23 8.73 8.45
CA THR A 100 -10.43 8.73 9.28
C THR A 100 -10.62 10.09 9.93
N ALA A 101 -9.52 10.64 10.49
CA ALA A 101 -9.56 11.95 11.12
C ALA A 101 -9.92 13.04 10.09
N GLY A 102 -9.27 12.97 8.92
CA GLY A 102 -9.53 13.95 7.87
C GLY A 102 -10.98 13.90 7.40
N VAL A 103 -11.48 12.69 7.13
CA VAL A 103 -12.87 12.52 6.69
C VAL A 103 -13.84 12.73 7.86
N ARG A 104 -13.79 13.93 8.44
CA ARG A 104 -14.65 14.29 9.57
C ARG A 104 -14.90 15.80 9.59
N TYR A 105 -13.83 16.58 9.75
CA TYR A 105 -13.92 18.03 9.78
C TYR A 105 -12.61 18.67 9.34
N GLN A 106 -12.68 19.58 8.37
CA GLN A 106 -11.48 20.25 7.86
C GLN A 106 -11.17 21.51 8.66
N ALA A 107 -9.88 21.68 8.99
CA ALA A 107 -9.42 22.85 9.75
C ALA A 107 -7.93 23.10 9.52
N MET A 1 -16.36 19.74 -3.88
CA MET A 1 -15.15 19.09 -4.46
C MET A 1 -14.32 18.41 -3.37
N VAL A 2 -13.43 17.50 -3.78
CA VAL A 2 -12.57 16.79 -2.83
C VAL A 2 -11.15 16.64 -3.37
N GLN A 3 -10.17 16.72 -2.47
CA GLN A 3 -8.76 16.60 -2.85
C GLN A 3 -8.22 15.20 -2.54
N ILE A 4 -8.76 14.19 -3.24
CA ILE A 4 -8.36 12.78 -3.05
C ILE A 4 -8.22 12.41 -1.56
N GLN A 5 -7.35 11.43 -1.25
CA GLN A 5 -7.14 10.98 0.13
C GLN A 5 -8.47 10.76 0.86
N GLY A 6 -9.39 10.06 0.20
CA GLY A 6 -10.70 9.78 0.79
C GLY A 6 -11.19 8.39 0.45
N SER A 7 -12.47 8.28 0.12
CA SER A 7 -13.07 6.98 -0.24
C SER A 7 -12.24 6.27 -1.29
N VAL A 8 -11.77 7.01 -2.29
CA VAL A 8 -10.95 6.45 -3.38
C VAL A 8 -9.68 5.81 -2.81
N VAL A 9 -8.98 6.54 -1.93
CA VAL A 9 -7.76 6.04 -1.31
C VAL A 9 -8.09 4.83 -0.43
N ALA A 10 -9.20 4.91 0.31
CA ALA A 10 -9.63 3.81 1.17
C ALA A 10 -9.90 2.56 0.31
N ALA A 11 -10.62 2.75 -0.79
CA ALA A 11 -10.93 1.65 -1.71
C ALA A 11 -9.62 1.07 -2.28
N ALA A 12 -8.76 1.95 -2.78
CA ALA A 12 -7.47 1.54 -3.33
C ALA A 12 -6.69 0.72 -2.30
N LEU A 13 -6.56 1.27 -1.09
CA LEU A 13 -5.87 0.57 -0.01
C LEU A 13 -6.54 -0.77 0.28
N SER A 14 -7.88 -0.75 0.37
CA SER A 14 -8.66 -1.96 0.62
C SER A 14 -8.32 -3.05 -0.41
N ALA A 15 -8.37 -2.69 -1.70
CA ALA A 15 -8.06 -3.62 -2.77
C ALA A 15 -6.60 -4.08 -2.71
N VAL A 16 -5.68 -3.10 -2.66
CA VAL A 16 -4.25 -3.39 -2.59
C VAL A 16 -3.93 -4.35 -1.44
N ILE A 17 -4.38 -4.01 -0.23
CA ILE A 17 -4.15 -4.83 0.95
C ILE A 17 -4.79 -6.21 0.80
N THR A 18 -6.07 -6.24 0.42
CA THR A 18 -6.79 -7.51 0.23
C THR A 18 -6.04 -8.40 -0.76
N LEU A 19 -5.60 -7.80 -1.87
CA LEU A 19 -4.87 -8.54 -2.90
C LEU A 19 -3.51 -9.02 -2.38
N ILE A 20 -2.70 -8.08 -1.86
CA ILE A 20 -1.38 -8.43 -1.32
C ILE A 20 -1.47 -9.50 -0.23
N ALA A 21 -2.44 -9.34 0.68
CA ALA A 21 -2.63 -10.31 1.77
C ALA A 21 -2.97 -11.68 1.20
N MET A 22 -3.97 -11.73 0.31
CA MET A 22 -4.38 -12.98 -0.31
C MET A 22 -3.21 -13.61 -1.07
N GLN A 23 -2.55 -12.81 -1.91
CA GLN A 23 -1.40 -13.27 -2.70
C GLN A 23 -0.28 -13.78 -1.80
N TRP A 24 0.26 -12.89 -0.95
CA TRP A 24 1.35 -13.27 -0.02
C TRP A 24 1.00 -14.57 0.70
N LEU A 25 -0.24 -14.67 1.18
CA LEU A 25 -0.71 -15.87 1.86
C LEU A 25 -0.70 -17.08 0.91
N MET A 26 -1.22 -16.89 -0.29
CA MET A 26 -1.26 -17.95 -1.30
C MET A 26 0.16 -18.29 -1.78
N ALA A 27 0.98 -17.27 -1.97
CA ALA A 27 2.35 -17.44 -2.42
C ALA A 27 3.30 -16.51 -1.66
N PHE A 28 3.95 -17.04 -0.62
CA PHE A 28 4.89 -16.25 0.20
C PHE A 28 6.18 -15.95 -0.58
N ASP A 29 6.03 -15.27 -1.71
CA ASP A 29 7.16 -14.91 -2.56
C ASP A 29 6.75 -13.92 -3.65
N ALA A 30 7.36 -12.73 -3.64
CA ALA A 30 7.03 -11.71 -4.63
C ALA A 30 7.68 -12.01 -5.99
N ALA A 31 7.20 -13.09 -6.63
CA ALA A 31 7.73 -13.49 -7.92
C ALA A 31 6.72 -13.24 -9.04
N ASN A 32 5.67 -14.07 -9.11
CA ASN A 32 4.64 -13.92 -10.15
C ASN A 32 3.44 -13.12 -9.66
N LEU A 33 2.80 -13.60 -8.59
CA LEU A 33 1.63 -12.93 -8.02
C LEU A 33 1.86 -11.43 -7.81
N VAL A 34 3.10 -11.07 -7.46
CA VAL A 34 3.46 -9.66 -7.23
C VAL A 34 3.14 -8.78 -8.44
N MET A 35 3.10 -9.37 -9.65
CA MET A 35 2.79 -8.63 -10.87
C MET A 35 1.47 -7.86 -10.71
N LEU A 36 0.41 -8.57 -10.29
CA LEU A 36 -0.89 -7.95 -10.09
C LEU A 36 -0.80 -6.87 -9.01
N TYR A 37 -0.05 -7.16 -7.95
CA TYR A 37 0.15 -6.22 -6.86
C TYR A 37 0.86 -4.98 -7.38
N LEU A 38 1.97 -5.19 -8.09
CA LEU A 38 2.75 -4.10 -8.68
C LEU A 38 1.84 -3.21 -9.52
N LEU A 39 1.09 -3.83 -10.45
CA LEU A 39 0.16 -3.10 -11.31
C LEU A 39 -0.80 -2.27 -10.46
N GLY A 40 -1.42 -2.92 -9.47
CA GLY A 40 -2.35 -2.22 -8.59
C GLY A 40 -1.68 -1.06 -7.88
N VAL A 41 -0.50 -1.31 -7.30
CA VAL A 41 0.26 -0.26 -6.62
C VAL A 41 0.52 0.90 -7.57
N VAL A 42 0.97 0.57 -8.79
CA VAL A 42 1.22 1.59 -9.81
C VAL A 42 -0.04 2.41 -10.07
N VAL A 43 -1.17 1.73 -10.23
CA VAL A 43 -2.45 2.39 -10.45
C VAL A 43 -2.78 3.32 -9.28
N VAL A 44 -2.73 2.78 -8.05
CA VAL A 44 -3.02 3.56 -6.86
C VAL A 44 -2.11 4.80 -6.80
N ALA A 45 -0.81 4.57 -6.95
CA ALA A 45 0.18 5.65 -6.93
C ALA A 45 -0.09 6.66 -8.06
N LEU A 46 -0.42 6.16 -9.24
CA LEU A 46 -0.70 7.03 -10.39
C LEU A 46 -1.94 7.89 -10.16
N PHE A 47 -3.04 7.27 -9.74
CA PHE A 47 -4.29 7.99 -9.50
C PHE A 47 -4.23 8.87 -8.24
N TYR A 48 -3.51 8.39 -7.23
CA TYR A 48 -3.37 9.14 -5.97
C TYR A 48 -2.19 10.13 -6.00
N GLY A 49 -1.18 9.82 -6.82
CA GLY A 49 0.01 10.66 -6.93
C GLY A 49 -0.25 12.09 -7.44
N ARG A 50 -1.49 12.39 -7.84
CA ARG A 50 -1.81 13.73 -8.34
C ARG A 50 -1.64 14.79 -7.24
N TRP A 51 -1.72 14.36 -5.97
CA TRP A 51 -1.56 15.27 -4.84
C TRP A 51 -0.57 14.70 -3.81
N PRO A 52 0.73 15.06 -3.92
CA PRO A 52 1.77 14.56 -3.01
C PRO A 52 1.47 14.86 -1.54
N SER A 53 1.48 16.14 -1.18
CA SER A 53 1.19 16.57 0.21
C SER A 53 2.17 15.92 1.21
N VAL A 54 1.81 14.73 1.72
CA VAL A 54 2.65 14.01 2.67
C VAL A 54 2.47 12.49 2.52
N VAL A 55 1.22 12.04 2.70
CA VAL A 55 0.90 10.61 2.57
C VAL A 55 1.40 10.05 1.24
N ALA A 56 1.12 10.77 0.14
CA ALA A 56 1.56 10.35 -1.18
C ALA A 56 3.09 10.26 -1.21
N THR A 57 3.76 11.24 -0.58
CA THR A 57 5.22 11.24 -0.50
C THR A 57 5.69 9.97 0.21
N VAL A 58 5.05 9.66 1.34
CA VAL A 58 5.37 8.46 2.09
C VAL A 58 5.12 7.23 1.21
N ILE A 59 3.94 7.19 0.58
CA ILE A 59 3.59 6.09 -0.33
C ILE A 59 4.67 5.91 -1.39
N ASN A 60 5.14 7.04 -1.94
CA ASN A 60 6.20 7.00 -2.94
C ASN A 60 7.44 6.31 -2.37
N VAL A 61 7.87 6.76 -1.18
CA VAL A 61 9.03 6.18 -0.49
C VAL A 61 8.82 4.68 -0.27
N VAL A 62 7.68 4.32 0.33
CA VAL A 62 7.36 2.92 0.59
C VAL A 62 7.43 2.11 -0.70
N SER A 63 6.76 2.62 -1.74
CA SER A 63 6.77 1.96 -3.05
C SER A 63 8.21 1.84 -3.55
N PHE A 64 8.97 2.92 -3.41
CA PHE A 64 10.38 2.95 -3.84
C PHE A 64 11.16 1.81 -3.18
N ASP A 65 11.19 1.80 -1.84
CA ASP A 65 11.91 0.75 -1.11
C ASP A 65 11.33 -0.63 -1.45
N LEU A 66 10.00 -0.75 -1.37
CA LEU A 66 9.31 -2.00 -1.69
C LEU A 66 9.76 -2.52 -3.06
N PHE A 67 9.85 -1.61 -4.03
CA PHE A 67 10.28 -1.97 -5.38
C PHE A 67 11.64 -2.67 -5.37
N PHE A 68 12.46 -2.39 -4.36
CA PHE A 68 13.77 -3.02 -4.25
C PHE A 68 13.68 -4.38 -3.53
N ILE A 69 12.66 -4.52 -2.67
CA ILE A 69 12.46 -5.76 -1.91
C ILE A 69 11.63 -6.80 -2.67
N ALA A 70 10.49 -6.37 -3.22
CA ALA A 70 9.61 -7.30 -3.94
C ALA A 70 9.11 -6.76 -5.29
N PRO A 71 10.04 -6.42 -6.21
CA PRO A 71 9.66 -5.92 -7.55
C PRO A 71 9.11 -7.03 -8.46
N ARG A 72 9.82 -8.16 -8.48
CA ARG A 72 9.45 -9.32 -9.29
C ARG A 72 10.49 -10.42 -9.15
N GLY A 73 11.77 -10.03 -9.26
CA GLY A 73 12.86 -11.00 -9.13
C GLY A 73 13.39 -11.07 -7.71
N THR A 74 12.50 -11.39 -6.77
CA THR A 74 12.87 -11.50 -5.36
C THR A 74 12.52 -12.90 -4.83
N LEU A 75 13.41 -13.48 -4.03
CA LEU A 75 13.19 -14.81 -3.47
C LEU A 75 13.02 -14.77 -1.96
N ALA A 76 11.99 -15.46 -1.47
CA ALA A 76 11.69 -15.51 -0.05
C ALA A 76 12.57 -16.54 0.68
N VAL A 77 12.65 -16.40 2.00
CA VAL A 77 13.44 -17.29 2.85
C VAL A 77 13.40 -16.83 4.31
N SER A 78 13.42 -15.52 4.51
CA SER A 78 13.39 -14.93 5.84
C SER A 78 11.94 -14.68 6.32
N ASP A 79 11.12 -14.12 5.43
CA ASP A 79 9.72 -13.79 5.73
C ASP A 79 9.60 -12.61 6.70
N VAL A 80 10.41 -12.61 7.76
CA VAL A 80 10.40 -11.53 8.76
C VAL A 80 10.26 -10.15 8.10
N GLN A 81 11.01 -9.93 7.02
CA GLN A 81 10.95 -8.66 6.29
C GLN A 81 9.54 -8.44 5.70
N TYR A 82 8.95 -9.52 5.19
CA TYR A 82 7.59 -9.46 4.64
C TYR A 82 6.60 -9.16 5.76
N LEU A 83 6.69 -9.95 6.83
CA LEU A 83 5.83 -9.79 8.01
C LEU A 83 5.94 -8.36 8.56
N LEU A 84 7.16 -7.93 8.85
CA LEU A 84 7.40 -6.58 9.36
C LEU A 84 6.80 -5.54 8.41
N THR A 85 7.09 -5.70 7.11
CA THR A 85 6.54 -4.80 6.09
C THR A 85 5.02 -4.76 6.20
N PHE A 86 4.41 -5.94 6.36
CA PHE A 86 2.96 -6.04 6.50
C PHE A 86 2.47 -5.18 7.67
N ALA A 87 3.11 -5.35 8.83
CA ALA A 87 2.76 -4.56 10.02
C ALA A 87 2.93 -3.06 9.75
N VAL A 88 4.02 -2.71 9.05
CA VAL A 88 4.28 -1.32 8.72
C VAL A 88 3.17 -0.78 7.80
N MET A 89 2.87 -1.55 6.74
CA MET A 89 1.82 -1.17 5.80
C MET A 89 0.49 -1.00 6.53
N LEU A 90 0.11 -2.01 7.30
CA LEU A 90 -1.13 -1.95 8.08
C LEU A 90 -1.13 -0.70 8.96
N THR A 91 0.01 -0.47 9.64
CA THR A 91 0.16 0.71 10.50
C THR A 91 -0.07 1.99 9.67
N VAL A 92 0.59 2.06 8.51
CA VAL A 92 0.44 3.21 7.62
C VAL A 92 -1.03 3.37 7.26
N GLY A 93 -1.68 2.25 6.91
CA GLY A 93 -3.10 2.29 6.59
C GLY A 93 -3.91 2.86 7.73
N LEU A 94 -3.60 2.42 8.96
CA LEU A 94 -4.27 2.93 10.15
C LEU A 94 -4.15 4.45 10.23
N VAL A 95 -2.93 4.94 10.01
CA VAL A 95 -2.67 6.39 10.02
C VAL A 95 -3.45 7.06 8.89
N ILE A 96 -3.37 6.45 7.70
CA ILE A 96 -4.08 6.96 6.52
C ILE A 96 -5.58 7.08 6.82
N GLY A 97 -6.13 6.04 7.46
CA GLY A 97 -7.54 6.06 7.81
C GLY A 97 -7.86 7.15 8.81
N ASN A 98 -7.02 7.25 9.85
CA ASN A 98 -7.20 8.27 10.88
C ASN A 98 -7.28 9.67 10.27
N LEU A 99 -6.29 10.02 9.45
CA LEU A 99 -6.26 11.34 8.80
C LEU A 99 -7.37 11.47 7.76
N THR A 100 -7.61 10.41 6.98
CA THR A 100 -8.66 10.42 5.95
C THR A 100 -10.02 10.67 6.59
N ALA A 101 -10.29 9.96 7.69
CA ALA A 101 -11.55 10.12 8.42
C ALA A 101 -11.63 11.50 9.07
N GLY A 102 -10.51 11.94 9.67
CA GLY A 102 -10.47 13.25 10.31
C GLY A 102 -10.71 14.37 9.32
N VAL A 103 -10.02 14.32 8.18
CA VAL A 103 -10.18 15.34 7.14
C VAL A 103 -11.60 15.33 6.56
N ARG A 104 -12.23 14.15 6.53
CA ARG A 104 -13.59 14.01 6.01
C ARG A 104 -14.60 14.62 6.99
N TYR A 105 -14.55 15.94 7.16
CA TYR A 105 -15.45 16.66 8.05
C TYR A 105 -15.02 16.49 9.52
N GLN A 106 -14.03 17.28 9.93
CA GLN A 106 -13.50 17.22 11.30
C GLN A 106 -14.33 18.06 12.26
N ALA A 107 -14.47 17.58 13.50
CA ALA A 107 -15.22 18.30 14.54
C ALA A 107 -14.65 17.99 15.92
N MET A 1 -15.59 16.00 -4.66
CA MET A 1 -15.10 15.62 -3.30
C MET A 1 -14.02 14.53 -3.39
N VAL A 2 -13.03 14.60 -2.50
CA VAL A 2 -11.93 13.62 -2.46
C VAL A 2 -11.08 13.70 -3.73
N GLN A 3 -10.01 14.50 -3.68
CA GLN A 3 -9.11 14.67 -4.83
C GLN A 3 -7.63 14.44 -4.43
N ILE A 4 -7.40 13.51 -3.51
CA ILE A 4 -6.05 13.19 -3.04
C ILE A 4 -6.05 11.97 -2.10
N GLN A 5 -6.93 11.99 -1.11
CA GLN A 5 -7.04 10.89 -0.16
C GLN A 5 -8.49 10.75 0.35
N GLY A 6 -8.79 9.60 0.95
CA GLY A 6 -10.14 9.36 1.47
C GLY A 6 -10.71 8.02 1.04
N SER A 7 -11.98 8.01 0.64
CA SER A 7 -12.65 6.78 0.21
C SER A 7 -11.88 6.07 -0.89
N VAL A 8 -11.51 6.82 -1.94
CA VAL A 8 -10.77 6.27 -3.07
C VAL A 8 -9.46 5.61 -2.61
N VAL A 9 -8.66 6.36 -1.84
CA VAL A 9 -7.40 5.85 -1.31
C VAL A 9 -7.64 4.61 -0.43
N ALA A 10 -8.60 4.73 0.50
CA ALA A 10 -8.93 3.61 1.38
C ALA A 10 -9.31 2.38 0.57
N ALA A 11 -10.23 2.56 -0.38
CA ALA A 11 -10.66 1.48 -1.26
C ALA A 11 -9.45 0.85 -1.97
N ALA A 12 -8.62 1.71 -2.57
CA ALA A 12 -7.41 1.26 -3.26
C ALA A 12 -6.53 0.47 -2.29
N LEU A 13 -6.33 1.02 -1.09
CA LEU A 13 -5.55 0.36 -0.06
C LEU A 13 -6.13 -1.03 0.23
N SER A 14 -7.46 -1.07 0.41
CA SER A 14 -8.16 -2.34 0.65
C SER A 14 -7.78 -3.36 -0.42
N ALA A 15 -7.92 -2.96 -1.69
CA ALA A 15 -7.58 -3.82 -2.82
C ALA A 15 -6.13 -4.30 -2.69
N VAL A 16 -5.20 -3.34 -2.56
CA VAL A 16 -3.78 -3.67 -2.40
C VAL A 16 -3.56 -4.66 -1.26
N ILE A 17 -4.25 -4.41 -0.14
CA ILE A 17 -4.15 -5.28 1.03
C ILE A 17 -4.63 -6.69 0.69
N THR A 18 -5.86 -6.80 0.18
CA THR A 18 -6.42 -8.09 -0.21
C THR A 18 -5.51 -8.80 -1.21
N LEU A 19 -4.98 -8.05 -2.17
CA LEU A 19 -4.08 -8.61 -3.18
C LEU A 19 -2.80 -9.13 -2.54
N ILE A 20 -2.10 -8.27 -1.80
CA ILE A 20 -0.86 -8.67 -1.13
C ILE A 20 -1.11 -9.85 -0.18
N ALA A 21 -2.21 -9.78 0.58
CA ALA A 21 -2.58 -10.84 1.50
C ALA A 21 -2.80 -12.16 0.75
N MET A 22 -3.64 -12.10 -0.28
CA MET A 22 -3.92 -13.29 -1.11
C MET A 22 -2.63 -13.96 -1.56
N GLN A 23 -1.72 -13.16 -2.11
CA GLN A 23 -0.42 -13.68 -2.58
C GLN A 23 0.43 -14.16 -1.40
N TRP A 24 0.44 -13.39 -0.32
CA TRP A 24 1.20 -13.76 0.89
C TRP A 24 0.76 -15.14 1.39
N LEU A 25 -0.55 -15.37 1.42
CA LEU A 25 -1.09 -16.64 1.86
C LEU A 25 -1.18 -17.63 0.68
N MET A 26 -0.10 -17.70 -0.11
CA MET A 26 -0.03 -18.58 -1.27
C MET A 26 1.41 -18.74 -1.74
N ALA A 27 1.76 -19.92 -2.22
CA ALA A 27 3.12 -20.19 -2.68
C ALA A 27 3.37 -19.56 -4.06
N PHE A 28 3.57 -18.24 -4.07
CA PHE A 28 3.84 -17.52 -5.31
C PHE A 28 4.93 -16.47 -5.14
N ASP A 29 5.93 -16.52 -6.01
CA ASP A 29 7.05 -15.59 -5.98
C ASP A 29 6.70 -14.24 -6.61
N ALA A 30 7.47 -13.20 -6.28
CA ALA A 30 7.24 -11.85 -6.82
C ALA A 30 7.62 -11.77 -8.30
N ALA A 31 6.97 -12.60 -9.13
CA ALA A 31 7.24 -12.64 -10.56
C ALA A 31 5.96 -12.97 -11.33
N ASN A 32 5.79 -12.32 -12.49
CA ASN A 32 4.60 -12.52 -13.33
C ASN A 32 3.33 -12.01 -12.63
N LEU A 33 2.95 -12.66 -11.54
CA LEU A 33 1.77 -12.25 -10.77
C LEU A 33 1.97 -10.85 -10.17
N VAL A 34 3.18 -10.58 -9.70
CA VAL A 34 3.52 -9.27 -9.12
C VAL A 34 3.12 -8.11 -10.04
N MET A 35 3.11 -8.37 -11.36
CA MET A 35 2.73 -7.35 -12.33
C MET A 35 1.39 -6.72 -11.96
N LEU A 36 0.43 -7.57 -11.58
CA LEU A 36 -0.90 -7.10 -11.17
C LEU A 36 -0.78 -6.16 -9.96
N TYR A 37 -0.01 -6.60 -8.96
CA TYR A 37 0.21 -5.78 -7.76
C TYR A 37 0.92 -4.49 -8.14
N LEU A 38 1.97 -4.60 -8.96
CA LEU A 38 2.72 -3.45 -9.43
C LEU A 38 1.77 -2.44 -10.07
N LEU A 39 0.96 -2.92 -11.01
CA LEU A 39 -0.02 -2.08 -11.67
C LEU A 39 -1.00 -1.50 -10.64
N GLY A 40 -1.49 -2.35 -9.75
CA GLY A 40 -2.41 -1.92 -8.70
C GLY A 40 -1.86 -0.76 -7.90
N VAL A 41 -0.66 -0.94 -7.33
CA VAL A 41 -0.01 0.13 -6.55
C VAL A 41 0.23 1.35 -7.43
N VAL A 42 0.64 1.14 -8.68
CA VAL A 42 0.87 2.23 -9.62
C VAL A 42 -0.41 3.06 -9.78
N VAL A 43 -1.53 2.37 -10.02
CA VAL A 43 -2.83 3.04 -10.15
C VAL A 43 -3.16 3.78 -8.86
N VAL A 44 -3.01 3.08 -7.73
CA VAL A 44 -3.25 3.66 -6.41
C VAL A 44 -2.48 4.97 -6.28
N ALA A 45 -1.18 4.91 -6.57
CA ALA A 45 -0.31 6.08 -6.51
C ALA A 45 -0.76 7.14 -7.53
N LEU A 46 -1.11 6.70 -8.73
CA LEU A 46 -1.59 7.61 -9.77
C LEU A 46 -2.68 8.53 -9.22
N PHE A 47 -3.62 7.94 -8.48
CA PHE A 47 -4.69 8.72 -7.85
C PHE A 47 -4.19 9.37 -6.56
N TYR A 48 -3.34 8.66 -5.84
CA TYR A 48 -2.76 9.14 -4.57
C TYR A 48 -1.94 10.42 -4.76
N GLY A 49 -1.45 10.66 -5.97
CA GLY A 49 -0.64 11.85 -6.25
C GLY A 49 -1.42 13.15 -6.18
N ARG A 50 -1.40 13.92 -7.28
CA ARG A 50 -2.10 15.21 -7.35
C ARG A 50 -1.49 16.22 -6.37
N TRP A 51 -1.65 15.96 -5.08
CA TRP A 51 -1.10 16.83 -4.04
C TRP A 51 -0.27 16.00 -3.06
N PRO A 52 0.90 15.52 -3.50
CA PRO A 52 1.79 14.69 -2.69
C PRO A 52 2.35 15.43 -1.46
N SER A 53 1.47 15.70 -0.49
CA SER A 53 1.88 16.39 0.74
C SER A 53 2.99 15.62 1.46
N VAL A 54 2.71 14.36 1.79
CA VAL A 54 3.68 13.50 2.48
C VAL A 54 3.42 12.02 2.18
N VAL A 55 2.24 11.54 2.57
CA VAL A 55 1.84 10.14 2.35
C VAL A 55 2.17 9.66 0.93
N ALA A 56 1.89 10.50 -0.07
CA ALA A 56 2.17 10.14 -1.46
C ALA A 56 3.64 9.75 -1.63
N THR A 57 4.54 10.61 -1.16
CA THR A 57 5.98 10.34 -1.23
C THR A 57 6.30 9.05 -0.47
N VAL A 58 5.70 8.92 0.72
CA VAL A 58 5.90 7.73 1.56
C VAL A 58 5.53 6.47 0.78
N ILE A 59 4.33 6.45 0.22
CA ILE A 59 3.86 5.30 -0.57
C ILE A 59 4.78 5.07 -1.77
N ASN A 60 5.12 6.17 -2.47
CA ASN A 60 6.02 6.09 -3.62
C ASN A 60 7.33 5.42 -3.21
N VAL A 61 7.88 5.86 -2.07
CA VAL A 61 9.13 5.30 -1.55
C VAL A 61 8.92 3.84 -1.14
N VAL A 62 7.85 3.57 -0.40
CA VAL A 62 7.53 2.22 0.04
C VAL A 62 7.46 1.26 -1.14
N SER A 63 6.75 1.68 -2.20
CA SER A 63 6.61 0.87 -3.41
C SER A 63 7.99 0.62 -4.03
N PHE A 64 8.72 1.71 -4.28
CA PHE A 64 10.06 1.63 -4.86
C PHE A 64 10.94 0.68 -4.04
N ASP A 65 10.91 0.86 -2.72
CA ASP A 65 11.68 0.02 -1.80
C ASP A 65 11.26 -1.45 -1.92
N LEU A 66 9.97 -1.70 -1.64
CA LEU A 66 9.41 -3.06 -1.72
C LEU A 66 9.87 -3.80 -2.98
N PHE A 67 9.89 -3.07 -4.11
CA PHE A 67 10.33 -3.65 -5.39
C PHE A 67 11.53 -4.59 -5.23
N PHE A 68 12.45 -4.25 -4.32
CA PHE A 68 13.64 -5.07 -4.09
C PHE A 68 13.70 -5.60 -2.64
N ILE A 69 12.53 -5.83 -2.04
CA ILE A 69 12.46 -6.35 -0.66
C ILE A 69 12.02 -7.81 -0.63
N ALA A 70 10.94 -8.11 -1.36
CA ALA A 70 10.40 -9.47 -1.42
C ALA A 70 11.48 -10.50 -1.80
N PRO A 71 11.83 -11.40 -0.86
CA PRO A 71 12.85 -12.44 -1.09
C PRO A 71 12.39 -13.50 -2.10
N ARG A 72 12.08 -13.05 -3.31
CA ARG A 72 11.62 -13.93 -4.39
C ARG A 72 10.24 -14.50 -4.07
N GLY A 73 10.16 -15.41 -3.10
CA GLY A 73 8.89 -15.99 -2.70
C GLY A 73 8.11 -15.10 -1.75
N THR A 74 6.97 -14.60 -2.21
CA THR A 74 6.13 -13.71 -1.40
C THR A 74 5.45 -14.46 -0.24
N LEU A 75 6.25 -15.08 0.62
CA LEU A 75 5.72 -15.82 1.77
C LEU A 75 6.83 -16.13 2.79
N ALA A 76 7.85 -16.86 2.33
CA ALA A 76 8.98 -17.23 3.20
C ALA A 76 8.51 -18.03 4.42
N VAL A 77 9.35 -18.10 5.45
CA VAL A 77 9.01 -18.85 6.66
C VAL A 77 8.88 -17.93 7.88
N SER A 78 9.88 -17.06 8.08
CA SER A 78 9.87 -16.11 9.20
C SER A 78 10.66 -14.85 8.85
N ASP A 79 10.04 -13.98 8.05
CA ASP A 79 10.69 -12.74 7.63
C ASP A 79 10.39 -11.60 8.60
N VAL A 80 11.35 -11.32 9.49
CA VAL A 80 11.22 -10.24 10.46
C VAL A 80 10.92 -8.91 9.77
N GLN A 81 11.64 -8.63 8.69
CA GLN A 81 11.44 -7.40 7.92
C GLN A 81 10.01 -7.36 7.39
N TYR A 82 9.61 -8.44 6.72
CA TYR A 82 8.25 -8.55 6.18
C TYR A 82 7.21 -8.28 7.27
N LEU A 83 7.39 -8.92 8.43
CA LEU A 83 6.50 -8.71 9.56
C LEU A 83 6.40 -7.21 9.86
N LEU A 84 7.56 -6.56 9.90
CA LEU A 84 7.63 -5.12 10.12
C LEU A 84 6.88 -4.39 9.01
N THR A 85 7.11 -4.83 7.76
CA THR A 85 6.43 -4.26 6.59
C THR A 85 4.92 -4.27 6.80
N PHE A 86 4.39 -5.42 7.22
CA PHE A 86 2.95 -5.56 7.47
C PHE A 86 2.52 -4.59 8.56
N ALA A 87 3.27 -4.56 9.66
CA ALA A 87 2.97 -3.65 10.78
C ALA A 87 2.94 -2.21 10.30
N VAL A 88 3.95 -1.82 9.52
CA VAL A 88 4.04 -0.47 8.98
C VAL A 88 2.87 -0.20 8.03
N MET A 89 2.69 -1.08 7.05
CA MET A 89 1.61 -0.95 6.07
C MET A 89 0.26 -0.80 6.79
N LEU A 90 -0.02 -1.73 7.70
CA LEU A 90 -1.27 -1.68 8.48
C LEU A 90 -1.37 -0.34 9.22
N THR A 91 -0.30 0.03 9.92
CA THR A 91 -0.25 1.31 10.65
C THR A 91 -0.56 2.46 9.69
N VAL A 92 0.06 2.44 8.52
CA VAL A 92 -0.16 3.45 7.49
C VAL A 92 -1.64 3.56 7.18
N GLY A 93 -2.26 2.42 6.87
CA GLY A 93 -3.69 2.39 6.59
C GLY A 93 -4.49 3.00 7.72
N LEU A 94 -4.17 2.60 8.94
CA LEU A 94 -4.84 3.12 10.13
C LEU A 94 -4.75 4.65 10.16
N VAL A 95 -3.54 5.17 9.92
CA VAL A 95 -3.31 6.61 9.89
C VAL A 95 -4.12 7.25 8.76
N ILE A 96 -4.01 6.68 7.56
CA ILE A 96 -4.76 7.19 6.40
C ILE A 96 -6.26 7.19 6.69
N GLY A 97 -6.73 6.18 7.41
CA GLY A 97 -8.13 6.11 7.77
C GLY A 97 -8.50 7.22 8.72
N ASN A 98 -7.73 7.34 9.81
CA ASN A 98 -7.95 8.39 10.80
C ASN A 98 -7.93 9.76 10.13
N LEU A 99 -6.90 9.99 9.30
CA LEU A 99 -6.78 11.24 8.56
C LEU A 99 -7.99 11.45 7.66
N THR A 100 -8.39 10.39 6.94
CA THR A 100 -9.56 10.45 6.05
C THR A 100 -10.78 10.96 6.82
N ALA A 101 -10.96 10.46 8.04
CA ALA A 101 -12.07 10.86 8.89
C ALA A 101 -11.94 12.31 9.33
N GLY A 102 -10.72 12.73 9.69
CA GLY A 102 -10.47 14.09 10.13
C GLY A 102 -10.62 15.12 9.02
N VAL A 103 -9.91 14.88 7.90
CA VAL A 103 -9.96 15.79 6.75
C VAL A 103 -11.39 16.04 6.28
N ARG A 104 -12.31 15.10 6.56
CA ARG A 104 -13.71 15.25 6.18
C ARG A 104 -14.30 16.59 6.62
N TYR A 105 -13.73 17.17 7.69
CA TYR A 105 -14.19 18.46 8.21
C TYR A 105 -13.72 19.64 7.33
N GLN A 106 -12.96 19.34 6.25
CA GLN A 106 -12.46 20.38 5.35
C GLN A 106 -12.87 20.10 3.90
N ALA A 107 -13.39 21.11 3.21
CA ALA A 107 -13.81 20.96 1.83
C ALA A 107 -13.91 22.31 1.12
N MET A 1 -16.59 10.22 -1.33
CA MET A 1 -16.74 10.82 -2.69
C MET A 1 -15.97 12.13 -2.81
N VAL A 2 -14.74 12.04 -3.33
CA VAL A 2 -13.88 13.22 -3.49
C VAL A 2 -13.40 13.73 -2.13
N GLN A 3 -12.19 13.32 -1.73
CA GLN A 3 -11.63 13.74 -0.45
C GLN A 3 -10.11 13.60 -0.44
N ILE A 4 -9.46 14.12 0.61
CA ILE A 4 -8.00 14.07 0.74
C ILE A 4 -7.43 12.70 0.34
N GLN A 5 -8.11 11.63 0.76
CA GLN A 5 -7.67 10.27 0.46
C GLN A 5 -8.78 9.25 0.77
N GLY A 6 -9.87 9.31 0.01
CA GLY A 6 -11.00 8.40 0.25
C GLY A 6 -11.04 7.19 -0.68
N SER A 7 -12.05 7.15 -1.55
CA SER A 7 -12.26 6.03 -2.49
C SER A 7 -10.94 5.44 -3.01
N VAL A 8 -10.09 6.29 -3.57
CA VAL A 8 -8.80 5.84 -4.10
C VAL A 8 -7.99 5.06 -3.05
N VAL A 9 -7.96 5.58 -1.83
CA VAL A 9 -7.24 4.92 -0.73
C VAL A 9 -7.96 3.64 -0.29
N ALA A 10 -9.29 3.73 -0.16
CA ALA A 10 -10.08 2.56 0.23
C ALA A 10 -9.87 1.42 -0.75
N ALA A 11 -9.97 1.73 -2.05
CA ALA A 11 -9.77 0.73 -3.10
C ALA A 11 -8.32 0.26 -3.12
N ALA A 12 -7.38 1.21 -3.10
CA ALA A 12 -5.95 0.89 -3.09
C ALA A 12 -5.60 -0.03 -1.92
N LEU A 13 -5.85 0.45 -0.70
CA LEU A 13 -5.56 -0.33 0.51
C LEU A 13 -6.22 -1.71 0.44
N SER A 14 -7.53 -1.74 0.19
CA SER A 14 -8.28 -2.99 0.09
C SER A 14 -7.62 -3.92 -0.94
N ALA A 15 -7.40 -3.39 -2.15
CA ALA A 15 -6.75 -4.13 -3.22
C ALA A 15 -5.41 -4.73 -2.76
N VAL A 16 -4.58 -3.89 -2.13
CA VAL A 16 -3.29 -4.34 -1.62
C VAL A 16 -3.47 -5.50 -0.64
N ILE A 17 -4.38 -5.32 0.31
CA ILE A 17 -4.68 -6.36 1.30
C ILE A 17 -5.12 -7.65 0.61
N THR A 18 -6.09 -7.53 -0.30
CA THR A 18 -6.59 -8.69 -1.04
C THR A 18 -5.47 -9.38 -1.81
N LEU A 19 -4.67 -8.59 -2.52
CA LEU A 19 -3.53 -9.12 -3.29
C LEU A 19 -2.55 -9.84 -2.36
N ILE A 20 -2.12 -9.15 -1.30
CA ILE A 20 -1.19 -9.74 -0.33
C ILE A 20 -1.77 -11.03 0.27
N ALA A 21 -3.03 -10.96 0.71
CA ALA A 21 -3.71 -12.11 1.28
C ALA A 21 -3.72 -13.27 0.27
N MET A 22 -4.24 -13.00 -0.93
CA MET A 22 -4.29 -14.01 -1.98
C MET A 22 -2.90 -14.58 -2.23
N GLN A 23 -1.91 -13.69 -2.33
CA GLN A 23 -0.51 -14.08 -2.54
C GLN A 23 -0.09 -15.16 -1.54
N TRP A 24 -0.35 -14.89 -0.26
CA TRP A 24 -0.01 -15.84 0.80
C TRP A 24 -0.92 -17.07 0.75
N LEU A 25 -2.20 -16.85 0.44
CA LEU A 25 -3.18 -17.94 0.37
C LEU A 25 -2.82 -18.94 -0.73
N MET A 26 -2.70 -18.44 -1.97
CA MET A 26 -2.35 -19.31 -3.10
C MET A 26 -1.90 -18.49 -4.32
N ALA A 27 -0.65 -18.00 -4.26
CA ALA A 27 -0.09 -17.22 -5.36
C ALA A 27 1.44 -17.13 -5.25
N PHE A 28 2.06 -16.28 -6.07
CA PHE A 28 3.51 -16.13 -6.05
C PHE A 28 3.93 -14.75 -5.52
N ASP A 29 5.24 -14.61 -5.25
CA ASP A 29 5.81 -13.36 -4.72
C ASP A 29 5.13 -12.12 -5.30
N ALA A 30 4.39 -11.40 -4.46
CA ALA A 30 3.69 -10.18 -4.86
C ALA A 30 2.76 -10.39 -6.07
N ALA A 31 2.31 -11.63 -6.29
CA ALA A 31 1.41 -11.96 -7.41
C ALA A 31 2.06 -11.65 -8.76
N ASN A 32 3.36 -11.96 -8.88
CA ASN A 32 4.12 -11.75 -10.11
C ASN A 32 4.39 -10.26 -10.36
N LEU A 33 5.37 -9.98 -11.21
CA LEU A 33 5.73 -8.61 -11.55
C LEU A 33 5.01 -8.13 -12.81
N VAL A 34 3.67 -8.18 -12.77
CA VAL A 34 2.84 -7.75 -13.89
C VAL A 34 1.45 -7.34 -13.42
N MET A 35 0.67 -8.31 -12.93
CA MET A 35 -0.67 -8.01 -12.41
C MET A 35 -0.58 -7.05 -11.24
N LEU A 36 0.24 -7.40 -10.25
CA LEU A 36 0.43 -6.54 -9.07
C LEU A 36 1.02 -5.20 -9.48
N TYR A 37 1.93 -5.19 -10.46
CA TYR A 37 2.53 -3.95 -10.92
C TYR A 37 1.46 -3.04 -11.54
N LEU A 38 0.73 -3.57 -12.53
CA LEU A 38 -0.33 -2.80 -13.19
C LEU A 38 -1.39 -2.36 -12.17
N LEU A 39 -1.94 -3.34 -11.43
CA LEU A 39 -2.96 -3.06 -10.42
C LEU A 39 -2.44 -2.04 -9.39
N GLY A 40 -1.29 -2.34 -8.80
CA GLY A 40 -0.68 -1.46 -7.82
C GLY A 40 -0.43 -0.06 -8.35
N VAL A 41 0.22 0.04 -9.51
CA VAL A 41 0.50 1.33 -10.12
C VAL A 41 -0.80 2.11 -10.35
N VAL A 42 -1.83 1.42 -10.87
CA VAL A 42 -3.12 2.05 -11.13
C VAL A 42 -3.71 2.67 -9.86
N VAL A 43 -3.95 1.84 -8.84
CA VAL A 43 -4.51 2.32 -7.57
C VAL A 43 -3.58 3.35 -6.92
N VAL A 44 -2.27 3.07 -6.91
CA VAL A 44 -1.29 3.99 -6.34
C VAL A 44 -1.40 5.36 -7.01
N ALA A 45 -1.39 5.38 -8.34
CA ALA A 45 -1.51 6.62 -9.09
C ALA A 45 -2.86 7.28 -8.80
N LEU A 46 -3.93 6.49 -8.88
CA LEU A 46 -5.28 6.98 -8.62
C LEU A 46 -5.35 7.66 -7.24
N PHE A 47 -4.75 7.02 -6.24
CA PHE A 47 -4.74 7.56 -4.88
C PHE A 47 -3.82 8.78 -4.77
N TYR A 48 -2.57 8.62 -5.22
CA TYR A 48 -1.58 9.70 -5.17
C TYR A 48 -2.09 10.97 -5.88
N GLY A 49 -2.95 10.80 -6.89
CA GLY A 49 -3.48 11.95 -7.61
C GLY A 49 -4.36 12.83 -6.74
N ARG A 50 -3.78 13.34 -5.65
CA ARG A 50 -4.50 14.21 -4.71
C ARG A 50 -3.51 14.93 -3.78
N TRP A 51 -2.40 15.42 -4.37
CA TRP A 51 -1.35 16.13 -3.62
C TRP A 51 -0.48 15.15 -2.84
N PRO A 52 0.84 15.41 -2.76
CA PRO A 52 1.78 14.53 -2.02
C PRO A 52 1.50 14.54 -0.51
N SER A 53 1.18 15.71 0.03
CA SER A 53 0.87 15.88 1.45
C SER A 53 1.94 15.27 2.37
N VAL A 54 3.15 15.07 1.85
CA VAL A 54 4.25 14.50 2.63
C VAL A 54 3.98 13.05 3.04
N VAL A 55 2.93 12.84 3.85
CA VAL A 55 2.54 11.51 4.32
C VAL A 55 2.39 10.52 3.15
N ALA A 56 1.66 10.92 2.12
CA ALA A 56 1.46 10.06 0.95
C ALA A 56 2.79 9.72 0.28
N THR A 57 3.61 10.75 0.07
CA THR A 57 4.92 10.58 -0.56
C THR A 57 5.81 9.63 0.25
N VAL A 58 6.00 9.94 1.54
CA VAL A 58 6.83 9.09 2.41
C VAL A 58 6.29 7.65 2.46
N ILE A 59 4.98 7.51 2.58
CA ILE A 59 4.35 6.20 2.63
C ILE A 59 4.57 5.44 1.32
N ASN A 60 4.09 6.01 0.21
CA ASN A 60 4.23 5.39 -1.11
C ASN A 60 5.69 5.05 -1.42
N VAL A 61 6.58 6.02 -1.20
CA VAL A 61 8.01 5.83 -1.46
C VAL A 61 8.57 4.70 -0.60
N VAL A 62 8.59 4.90 0.73
CA VAL A 62 9.10 3.88 1.65
C VAL A 62 8.54 2.50 1.32
N SER A 63 7.22 2.43 1.11
CA SER A 63 6.55 1.16 0.78
C SER A 63 7.17 0.54 -0.47
N PHE A 64 7.16 1.28 -1.58
CA PHE A 64 7.72 0.80 -2.84
C PHE A 64 9.21 0.45 -2.68
N ASP A 65 9.99 1.37 -2.14
CA ASP A 65 11.42 1.17 -1.92
C ASP A 65 11.69 -0.08 -1.07
N LEU A 66 10.90 -0.26 -0.01
CA LEU A 66 11.05 -1.42 0.88
C LEU A 66 10.66 -2.71 0.17
N PHE A 67 9.52 -2.70 -0.52
CA PHE A 67 9.04 -3.88 -1.23
C PHE A 67 10.09 -4.39 -2.23
N PHE A 68 10.71 -5.52 -1.91
CA PHE A 68 11.74 -6.10 -2.76
C PHE A 68 11.17 -7.22 -3.63
N ILE A 69 10.66 -8.28 -2.99
CA ILE A 69 10.09 -9.41 -3.73
C ILE A 69 8.60 -9.57 -3.45
N ALA A 70 8.22 -9.66 -2.16
CA ALA A 70 6.83 -9.82 -1.78
C ALA A 70 6.47 -8.93 -0.59
N PRO A 71 5.23 -8.38 -0.56
CA PRO A 71 4.77 -7.51 0.54
C PRO A 71 4.66 -8.25 1.89
N ARG A 72 4.60 -9.58 1.84
CA ARG A 72 4.50 -10.40 3.05
C ARG A 72 4.39 -11.89 2.67
N GLY A 73 5.45 -12.41 2.06
CA GLY A 73 5.47 -13.81 1.64
C GLY A 73 6.29 -14.03 0.39
N THR A 74 7.61 -14.15 0.57
CA THR A 74 8.53 -14.37 -0.55
C THR A 74 9.56 -15.44 -0.21
N LEU A 75 10.50 -15.12 0.67
CA LEU A 75 11.53 -16.06 1.08
C LEU A 75 11.22 -16.65 2.46
N ALA A 76 11.83 -17.80 2.76
CA ALA A 76 11.61 -18.47 4.04
C ALA A 76 12.27 -17.69 5.18
N VAL A 77 11.81 -16.46 5.39
CA VAL A 77 12.35 -15.59 6.44
C VAL A 77 11.23 -14.83 7.16
N SER A 78 11.14 -15.03 8.47
CA SER A 78 10.12 -14.37 9.28
C SER A 78 10.43 -12.88 9.41
N ASP A 79 11.68 -12.55 9.72
CA ASP A 79 12.12 -11.16 9.86
C ASP A 79 11.56 -10.31 8.72
N VAL A 80 11.74 -10.79 7.49
CA VAL A 80 11.26 -10.09 6.30
C VAL A 80 9.74 -9.90 6.36
N GLN A 81 9.01 -11.00 6.59
CA GLN A 81 7.55 -10.94 6.68
C GLN A 81 7.10 -10.08 7.87
N TYR A 82 7.85 -10.16 8.98
CA TYR A 82 7.54 -9.38 10.17
C TYR A 82 7.71 -7.88 9.88
N LEU A 83 8.91 -7.50 9.40
CA LEU A 83 9.18 -6.11 9.05
C LEU A 83 8.19 -5.63 7.99
N LEU A 84 7.98 -6.44 6.96
CA LEU A 84 7.02 -6.11 5.90
C LEU A 84 5.63 -5.87 6.49
N THR A 85 5.15 -6.84 7.28
CA THR A 85 3.83 -6.73 7.93
C THR A 85 3.76 -5.45 8.75
N PHE A 86 4.82 -5.18 9.51
CA PHE A 86 4.88 -3.95 10.33
C PHE A 86 4.79 -2.72 9.42
N ALA A 87 5.57 -2.73 8.34
CA ALA A 87 5.60 -1.64 7.38
C ALA A 87 4.21 -1.40 6.77
N VAL A 88 3.58 -2.47 6.27
CA VAL A 88 2.25 -2.36 5.68
C VAL A 88 1.22 -1.92 6.73
N MET A 89 1.27 -2.56 7.90
CA MET A 89 0.36 -2.22 9.00
C MET A 89 0.47 -0.74 9.36
N LEU A 90 1.70 -0.30 9.65
CA LEU A 90 1.97 1.10 9.98
C LEU A 90 1.49 2.00 8.83
N THR A 91 1.83 1.61 7.60
CA THR A 91 1.42 2.36 6.41
C THR A 91 -0.10 2.53 6.42
N VAL A 92 -0.83 1.42 6.58
CA VAL A 92 -2.29 1.45 6.61
C VAL A 92 -2.78 2.40 7.71
N GLY A 93 -2.27 2.22 8.93
CA GLY A 93 -2.66 3.07 10.05
C GLY A 93 -2.41 4.54 9.76
N LEU A 94 -1.22 4.86 9.26
CA LEU A 94 -0.85 6.23 8.93
C LEU A 94 -1.79 6.81 7.87
N VAL A 95 -2.03 6.03 6.82
CA VAL A 95 -2.91 6.45 5.73
C VAL A 95 -4.36 6.60 6.21
N ILE A 96 -4.94 5.50 6.72
CA ILE A 96 -6.31 5.50 7.21
C ILE A 96 -6.53 6.63 8.24
N GLY A 97 -5.57 6.79 9.16
CA GLY A 97 -5.70 7.84 10.15
C GLY A 97 -5.71 9.22 9.54
N ASN A 98 -4.71 9.52 8.71
CA ASN A 98 -4.60 10.81 8.04
C ASN A 98 -5.85 11.09 7.17
N LEU A 99 -6.21 10.14 6.31
CA LEU A 99 -7.37 10.31 5.43
C LEU A 99 -8.66 10.46 6.25
N THR A 100 -8.87 9.58 7.24
CA THR A 100 -10.07 9.64 8.08
C THR A 100 -10.19 11.00 8.75
N ALA A 101 -9.10 11.46 9.36
CA ALA A 101 -9.10 12.75 10.04
C ALA A 101 -9.32 13.89 9.04
N GLY A 102 -8.50 13.91 7.99
CA GLY A 102 -8.62 14.94 6.96
C GLY A 102 -10.02 15.04 6.37
N VAL A 103 -10.58 13.89 5.97
CA VAL A 103 -11.92 13.86 5.38
C VAL A 103 -13.00 14.26 6.40
N ARG A 104 -12.87 13.77 7.64
CA ARG A 104 -13.83 14.08 8.69
C ARG A 104 -13.74 15.56 9.08
N TYR A 105 -12.51 16.06 9.23
CA TYR A 105 -12.26 17.45 9.61
C TYR A 105 -12.51 17.70 11.09
N GLN A 106 -11.60 18.44 11.71
CA GLN A 106 -11.70 18.77 13.14
C GLN A 106 -11.22 20.19 13.41
N ALA A 107 -11.70 21.14 12.59
CA ALA A 107 -11.33 22.54 12.71
C ALA A 107 -12.27 23.43 11.90
N MET A 1 -16.46 9.41 -1.11
CA MET A 1 -16.10 10.75 -1.66
C MET A 1 -14.77 10.70 -2.42
N VAL A 2 -14.59 11.62 -3.37
CA VAL A 2 -13.36 11.69 -4.16
C VAL A 2 -12.52 12.90 -3.78
N GLN A 3 -11.36 12.63 -3.18
CA GLN A 3 -10.44 13.70 -2.75
C GLN A 3 -9.10 13.10 -2.32
N ILE A 4 -8.10 13.95 -2.11
CA ILE A 4 -6.78 13.49 -1.68
C ILE A 4 -6.90 12.67 -0.38
N GLN A 5 -6.58 11.37 -0.49
CA GLN A 5 -6.67 10.43 0.63
C GLN A 5 -8.10 10.36 1.19
N GLY A 6 -9.01 9.78 0.41
CA GLY A 6 -10.41 9.67 0.82
C GLY A 6 -10.97 8.25 0.71
N SER A 7 -12.29 8.16 0.48
CA SER A 7 -12.97 6.86 0.36
C SER A 7 -12.28 5.96 -0.68
N VAL A 8 -12.06 6.50 -1.87
CA VAL A 8 -11.40 5.74 -2.93
C VAL A 8 -10.05 5.21 -2.46
N VAL A 9 -9.34 6.05 -1.70
CA VAL A 9 -8.03 5.67 -1.15
C VAL A 9 -8.18 4.49 -0.20
N ALA A 10 -9.14 4.60 0.73
CA ALA A 10 -9.41 3.51 1.68
C ALA A 10 -9.79 2.24 0.94
N ALA A 11 -10.72 2.38 -0.01
CA ALA A 11 -11.17 1.24 -0.83
C ALA A 11 -9.98 0.62 -1.56
N ALA A 12 -9.17 1.47 -2.20
CA ALA A 12 -7.99 1.02 -2.91
C ALA A 12 -7.04 0.29 -1.96
N LEU A 13 -6.78 0.91 -0.80
CA LEU A 13 -5.92 0.32 0.22
C LEU A 13 -6.44 -1.08 0.60
N SER A 14 -7.74 -1.14 0.93
CA SER A 14 -8.38 -2.40 1.29
C SER A 14 -8.24 -3.42 0.15
N ALA A 15 -8.50 -2.96 -1.08
CA ALA A 15 -8.37 -3.80 -2.26
C ALA A 15 -6.95 -4.35 -2.37
N VAL A 16 -5.96 -3.46 -2.22
CA VAL A 16 -4.56 -3.87 -2.28
C VAL A 16 -4.26 -4.95 -1.27
N ILE A 17 -4.54 -4.68 0.01
CA ILE A 17 -4.32 -5.66 1.08
C ILE A 17 -5.02 -6.98 0.74
N THR A 18 -6.24 -6.87 0.22
CA THR A 18 -7.02 -8.04 -0.18
C THR A 18 -6.28 -8.80 -1.28
N LEU A 19 -5.78 -8.05 -2.27
CA LEU A 19 -5.01 -8.63 -3.37
C LEU A 19 -3.77 -9.33 -2.83
N ILE A 20 -3.09 -8.66 -1.89
CA ILE A 20 -1.89 -9.24 -1.28
C ILE A 20 -2.22 -10.60 -0.69
N ALA A 21 -3.31 -10.67 0.08
CA ALA A 21 -3.75 -11.92 0.67
C ALA A 21 -4.00 -12.97 -0.40
N MET A 22 -4.72 -12.59 -1.46
CA MET A 22 -5.01 -13.49 -2.58
C MET A 22 -3.71 -14.00 -3.23
N GLN A 23 -2.84 -13.05 -3.60
CA GLN A 23 -1.56 -13.39 -4.20
C GLN A 23 -0.76 -14.32 -3.31
N TRP A 24 -0.61 -13.93 -2.03
CA TRP A 24 0.12 -14.75 -1.06
C TRP A 24 -0.51 -16.15 -0.93
N LEU A 25 -1.84 -16.19 -0.91
CA LEU A 25 -2.56 -17.46 -0.81
C LEU A 25 -2.29 -18.35 -2.03
N MET A 26 -2.03 -17.74 -3.18
CA MET A 26 -1.76 -18.47 -4.42
C MET A 26 -0.25 -18.72 -4.59
N ALA A 27 0.56 -17.71 -4.34
CA ALA A 27 2.01 -17.83 -4.48
C ALA A 27 2.74 -17.20 -3.28
N PHE A 28 3.98 -17.65 -3.04
CA PHE A 28 4.78 -17.12 -1.92
C PHE A 28 6.04 -16.40 -2.42
N ASP A 29 5.99 -15.90 -3.66
CA ASP A 29 7.13 -15.19 -4.24
C ASP A 29 6.92 -13.67 -4.22
N ALA A 30 8.01 -12.94 -4.41
CA ALA A 30 7.95 -11.47 -4.43
C ALA A 30 8.35 -10.93 -5.81
N ALA A 31 8.02 -11.70 -6.86
CA ALA A 31 8.32 -11.30 -8.23
C ALA A 31 7.02 -11.16 -9.03
N ASN A 32 6.38 -12.29 -9.33
CA ASN A 32 5.11 -12.29 -10.05
C ASN A 32 4.03 -11.61 -9.22
N LEU A 33 4.03 -11.89 -7.91
CA LEU A 33 3.06 -11.30 -6.99
C LEU A 33 3.34 -9.81 -6.78
N VAL A 34 4.62 -9.47 -6.58
CA VAL A 34 5.02 -8.08 -6.38
C VAL A 34 4.67 -7.23 -7.60
N MET A 35 4.95 -7.74 -8.80
CA MET A 35 4.65 -7.02 -10.04
C MET A 35 3.20 -6.52 -10.02
N LEU A 36 2.26 -7.45 -9.84
CA LEU A 36 0.84 -7.10 -9.77
C LEU A 36 0.59 -6.19 -8.57
N TYR A 37 1.13 -6.57 -7.40
CA TYR A 37 0.99 -5.78 -6.19
C TYR A 37 1.43 -4.33 -6.45
N LEU A 38 2.64 -4.17 -6.99
CA LEU A 38 3.16 -2.84 -7.30
C LEU A 38 2.25 -2.16 -8.32
N LEU A 39 1.80 -2.92 -9.34
CA LEU A 39 0.90 -2.39 -10.35
C LEU A 39 -0.31 -1.75 -9.65
N GLY A 40 -0.89 -2.51 -8.69
CA GLY A 40 -2.01 -2.01 -7.91
C GLY A 40 -1.62 -0.78 -7.14
N VAL A 41 -0.43 -0.82 -6.51
CA VAL A 41 0.09 0.31 -5.75
C VAL A 41 0.17 1.55 -6.65
N VAL A 42 0.61 1.35 -7.90
CA VAL A 42 0.71 2.43 -8.87
C VAL A 42 -0.67 3.02 -9.12
N VAL A 43 -1.66 2.15 -9.35
CA VAL A 43 -3.04 2.59 -9.57
C VAL A 43 -3.51 3.38 -8.35
N VAL A 44 -3.30 2.82 -7.16
CA VAL A 44 -3.67 3.48 -5.91
C VAL A 44 -3.00 4.85 -5.83
N ALA A 45 -1.68 4.87 -6.05
CA ALA A 45 -0.91 6.11 -6.02
C ALA A 45 -1.47 7.11 -7.02
N LEU A 46 -1.77 6.64 -8.24
CA LEU A 46 -2.36 7.48 -9.28
C LEU A 46 -3.60 8.18 -8.74
N PHE A 47 -4.50 7.40 -8.14
CA PHE A 47 -5.74 7.95 -7.56
C PHE A 47 -5.44 8.75 -6.28
N TYR A 48 -4.28 8.49 -5.68
CA TYR A 48 -3.85 9.18 -4.45
C TYR A 48 -3.33 10.60 -4.73
N GLY A 49 -3.26 11.00 -6.00
CA GLY A 49 -2.75 12.32 -6.35
C GLY A 49 -3.68 13.45 -5.97
N ARG A 50 -3.46 14.62 -6.59
CA ARG A 50 -4.27 15.82 -6.33
C ARG A 50 -3.84 16.50 -5.02
N TRP A 51 -3.14 17.64 -5.16
CA TRP A 51 -2.66 18.40 -4.00
C TRP A 51 -1.58 17.62 -3.23
N PRO A 52 -0.30 17.80 -3.61
CA PRO A 52 0.83 17.12 -2.96
C PRO A 52 0.96 17.47 -1.47
N SER A 53 1.05 16.45 -0.63
CA SER A 53 1.18 16.65 0.82
C SER A 53 2.55 16.18 1.32
N VAL A 54 2.63 14.89 1.65
CA VAL A 54 3.87 14.27 2.15
C VAL A 54 3.68 12.78 2.39
N VAL A 55 2.56 12.43 3.06
CA VAL A 55 2.24 11.02 3.33
C VAL A 55 2.25 10.22 2.03
N ALA A 56 1.56 10.74 1.00
CA ALA A 56 1.53 10.08 -0.30
C ALA A 56 2.95 9.83 -0.81
N THR A 57 3.82 10.83 -0.63
CA THR A 57 5.21 10.71 -1.05
C THR A 57 5.91 9.61 -0.25
N VAL A 58 5.74 9.67 1.09
CA VAL A 58 6.34 8.67 1.98
C VAL A 58 5.87 7.27 1.61
N ILE A 59 4.55 7.07 1.59
CA ILE A 59 3.98 5.77 1.25
C ILE A 59 4.42 5.35 -0.16
N ASN A 60 4.42 6.29 -1.11
CA ASN A 60 4.85 6.00 -2.48
C ASN A 60 6.26 5.42 -2.45
N VAL A 61 7.16 6.15 -1.77
CA VAL A 61 8.55 5.70 -1.63
C VAL A 61 8.59 4.29 -1.03
N VAL A 62 7.82 4.10 0.06
CA VAL A 62 7.74 2.79 0.71
C VAL A 62 7.47 1.70 -0.32
N SER A 63 6.42 1.86 -1.11
CA SER A 63 6.08 0.90 -2.16
C SER A 63 7.23 0.75 -3.16
N PHE A 64 7.82 1.89 -3.54
CA PHE A 64 8.94 1.90 -4.47
C PHE A 64 10.06 1.00 -3.96
N ASP A 65 10.56 1.31 -2.75
CA ASP A 65 11.62 0.52 -2.15
C ASP A 65 11.14 -0.93 -1.91
N LEU A 66 9.87 -1.07 -1.53
CA LEU A 66 9.27 -2.38 -1.28
C LEU A 66 9.21 -3.21 -2.56
N PHE A 67 9.23 -2.55 -3.73
CA PHE A 67 9.17 -3.23 -5.03
C PHE A 67 10.35 -4.21 -5.20
N PHE A 68 10.31 -5.30 -4.43
CA PHE A 68 11.34 -6.34 -4.45
C PHE A 68 11.04 -7.39 -3.36
N ILE A 69 10.72 -6.91 -2.16
CA ILE A 69 10.38 -7.79 -1.03
C ILE A 69 9.08 -7.32 -0.38
N ALA A 70 7.96 -7.96 -0.74
CA ALA A 70 6.65 -7.59 -0.21
C ALA A 70 6.25 -8.44 0.99
N PRO A 71 5.49 -7.85 1.94
CA PRO A 71 5.01 -8.54 3.14
C PRO A 71 3.85 -9.50 2.86
N ARG A 72 3.50 -10.31 3.87
CA ARG A 72 2.40 -11.27 3.75
C ARG A 72 2.47 -12.03 2.42
N GLY A 73 3.38 -13.01 2.35
CA GLY A 73 3.53 -13.80 1.14
C GLY A 73 4.87 -14.51 1.05
N THR A 74 5.95 -13.76 0.94
CA THR A 74 7.30 -14.33 0.84
C THR A 74 7.86 -14.71 2.22
N LEU A 75 8.07 -16.01 2.43
CA LEU A 75 8.61 -16.52 3.70
C LEU A 75 7.77 -16.05 4.90
N ALA A 76 6.53 -16.53 4.95
CA ALA A 76 5.60 -16.16 6.03
C ALA A 76 6.23 -16.33 7.41
N VAL A 77 5.94 -15.37 8.30
CA VAL A 77 6.45 -15.37 9.68
C VAL A 77 7.93 -15.74 9.77
N SER A 78 8.71 -15.39 8.74
CA SER A 78 10.14 -15.68 8.72
C SER A 78 10.97 -14.44 9.02
N ASP A 79 10.72 -13.82 10.19
CA ASP A 79 11.43 -12.61 10.61
C ASP A 79 11.14 -11.43 9.66
N VAL A 80 11.75 -11.48 8.47
CA VAL A 80 11.58 -10.44 7.46
C VAL A 80 10.09 -10.20 7.17
N GLN A 81 9.34 -11.28 6.99
CA GLN A 81 7.91 -11.19 6.72
C GLN A 81 7.17 -10.44 7.82
N TYR A 82 7.62 -10.62 9.07
CA TYR A 82 7.00 -9.93 10.21
C TYR A 82 7.34 -8.44 10.16
N LEU A 83 8.62 -8.12 10.03
CA LEU A 83 9.07 -6.73 9.96
C LEU A 83 8.41 -6.02 8.77
N LEU A 84 8.46 -6.64 7.59
CA LEU A 84 7.84 -6.07 6.39
C LEU A 84 6.34 -5.83 6.63
N THR A 85 5.64 -6.87 7.09
CA THR A 85 4.21 -6.76 7.39
C THR A 85 3.97 -5.65 8.41
N PHE A 86 4.82 -5.59 9.43
CA PHE A 86 4.72 -4.55 10.46
C PHE A 86 4.80 -3.17 9.83
N ALA A 87 5.81 -2.96 8.97
CA ALA A 87 6.00 -1.69 8.28
C ALA A 87 4.77 -1.30 7.46
N VAL A 88 4.28 -2.25 6.64
CA VAL A 88 3.09 -1.98 5.82
C VAL A 88 1.86 -1.78 6.70
N MET A 89 1.76 -2.54 7.80
CA MET A 89 0.64 -2.41 8.73
C MET A 89 0.65 -1.01 9.35
N LEU A 90 1.79 -0.63 9.93
CA LEU A 90 1.95 0.70 10.52
C LEU A 90 1.64 1.77 9.47
N THR A 91 2.15 1.56 8.26
CA THR A 91 1.90 2.46 7.14
C THR A 91 0.41 2.57 6.88
N VAL A 92 -0.26 1.41 6.80
CA VAL A 92 -1.70 1.36 6.58
C VAL A 92 -2.43 2.13 7.68
N GLY A 93 -2.05 1.87 8.94
CA GLY A 93 -2.66 2.57 10.06
C GLY A 93 -2.57 4.08 9.86
N LEU A 94 -1.40 4.55 9.45
CA LEU A 94 -1.19 5.97 9.19
C LEU A 94 -2.05 6.42 8.01
N VAL A 95 -2.05 5.62 6.93
CA VAL A 95 -2.83 5.93 5.73
C VAL A 95 -4.33 6.03 6.05
N ILE A 96 -4.90 4.99 6.68
CA ILE A 96 -6.32 4.99 7.05
C ILE A 96 -6.63 6.19 7.93
N GLY A 97 -5.75 6.48 8.89
CA GLY A 97 -5.95 7.63 9.76
C GLY A 97 -5.90 8.93 8.97
N ASN A 98 -4.91 9.02 8.08
CA ASN A 98 -4.75 10.20 7.22
C ASN A 98 -6.03 10.47 6.42
N LEU A 99 -6.48 9.46 5.67
CA LEU A 99 -7.70 9.62 4.87
C LEU A 99 -8.91 9.89 5.77
N THR A 100 -8.96 9.22 6.92
CA THR A 100 -10.06 9.41 7.88
C THR A 100 -10.21 10.89 8.20
N ALA A 101 -9.09 11.54 8.53
CA ALA A 101 -9.10 12.96 8.85
C ALA A 101 -9.30 13.80 7.58
N GLY A 102 -8.53 13.49 6.53
CA GLY A 102 -8.63 14.22 5.27
C GLY A 102 -10.05 14.29 4.72
N VAL A 103 -10.83 13.23 4.92
CA VAL A 103 -12.22 13.20 4.45
C VAL A 103 -13.14 14.07 5.31
N ARG A 104 -12.64 14.55 6.45
CA ARG A 104 -13.43 15.39 7.35
C ARG A 104 -12.75 16.74 7.58
N TYR A 105 -13.40 17.59 8.37
CA TYR A 105 -12.86 18.91 8.68
C TYR A 105 -12.57 19.06 10.17
N GLN A 106 -11.33 19.42 10.50
CA GLN A 106 -10.91 19.60 11.89
C GLN A 106 -9.87 20.71 12.01
N ALA A 107 -9.94 21.44 13.13
CA ALA A 107 -8.99 22.53 13.39
C ALA A 107 -7.96 22.12 14.46
N MET A 1 -15.19 8.30 -8.55
CA MET A 1 -15.35 9.49 -7.66
C MET A 1 -14.02 10.25 -7.50
N VAL A 2 -14.11 11.47 -6.98
CA VAL A 2 -12.92 12.31 -6.77
C VAL A 2 -12.78 12.70 -5.30
N GLN A 3 -11.56 12.60 -4.78
CA GLN A 3 -11.29 12.94 -3.38
C GLN A 3 -9.80 13.09 -3.11
N ILE A 4 -9.46 13.74 -1.99
CA ILE A 4 -8.06 13.94 -1.60
C ILE A 4 -7.44 12.64 -1.10
N GLN A 5 -8.11 12.01 -0.13
CA GLN A 5 -7.65 10.73 0.43
C GLN A 5 -8.84 9.85 0.83
N GLY A 6 -9.83 9.78 -0.06
CA GLY A 6 -11.03 8.97 0.21
C GLY A 6 -11.11 7.77 -0.70
N SER A 7 -11.94 7.85 -1.74
CA SER A 7 -12.10 6.74 -2.69
C SER A 7 -10.74 6.20 -3.14
N VAL A 8 -9.79 7.11 -3.38
CA VAL A 8 -8.44 6.73 -3.80
C VAL A 8 -7.72 5.89 -2.75
N VAL A 9 -7.73 6.36 -1.49
CA VAL A 9 -7.08 5.63 -0.41
C VAL A 9 -7.81 4.32 -0.09
N ALA A 10 -9.14 4.37 -0.06
CA ALA A 10 -9.96 3.19 0.21
C ALA A 10 -9.69 2.09 -0.81
N ALA A 11 -9.89 2.40 -2.09
CA ALA A 11 -9.65 1.45 -3.17
C ALA A 11 -8.20 0.97 -3.16
N ALA A 12 -7.27 1.93 -3.11
CA ALA A 12 -5.84 1.64 -3.09
C ALA A 12 -5.49 0.67 -1.96
N LEU A 13 -5.79 1.06 -0.72
CA LEU A 13 -5.50 0.23 0.44
C LEU A 13 -6.26 -1.10 0.36
N SER A 14 -7.57 -1.04 0.11
CA SER A 14 -8.38 -2.25 0.01
C SER A 14 -7.74 -3.24 -0.97
N ALA A 15 -7.45 -2.76 -2.19
CA ALA A 15 -6.81 -3.60 -3.21
C ALA A 15 -5.49 -4.14 -2.68
N VAL A 16 -4.64 -3.24 -2.17
CA VAL A 16 -3.34 -3.62 -1.61
C VAL A 16 -3.50 -4.74 -0.57
N ILE A 17 -4.53 -4.61 0.28
CA ILE A 17 -4.81 -5.61 1.31
C ILE A 17 -5.13 -6.97 0.69
N THR A 18 -6.09 -6.99 -0.25
CA THR A 18 -6.47 -8.24 -0.92
C THR A 18 -5.27 -8.84 -1.66
N LEU A 19 -4.57 -8.01 -2.43
CA LEU A 19 -3.39 -8.46 -3.18
C LEU A 19 -2.33 -9.01 -2.23
N ILE A 20 -1.99 -8.24 -1.19
CA ILE A 20 -0.99 -8.66 -0.20
C ILE A 20 -1.42 -9.95 0.49
N ALA A 21 -2.68 -10.00 0.94
CA ALA A 21 -3.22 -11.18 1.61
C ALA A 21 -3.16 -12.40 0.69
N MET A 22 -3.78 -12.27 -0.49
CA MET A 22 -3.79 -13.35 -1.47
C MET A 22 -2.37 -13.83 -1.76
N GLN A 23 -1.46 -12.88 -1.99
CA GLN A 23 -0.06 -13.21 -2.27
C GLN A 23 0.56 -13.96 -1.09
N TRP A 24 0.54 -13.32 0.09
CA TRP A 24 1.08 -13.93 1.31
C TRP A 24 0.50 -15.33 1.54
N LEU A 25 -0.81 -15.47 1.32
CA LEU A 25 -1.49 -16.75 1.49
C LEU A 25 -0.93 -17.81 0.54
N MET A 26 -0.37 -17.37 -0.59
CA MET A 26 0.21 -18.28 -1.58
C MET A 26 1.71 -18.45 -1.35
N ALA A 27 2.19 -19.69 -1.44
CA ALA A 27 3.60 -20.00 -1.24
C ALA A 27 4.44 -19.51 -2.43
N PHE A 28 4.66 -18.19 -2.49
CA PHE A 28 5.45 -17.59 -3.57
C PHE A 28 5.92 -16.18 -3.22
N ASP A 29 6.75 -15.61 -4.09
CA ASP A 29 7.29 -14.26 -3.88
C ASP A 29 6.52 -13.22 -4.70
N ALA A 30 6.97 -11.97 -4.62
CA ALA A 30 6.34 -10.87 -5.35
C ALA A 30 6.52 -10.99 -6.86
N ALA A 31 7.67 -11.55 -7.28
CA ALA A 31 7.98 -11.72 -8.70
C ALA A 31 6.82 -12.37 -9.48
N ASN A 32 6.23 -13.42 -8.91
CA ASN A 32 5.12 -14.12 -9.55
C ASN A 32 3.92 -13.19 -9.75
N LEU A 33 3.55 -12.45 -8.70
CA LEU A 33 2.42 -11.53 -8.77
C LEU A 33 2.86 -10.11 -9.18
N VAL A 34 3.95 -10.03 -9.96
CA VAL A 34 4.47 -8.73 -10.43
C VAL A 34 3.35 -7.86 -11.02
N MET A 35 2.48 -8.48 -11.82
CA MET A 35 1.37 -7.75 -12.45
C MET A 35 0.49 -7.09 -11.39
N LEU A 36 -0.04 -7.90 -10.47
CA LEU A 36 -0.91 -7.38 -9.39
C LEU A 36 -0.18 -6.33 -8.57
N TYR A 37 1.10 -6.59 -8.26
CA TYR A 37 1.92 -5.66 -7.48
C TYR A 37 2.08 -4.34 -8.24
N LEU A 38 2.68 -4.43 -9.44
CA LEU A 38 2.92 -3.27 -10.28
C LEU A 38 1.63 -2.51 -10.58
N LEU A 39 0.64 -3.21 -11.16
CA LEU A 39 -0.65 -2.58 -11.49
C LEU A 39 -1.25 -1.88 -10.27
N GLY A 40 -1.24 -2.56 -9.12
CA GLY A 40 -1.77 -1.98 -7.90
C GLY A 40 -1.10 -0.66 -7.53
N VAL A 41 0.19 -0.73 -7.20
CA VAL A 41 0.94 0.48 -6.82
C VAL A 41 0.93 1.53 -7.93
N VAL A 42 1.02 1.09 -9.19
CA VAL A 42 1.01 2.01 -10.34
C VAL A 42 -0.33 2.74 -10.43
N VAL A 43 -1.43 2.01 -10.41
CA VAL A 43 -2.77 2.60 -10.48
C VAL A 43 -2.94 3.61 -9.35
N VAL A 44 -2.68 3.17 -8.12
CA VAL A 44 -2.80 4.03 -6.94
C VAL A 44 -1.89 5.26 -7.07
N ALA A 45 -0.60 5.03 -7.30
CA ALA A 45 0.38 6.12 -7.43
C ALA A 45 -0.01 7.09 -8.55
N LEU A 46 -0.27 6.56 -9.75
CA LEU A 46 -0.66 7.40 -10.88
C LEU A 46 -1.90 8.24 -10.56
N PHE A 47 -2.93 7.58 -10.00
CA PHE A 47 -4.16 8.27 -9.61
C PHE A 47 -3.91 9.25 -8.46
N TYR A 48 -2.93 8.93 -7.62
CA TYR A 48 -2.57 9.76 -6.48
C TYR A 48 -1.98 11.11 -6.91
N GLY A 49 -1.70 11.97 -5.93
CA GLY A 49 -1.13 13.28 -6.21
C GLY A 49 -1.98 14.42 -5.69
N ARG A 50 -2.48 14.27 -4.47
CA ARG A 50 -3.31 15.29 -3.83
C ARG A 50 -2.87 15.51 -2.38
N TRP A 51 -2.39 16.72 -2.07
CA TRP A 51 -1.93 17.07 -0.71
C TRP A 51 -0.70 16.25 -0.30
N PRO A 52 0.51 16.82 -0.44
CA PRO A 52 1.75 16.13 -0.07
C PRO A 52 1.91 16.00 1.45
N SER A 53 1.19 15.06 2.05
CA SER A 53 1.24 14.84 3.49
C SER A 53 2.05 13.58 3.84
N VAL A 54 1.40 12.42 3.81
CA VAL A 54 2.07 11.16 4.15
C VAL A 54 1.69 10.02 3.18
N VAL A 55 0.38 9.80 2.99
CA VAL A 55 -0.11 8.74 2.10
C VAL A 55 0.64 8.71 0.76
N ALA A 56 0.81 9.89 0.15
CA ALA A 56 1.53 10.00 -1.13
C ALA A 56 2.95 9.47 -1.00
N THR A 57 3.66 9.91 0.03
CA THR A 57 5.03 9.48 0.29
C THR A 57 5.10 7.96 0.45
N VAL A 58 4.11 7.40 1.16
CA VAL A 58 4.04 5.96 1.38
C VAL A 58 3.91 5.20 0.05
N ILE A 59 2.85 5.49 -0.70
CA ILE A 59 2.63 4.83 -1.99
C ILE A 59 3.79 5.09 -2.96
N ASN A 60 4.28 6.35 -3.00
CA ASN A 60 5.40 6.70 -3.88
C ASN A 60 6.63 5.86 -3.56
N VAL A 61 7.05 5.87 -2.30
CA VAL A 61 8.21 5.09 -1.86
C VAL A 61 7.94 3.60 -2.05
N VAL A 62 6.86 3.11 -1.45
CA VAL A 62 6.49 1.69 -1.58
C VAL A 62 6.53 1.26 -3.04
N SER A 63 5.97 2.09 -3.93
CA SER A 63 5.97 1.81 -5.37
C SER A 63 7.41 1.70 -5.88
N PHE A 64 8.19 2.75 -5.67
CA PHE A 64 9.60 2.77 -6.09
C PHE A 64 10.30 1.48 -5.68
N ASP A 65 10.17 1.11 -4.41
CA ASP A 65 10.79 -0.12 -3.89
C ASP A 65 10.15 -1.35 -4.56
N LEU A 66 8.83 -1.35 -4.66
CA LEU A 66 8.09 -2.45 -5.29
C LEU A 66 8.68 -2.83 -6.63
N PHE A 67 9.11 -1.82 -7.40
CA PHE A 67 9.71 -2.06 -8.71
C PHE A 67 10.84 -3.10 -8.63
N PHE A 68 11.47 -3.22 -7.45
CA PHE A 68 12.54 -4.19 -7.24
C PHE A 68 12.03 -5.43 -6.49
N ILE A 69 10.92 -6.00 -6.97
CA ILE A 69 10.30 -7.19 -6.37
C ILE A 69 9.67 -6.86 -5.01
N ALA A 70 8.61 -6.05 -5.05
CA ALA A 70 7.88 -5.64 -3.84
C ALA A 70 8.69 -4.65 -3.01
N PRO A 71 8.00 -3.74 -2.28
CA PRO A 71 8.66 -2.73 -1.43
C PRO A 71 9.42 -3.36 -0.26
N ARG A 72 10.33 -4.28 -0.58
CA ARG A 72 11.13 -4.98 0.43
C ARG A 72 12.32 -5.68 -0.22
N GLY A 73 12.04 -6.54 -1.22
CA GLY A 73 13.09 -7.27 -1.91
C GLY A 73 12.67 -8.69 -2.26
N THR A 74 12.33 -9.48 -1.24
CA THR A 74 11.90 -10.87 -1.44
C THR A 74 10.94 -11.29 -0.32
N LEU A 75 10.47 -12.55 -0.38
CA LEU A 75 9.54 -13.06 0.62
C LEU A 75 10.24 -14.06 1.57
N ALA A 76 9.44 -14.70 2.43
CA ALA A 76 9.95 -15.68 3.38
C ALA A 76 11.02 -15.07 4.31
N VAL A 77 12.23 -15.63 4.30
CA VAL A 77 13.34 -15.13 5.15
C VAL A 77 13.08 -15.35 6.64
N SER A 78 11.97 -14.78 7.15
CA SER A 78 11.56 -14.88 8.57
C SER A 78 11.86 -13.56 9.32
N ASP A 79 11.16 -13.38 10.44
CA ASP A 79 11.33 -12.19 11.28
C ASP A 79 10.91 -10.90 10.54
N VAL A 80 11.61 -10.59 9.45
CA VAL A 80 11.29 -9.41 8.64
C VAL A 80 9.79 -9.35 8.30
N GLN A 81 9.21 -10.50 7.96
CA GLN A 81 7.78 -10.58 7.62
C GLN A 81 6.92 -9.96 8.72
N TYR A 82 7.05 -10.50 9.94
CA TYR A 82 6.30 -10.01 11.08
C TYR A 82 6.55 -8.52 11.31
N LEU A 83 7.83 -8.14 11.36
CA LEU A 83 8.21 -6.74 11.56
C LEU A 83 7.56 -5.84 10.51
N LEU A 84 7.80 -6.14 9.23
CA LEU A 84 7.24 -5.37 8.12
C LEU A 84 5.71 -5.33 8.21
N THR A 85 5.10 -6.50 8.36
CA THR A 85 3.64 -6.60 8.48
C THR A 85 3.12 -5.71 9.61
N PHE A 86 3.70 -5.87 10.80
CA PHE A 86 3.31 -5.07 11.97
C PHE A 86 3.49 -3.57 11.69
N ALA A 87 4.72 -3.18 11.32
CA ALA A 87 5.03 -1.78 11.03
C ALA A 87 4.07 -1.19 10.00
N VAL A 88 3.87 -1.92 8.89
CA VAL A 88 2.97 -1.48 7.82
C VAL A 88 1.53 -1.39 8.32
N MET A 89 1.02 -2.49 8.88
CA MET A 89 -0.36 -2.53 9.38
C MET A 89 -0.62 -1.38 10.36
N LEU A 90 0.24 -1.25 11.37
CA LEU A 90 0.10 -0.19 12.37
C LEU A 90 0.10 1.19 11.72
N THR A 91 1.16 1.48 10.96
CA THR A 91 1.28 2.77 10.26
C THR A 91 0.07 3.03 9.37
N VAL A 92 -0.17 2.11 8.43
CA VAL A 92 -1.30 2.22 7.51
C VAL A 92 -2.62 2.43 8.26
N GLY A 93 -2.91 1.54 9.22
CA GLY A 93 -4.13 1.67 10.01
C GLY A 93 -4.25 3.03 10.67
N LEU A 94 -3.20 3.42 11.41
CA LEU A 94 -3.18 4.70 12.10
C LEU A 94 -3.41 5.84 11.09
N VAL A 95 -2.70 5.78 9.96
CA VAL A 95 -2.82 6.79 8.91
C VAL A 95 -4.25 6.85 8.38
N ILE A 96 -4.81 5.68 8.02
CA ILE A 96 -6.19 5.62 7.52
C ILE A 96 -7.14 6.35 8.46
N GLY A 97 -7.03 6.04 9.76
CA GLY A 97 -7.87 6.69 10.75
C GLY A 97 -7.55 8.16 10.89
N ASN A 98 -6.26 8.49 10.95
CA ASN A 98 -5.80 9.87 11.09
C ASN A 98 -6.36 10.75 9.96
N LEU A 99 -6.21 10.29 8.71
CA LEU A 99 -6.69 11.05 7.56
C LEU A 99 -8.22 11.09 7.52
N THR A 100 -8.87 9.94 7.77
CA THR A 100 -10.33 9.85 7.76
C THR A 100 -10.95 10.72 8.86
N ALA A 101 -10.33 10.71 10.04
CA ALA A 101 -10.81 11.50 11.17
C ALA A 101 -10.63 13.00 10.92
N GLY A 102 -9.42 13.39 10.52
CA GLY A 102 -9.13 14.79 10.26
C GLY A 102 -9.85 15.34 9.05
N VAL A 103 -9.65 14.70 7.89
CA VAL A 103 -10.30 15.14 6.65
C VAL A 103 -11.77 14.73 6.63
N ARG A 104 -12.54 15.29 7.55
CA ARG A 104 -13.97 15.00 7.66
C ARG A 104 -14.74 16.21 8.19
N TYR A 105 -14.39 17.40 7.68
CA TYR A 105 -15.03 18.65 8.08
C TYR A 105 -14.89 18.90 9.59
N GLN A 106 -13.66 18.72 10.09
CA GLN A 106 -13.37 18.94 11.51
C GLN A 106 -12.84 20.35 11.76
N ALA A 107 -12.07 20.87 10.81
CA ALA A 107 -11.50 22.22 10.92
C ALA A 107 -11.18 22.79 9.54
N MET A 1 -15.61 13.69 -2.82
CA MET A 1 -14.87 14.83 -2.19
C MET A 1 -13.82 14.33 -1.20
N VAL A 2 -12.57 14.73 -1.40
CA VAL A 2 -11.46 14.33 -0.53
C VAL A 2 -10.37 15.40 -0.49
N GLN A 3 -9.94 15.75 0.72
CA GLN A 3 -8.90 16.77 0.90
C GLN A 3 -7.50 16.14 0.89
N ILE A 4 -7.38 14.96 1.51
CA ILE A 4 -6.09 14.25 1.56
C ILE A 4 -6.29 12.74 1.35
N GLN A 5 -6.77 12.04 2.40
CA GLN A 5 -7.00 10.61 2.32
C GLN A 5 -8.48 10.28 2.50
N GLY A 6 -9.06 9.55 1.53
CA GLY A 6 -10.47 9.19 1.60
C GLY A 6 -10.80 7.98 0.74
N SER A 7 -11.87 8.07 -0.04
CA SER A 7 -12.27 6.97 -0.93
C SER A 7 -11.10 6.50 -1.79
N VAL A 8 -10.31 7.45 -2.29
CA VAL A 8 -9.14 7.14 -3.12
C VAL A 8 -8.18 6.19 -2.40
N VAL A 9 -7.78 6.56 -1.17
CA VAL A 9 -6.86 5.72 -0.39
C VAL A 9 -7.58 4.48 0.13
N ALA A 10 -8.88 4.60 0.41
CA ALA A 10 -9.67 3.46 0.89
C ALA A 10 -9.73 2.38 -0.20
N ALA A 11 -9.98 2.79 -1.43
CA ALA A 11 -10.05 1.88 -2.57
C ALA A 11 -8.66 1.28 -2.82
N ALA A 12 -7.65 2.16 -2.92
CA ALA A 12 -6.28 1.73 -3.14
C ALA A 12 -5.85 0.75 -2.04
N LEU A 13 -6.13 1.13 -0.79
CA LEU A 13 -5.82 0.29 0.37
C LEU A 13 -6.55 -1.05 0.24
N SER A 14 -7.82 -0.98 -0.13
CA SER A 14 -8.65 -2.19 -0.32
C SER A 14 -7.95 -3.15 -1.28
N ALA A 15 -7.42 -2.61 -2.38
CA ALA A 15 -6.70 -3.41 -3.36
C ALA A 15 -5.46 -4.03 -2.73
N VAL A 16 -4.68 -3.22 -2.03
CA VAL A 16 -3.46 -3.69 -1.34
C VAL A 16 -3.81 -4.81 -0.37
N ILE A 17 -4.75 -4.53 0.55
CA ILE A 17 -5.20 -5.50 1.53
C ILE A 17 -5.62 -6.79 0.83
N THR A 18 -6.43 -6.65 -0.22
CA THR A 18 -6.88 -7.79 -1.00
C THR A 18 -5.68 -8.55 -1.56
N LEU A 19 -4.71 -7.80 -2.08
CA LEU A 19 -3.47 -8.38 -2.62
C LEU A 19 -2.77 -9.20 -1.54
N ILE A 20 -2.48 -8.57 -0.40
CA ILE A 20 -1.84 -9.25 0.72
C ILE A 20 -2.63 -10.50 1.12
N ALA A 21 -3.95 -10.33 1.25
CA ALA A 21 -4.84 -11.45 1.60
C ALA A 21 -4.67 -12.58 0.59
N MET A 22 -4.67 -12.23 -0.70
CA MET A 22 -4.50 -13.21 -1.77
C MET A 22 -3.19 -13.98 -1.58
N GLN A 23 -2.11 -13.26 -1.26
CA GLN A 23 -0.80 -13.89 -1.05
C GLN A 23 -0.88 -14.93 0.07
N TRP A 24 -1.31 -14.49 1.26
CA TRP A 24 -1.45 -15.40 2.40
C TRP A 24 -2.41 -16.55 2.06
N LEU A 25 -3.44 -16.24 1.27
CA LEU A 25 -4.43 -17.24 0.87
C LEU A 25 -3.84 -18.24 -0.14
N MET A 26 -3.25 -17.74 -1.22
CA MET A 26 -2.65 -18.61 -2.24
C MET A 26 -1.87 -17.82 -3.30
N ALA A 27 -0.70 -17.29 -2.90
CA ALA A 27 0.16 -16.54 -3.81
C ALA A 27 1.61 -16.55 -3.32
N PHE A 28 2.50 -17.17 -4.10
CA PHE A 28 3.91 -17.27 -3.75
C PHE A 28 4.64 -15.94 -3.91
N ASP A 29 4.73 -15.18 -2.82
CA ASP A 29 5.41 -13.88 -2.81
C ASP A 29 4.81 -12.91 -3.84
N ALA A 30 5.40 -11.72 -3.95
CA ALA A 30 4.92 -10.71 -4.88
C ALA A 30 5.64 -10.82 -6.24
N ALA A 31 5.67 -12.03 -6.79
CA ALA A 31 6.31 -12.28 -8.08
C ALA A 31 5.40 -13.09 -9.00
N ASN A 32 5.48 -12.83 -10.31
CA ASN A 32 4.65 -13.52 -11.31
C ASN A 32 3.16 -13.23 -11.08
N LEU A 33 2.60 -12.36 -11.92
CA LEU A 33 1.18 -11.97 -11.82
C LEU A 33 0.95 -11.09 -10.59
N VAL A 34 1.26 -11.63 -9.40
CA VAL A 34 1.10 -10.89 -8.14
C VAL A 34 1.84 -9.55 -8.23
N MET A 35 3.08 -9.60 -8.71
CA MET A 35 3.89 -8.39 -8.88
C MET A 35 3.17 -7.39 -9.78
N LEU A 36 2.69 -7.85 -10.92
CA LEU A 36 1.96 -7.00 -11.86
C LEU A 36 0.73 -6.42 -11.17
N TYR A 37 -0.04 -7.29 -10.50
CA TYR A 37 -1.23 -6.86 -9.77
C TYR A 37 -0.88 -5.76 -8.76
N LEU A 38 0.10 -6.06 -7.89
CA LEU A 38 0.56 -5.09 -6.89
C LEU A 38 1.02 -3.80 -7.58
N LEU A 39 1.76 -3.95 -8.68
CA LEU A 39 2.24 -2.81 -9.45
C LEU A 39 1.06 -1.94 -9.88
N GLY A 40 0.07 -2.57 -10.51
CA GLY A 40 -1.13 -1.85 -10.94
C GLY A 40 -1.78 -1.12 -9.78
N VAL A 41 -1.95 -1.83 -8.66
CA VAL A 41 -2.53 -1.23 -7.45
C VAL A 41 -1.71 -0.01 -7.04
N VAL A 42 -0.39 -0.17 -7.02
CA VAL A 42 0.52 0.92 -6.67
C VAL A 42 0.31 2.09 -7.63
N VAL A 43 0.21 1.77 -8.92
CA VAL A 43 0.00 2.79 -9.96
C VAL A 43 -1.30 3.55 -9.67
N VAL A 44 -2.37 2.82 -9.35
CA VAL A 44 -3.66 3.44 -9.04
C VAL A 44 -3.51 4.44 -7.90
N ALA A 45 -2.93 3.97 -6.79
CA ALA A 45 -2.70 4.82 -5.62
C ALA A 45 -1.80 6.00 -5.99
N LEU A 46 -0.70 5.70 -6.69
CA LEU A 46 0.24 6.73 -7.14
C LEU A 46 -0.47 7.78 -7.99
N PHE A 47 -1.37 7.32 -8.87
CA PHE A 47 -2.12 8.21 -9.74
C PHE A 47 -3.06 9.10 -8.93
N TYR A 48 -3.64 8.53 -7.86
CA TYR A 48 -4.55 9.29 -7.00
C TYR A 48 -3.80 10.12 -5.95
N GLY A 49 -2.77 9.50 -5.33
CA GLY A 49 -1.99 10.20 -4.32
C GLY A 49 -1.12 11.31 -4.87
N ARG A 50 -0.49 12.08 -3.99
CA ARG A 50 0.37 13.18 -4.39
C ARG A 50 1.74 13.14 -3.69
N TRP A 51 2.52 14.21 -3.86
CA TRP A 51 3.86 14.30 -3.26
C TRP A 51 3.94 15.33 -2.12
N PRO A 52 3.66 16.63 -2.39
CA PRO A 52 3.74 17.67 -1.36
C PRO A 52 2.66 17.55 -0.27
N SER A 53 2.67 16.43 0.44
CA SER A 53 1.70 16.17 1.51
C SER A 53 2.34 15.37 2.66
N VAL A 54 3.65 15.54 2.85
CA VAL A 54 4.39 14.83 3.91
C VAL A 54 4.24 13.30 3.80
N VAL A 55 3.14 12.77 4.34
CA VAL A 55 2.89 11.33 4.28
C VAL A 55 2.92 10.83 2.84
N ALA A 56 2.28 11.57 1.93
CA ALA A 56 2.25 11.22 0.52
C ALA A 56 3.66 11.11 -0.04
N THR A 57 4.52 12.08 0.32
CA THR A 57 5.90 12.09 -0.13
C THR A 57 6.61 10.81 0.34
N VAL A 58 6.50 10.52 1.63
CA VAL A 58 7.10 9.32 2.21
C VAL A 58 6.56 8.06 1.52
N ILE A 59 5.24 7.98 1.39
CA ILE A 59 4.60 6.83 0.74
C ILE A 59 5.13 6.68 -0.70
N ASN A 60 5.15 7.81 -1.43
CA ASN A 60 5.65 7.82 -2.80
C ASN A 60 7.11 7.34 -2.84
N VAL A 61 7.95 7.93 -1.98
CA VAL A 61 9.35 7.55 -1.89
C VAL A 61 9.46 6.04 -1.64
N VAL A 62 8.78 5.57 -0.60
CA VAL A 62 8.77 4.15 -0.26
C VAL A 62 8.46 3.32 -1.51
N SER A 63 7.35 3.64 -2.18
CA SER A 63 6.96 2.94 -3.40
C SER A 63 8.08 2.99 -4.44
N PHE A 64 8.75 4.15 -4.54
CA PHE A 64 9.86 4.33 -5.47
C PHE A 64 10.94 3.27 -5.22
N ASP A 65 11.44 3.21 -3.98
CA ASP A 65 12.46 2.22 -3.61
C ASP A 65 11.91 0.80 -3.75
N LEU A 66 10.66 0.60 -3.31
CA LEU A 66 10.00 -0.71 -3.41
C LEU A 66 9.82 -1.15 -4.87
N PHE A 67 9.79 -0.18 -5.78
CA PHE A 67 9.62 -0.47 -7.21
C PHE A 67 10.85 -1.20 -7.77
N PHE A 68 10.98 -2.47 -7.41
CA PHE A 68 12.10 -3.29 -7.87
C PHE A 68 11.69 -4.76 -7.99
N ILE A 69 11.38 -5.40 -6.85
CA ILE A 69 10.97 -6.81 -6.84
C ILE A 69 9.71 -7.00 -5.98
N ALA A 70 8.85 -5.98 -5.96
CA ALA A 70 7.59 -6.02 -5.20
C ALA A 70 7.82 -6.50 -3.75
N PRO A 71 8.56 -5.71 -2.95
CA PRO A 71 8.85 -6.05 -1.54
C PRO A 71 7.59 -6.19 -0.69
N ARG A 72 6.89 -7.31 -0.84
CA ARG A 72 5.68 -7.58 -0.07
C ARG A 72 5.70 -8.99 0.52
N GLY A 73 6.35 -9.12 1.69
CA GLY A 73 6.46 -10.41 2.35
C GLY A 73 7.10 -11.48 1.48
N THR A 74 8.15 -11.11 0.74
CA THR A 74 8.85 -12.06 -0.13
C THR A 74 9.93 -12.82 0.64
N LEU A 75 9.50 -13.85 1.36
CA LEU A 75 10.40 -14.70 2.16
C LEU A 75 9.60 -15.74 2.95
N ALA A 76 9.70 -17.00 2.54
CA ALA A 76 8.98 -18.10 3.19
C ALA A 76 9.55 -18.40 4.59
N VAL A 77 9.36 -17.46 5.51
CA VAL A 77 9.83 -17.61 6.89
C VAL A 77 9.07 -16.68 7.82
N SER A 78 8.77 -17.15 9.03
CA SER A 78 8.04 -16.32 10.02
C SER A 78 8.96 -15.22 10.58
N ASP A 79 9.48 -14.38 9.70
CA ASP A 79 10.37 -13.29 10.09
C ASP A 79 10.22 -12.10 9.12
N VAL A 80 10.79 -12.23 7.93
CA VAL A 80 10.73 -11.18 6.92
C VAL A 80 9.28 -10.86 6.54
N GLN A 81 8.54 -11.86 6.08
CA GLN A 81 7.14 -11.68 5.69
C GLN A 81 6.31 -11.13 6.86
N TYR A 82 6.67 -11.53 8.09
CA TYR A 82 5.97 -11.05 9.28
C TYR A 82 6.30 -9.58 9.52
N LEU A 83 7.59 -9.26 9.58
CA LEU A 83 8.05 -7.88 9.79
C LEU A 83 7.44 -6.97 8.73
N LEU A 84 7.53 -7.40 7.46
CA LEU A 84 6.95 -6.63 6.35
C LEU A 84 5.46 -6.43 6.59
N THR A 85 4.76 -7.52 6.93
CA THR A 85 3.32 -7.46 7.22
C THR A 85 3.05 -6.48 8.36
N PHE A 86 3.87 -6.53 9.40
CA PHE A 86 3.74 -5.63 10.54
C PHE A 86 3.75 -4.17 10.07
N ALA A 87 4.77 -3.83 9.29
CA ALA A 87 4.89 -2.47 8.74
C ALA A 87 3.68 -2.15 7.87
N VAL A 88 3.22 -3.14 7.10
CA VAL A 88 2.04 -2.98 6.24
C VAL A 88 0.83 -2.67 7.10
N MET A 89 0.67 -3.43 8.19
CA MET A 89 -0.44 -3.23 9.12
C MET A 89 -0.46 -1.78 9.61
N LEU A 90 0.68 -1.33 10.16
CA LEU A 90 0.80 0.05 10.62
C LEU A 90 0.52 1.01 9.46
N THR A 91 1.07 0.70 8.29
CA THR A 91 0.86 1.51 7.09
C THR A 91 -0.63 1.68 6.83
N VAL A 92 -1.36 0.55 6.84
CA VAL A 92 -2.80 0.55 6.64
C VAL A 92 -3.49 1.35 7.74
N GLY A 93 -3.16 1.03 8.99
CA GLY A 93 -3.73 1.75 10.14
C GLY A 93 -3.55 3.24 9.99
N LEU A 94 -2.36 3.66 9.55
CA LEU A 94 -2.07 5.07 9.32
C LEU A 94 -2.98 5.64 8.23
N VAL A 95 -3.10 4.90 7.12
CA VAL A 95 -3.96 5.33 6.01
C VAL A 95 -5.42 5.48 6.45
N ILE A 96 -5.98 4.43 7.06
CA ILE A 96 -7.37 4.47 7.53
C ILE A 96 -7.57 5.59 8.56
N GLY A 97 -6.58 5.77 9.44
CA GLY A 97 -6.67 6.84 10.43
C GLY A 97 -6.61 8.21 9.77
N ASN A 98 -5.64 8.37 8.87
CA ASN A 98 -5.48 9.61 8.12
C ASN A 98 -6.77 9.97 7.39
N LEU A 99 -7.42 8.95 6.81
CA LEU A 99 -8.69 9.14 6.11
C LEU A 99 -9.79 9.49 7.12
N THR A 100 -9.85 8.71 8.19
CA THR A 100 -10.83 8.92 9.27
C THR A 100 -10.86 10.37 9.73
N ALA A 101 -9.68 10.93 10.00
CA ALA A 101 -9.58 12.32 10.46
C ALA A 101 -9.60 13.30 9.28
N GLY A 102 -8.83 12.98 8.23
CA GLY A 102 -8.76 13.83 7.05
C GLY A 102 -10.12 14.23 6.54
N VAL A 103 -10.93 13.25 6.15
CA VAL A 103 -12.28 13.53 5.66
C VAL A 103 -13.21 13.90 6.83
N ARG A 104 -12.84 14.97 7.52
CA ARG A 104 -13.59 15.46 8.67
C ARG A 104 -13.09 16.84 9.10
N TYR A 105 -11.77 16.95 9.31
CA TYR A 105 -11.16 18.23 9.73
C TYR A 105 -9.63 18.17 9.69
N GLN A 106 -9.07 18.05 8.48
CA GLN A 106 -7.62 18.00 8.31
C GLN A 106 -7.19 18.70 7.03
N ALA A 107 -6.29 19.69 7.17
CA ALA A 107 -5.79 20.44 6.02
C ALA A 107 -4.51 21.20 6.39
N MET A 1 -15.26 16.32 -4.67
CA MET A 1 -15.53 15.00 -4.02
C MET A 1 -14.24 14.22 -3.81
N VAL A 2 -13.98 13.81 -2.55
CA VAL A 2 -12.78 13.04 -2.19
C VAL A 2 -11.49 13.77 -2.59
N GLN A 3 -10.35 13.15 -2.27
CA GLN A 3 -9.04 13.73 -2.58
C GLN A 3 -7.92 12.74 -2.25
N ILE A 4 -6.70 13.23 -2.05
CA ILE A 4 -5.57 12.36 -1.71
C ILE A 4 -5.81 11.63 -0.38
N GLN A 5 -5.62 10.30 -0.40
CA GLN A 5 -5.84 9.47 0.79
C GLN A 5 -7.28 9.61 1.31
N GLY A 6 -8.25 9.19 0.50
CA GLY A 6 -9.65 9.27 0.88
C GLY A 6 -10.39 7.95 0.71
N SER A 7 -11.72 7.98 0.84
CA SER A 7 -12.56 6.78 0.70
C SER A 7 -12.07 5.88 -0.44
N VAL A 8 -12.00 6.45 -1.65
CA VAL A 8 -11.53 5.71 -2.82
C VAL A 8 -10.17 5.06 -2.56
N VAL A 9 -9.27 5.81 -1.92
CA VAL A 9 -7.94 5.29 -1.58
C VAL A 9 -8.06 4.13 -0.60
N ALA A 10 -8.89 4.31 0.44
CA ALA A 10 -9.10 3.25 1.43
C ALA A 10 -9.58 1.97 0.74
N ALA A 11 -10.60 2.12 -0.12
CA ALA A 11 -11.15 1.00 -0.87
C ALA A 11 -10.07 0.37 -1.77
N ALA A 12 -9.43 1.20 -2.59
CA ALA A 12 -8.37 0.74 -3.49
C ALA A 12 -7.31 -0.05 -2.71
N LEU A 13 -6.85 0.54 -1.60
CA LEU A 13 -5.85 -0.11 -0.75
C LEU A 13 -6.39 -1.43 -0.21
N SER A 14 -7.64 -1.43 0.23
CA SER A 14 -8.28 -2.64 0.75
C SER A 14 -8.29 -3.73 -0.33
N ALA A 15 -8.67 -3.34 -1.54
CA ALA A 15 -8.72 -4.26 -2.67
C ALA A 15 -7.33 -4.78 -3.02
N VAL A 16 -6.38 -3.87 -3.25
CA VAL A 16 -5.01 -4.24 -3.59
C VAL A 16 -4.40 -5.10 -2.49
N ILE A 17 -4.51 -4.67 -1.23
CA ILE A 17 -3.98 -5.44 -0.10
C ILE A 17 -4.56 -6.85 -0.13
N THR A 18 -5.88 -6.94 -0.32
CA THR A 18 -6.57 -8.22 -0.40
C THR A 18 -5.95 -9.07 -1.52
N LEU A 19 -5.74 -8.43 -2.68
CA LEU A 19 -5.12 -9.10 -3.83
C LEU A 19 -3.73 -9.62 -3.46
N ILE A 20 -2.90 -8.74 -2.89
CA ILE A 20 -1.55 -9.11 -2.47
C ILE A 20 -1.62 -10.30 -1.51
N ALA A 21 -2.50 -10.20 -0.51
CA ALA A 21 -2.69 -11.29 0.46
C ALA A 21 -3.11 -12.56 -0.26
N MET A 22 -4.06 -12.42 -1.19
CA MET A 22 -4.54 -13.56 -1.97
C MET A 22 -3.38 -14.22 -2.71
N GLN A 23 -2.55 -13.40 -3.36
CA GLN A 23 -1.37 -13.89 -4.09
C GLN A 23 -0.37 -14.50 -3.09
N TRP A 24 -0.25 -13.88 -1.92
CA TRP A 24 0.65 -14.34 -0.87
C TRP A 24 0.27 -15.76 -0.43
N LEU A 25 -1.04 -16.02 -0.38
CA LEU A 25 -1.55 -17.34 0.02
C LEU A 25 -1.23 -18.40 -1.05
N MET A 26 0.06 -18.54 -1.35
CA MET A 26 0.52 -19.51 -2.35
C MET A 26 1.76 -20.27 -1.87
N ALA A 27 2.66 -19.58 -1.16
CA ALA A 27 3.91 -20.17 -0.64
C ALA A 27 5.05 -20.01 -1.64
N PHE A 28 5.71 -18.85 -1.60
CA PHE A 28 6.82 -18.55 -2.49
C PHE A 28 7.39 -17.16 -2.19
N ASP A 29 8.35 -16.72 -3.02
CA ASP A 29 8.97 -15.41 -2.84
C ASP A 29 8.02 -14.29 -3.30
N ALA A 30 8.55 -13.07 -3.41
CA ALA A 30 7.74 -11.93 -3.83
C ALA A 30 7.66 -11.77 -5.36
N ALA A 31 8.21 -12.73 -6.11
CA ALA A 31 8.17 -12.67 -7.57
C ALA A 31 6.74 -12.82 -8.09
N ASN A 32 6.53 -12.47 -9.37
CA ASN A 32 5.20 -12.55 -9.99
C ASN A 32 4.26 -11.47 -9.43
N LEU A 33 4.06 -11.48 -8.11
CA LEU A 33 3.20 -10.52 -7.42
C LEU A 33 3.37 -9.09 -7.98
N VAL A 34 4.60 -8.73 -8.33
CA VAL A 34 4.89 -7.41 -8.88
C VAL A 34 3.86 -6.99 -9.94
N MET A 35 3.36 -7.96 -10.71
CA MET A 35 2.35 -7.67 -11.73
C MET A 35 1.13 -6.98 -11.10
N LEU A 36 0.50 -7.67 -10.14
CA LEU A 36 -0.65 -7.11 -9.43
C LEU A 36 -0.20 -5.93 -8.57
N TYR A 37 0.96 -6.06 -7.93
CA TYR A 37 1.51 -5.01 -7.10
C TYR A 37 1.62 -3.72 -7.91
N LEU A 38 2.33 -3.78 -9.05
CA LEU A 38 2.48 -2.62 -9.92
C LEU A 38 1.10 -2.12 -10.36
N LEU A 39 0.23 -3.04 -10.77
CA LEU A 39 -1.13 -2.69 -11.19
C LEU A 39 -1.82 -1.84 -10.11
N GLY A 40 -1.80 -2.34 -8.87
CA GLY A 40 -2.39 -1.62 -7.77
C GLY A 40 -1.69 -0.30 -7.52
N VAL A 41 -0.35 -0.32 -7.54
CA VAL A 41 0.44 0.88 -7.33
C VAL A 41 0.07 1.97 -8.33
N VAL A 42 0.10 1.65 -9.63
CA VAL A 42 -0.25 2.61 -10.67
C VAL A 42 -1.69 3.11 -10.47
N VAL A 43 -2.61 2.19 -10.18
CA VAL A 43 -4.01 2.55 -9.93
C VAL A 43 -4.10 3.54 -8.78
N VAL A 44 -3.49 3.17 -7.65
CA VAL A 44 -3.46 4.04 -6.46
C VAL A 44 -2.88 5.41 -6.81
N ALA A 45 -1.67 5.39 -7.40
CA ALA A 45 -1.01 6.63 -7.80
C ALA A 45 -1.92 7.47 -8.69
N LEU A 46 -2.53 6.81 -9.69
CA LEU A 46 -3.46 7.49 -10.59
C LEU A 46 -4.52 8.23 -9.79
N PHE A 47 -5.09 7.56 -8.80
CA PHE A 47 -6.10 8.15 -7.92
C PHE A 47 -5.48 9.24 -7.03
N TYR A 48 -4.21 9.04 -6.65
CA TYR A 48 -3.48 9.99 -5.82
C TYR A 48 -3.15 11.28 -6.59
N GLY A 49 -3.13 11.19 -7.92
CA GLY A 49 -2.82 12.33 -8.76
C GLY A 49 -3.83 13.46 -8.63
N ARG A 50 -3.86 14.09 -7.46
CA ARG A 50 -4.77 15.20 -7.17
C ARG A 50 -4.06 16.26 -6.33
N TRP A 51 -3.63 15.86 -5.14
CA TRP A 51 -2.93 16.74 -4.22
C TRP A 51 -2.03 15.93 -3.29
N PRO A 52 -0.77 15.67 -3.71
CA PRO A 52 0.19 14.87 -2.92
C PRO A 52 0.56 15.51 -1.58
N SER A 53 1.37 14.79 -0.80
CA SER A 53 1.80 15.27 0.51
C SER A 53 2.89 14.37 1.11
N VAL A 54 3.73 14.96 1.97
CA VAL A 54 4.82 14.24 2.63
C VAL A 54 4.42 12.83 3.06
N VAL A 55 3.42 12.72 3.94
CA VAL A 55 2.96 11.42 4.43
C VAL A 55 2.67 10.46 3.28
N ALA A 56 1.78 10.88 2.37
CA ALA A 56 1.42 10.06 1.21
C ALA A 56 2.67 9.63 0.44
N THR A 57 3.56 10.58 0.16
CA THR A 57 4.81 10.30 -0.54
C THR A 57 5.62 9.26 0.22
N VAL A 58 5.74 9.45 1.54
CA VAL A 58 6.47 8.51 2.39
C VAL A 58 5.82 7.12 2.33
N ILE A 59 4.49 7.10 2.40
CA ILE A 59 3.75 5.83 2.32
C ILE A 59 4.08 5.09 1.02
N ASN A 60 3.98 5.82 -0.10
CA ASN A 60 4.30 5.25 -1.41
C ASN A 60 5.77 4.81 -1.48
N VAL A 61 6.68 5.71 -1.08
CA VAL A 61 8.12 5.42 -1.09
C VAL A 61 8.42 4.17 -0.24
N VAL A 62 7.95 4.16 1.01
CA VAL A 62 8.17 3.03 1.91
C VAL A 62 7.70 1.72 1.26
N SER A 63 6.48 1.73 0.73
CA SER A 63 5.94 0.54 0.07
C SER A 63 6.80 0.16 -1.14
N PHE A 64 7.18 1.17 -1.94
CA PHE A 64 8.02 0.95 -3.12
C PHE A 64 9.36 0.32 -2.72
N ASP A 65 10.00 0.90 -1.70
CA ASP A 65 11.28 0.41 -1.19
C ASP A 65 11.15 -1.03 -0.68
N LEU A 66 10.08 -1.29 0.09
CA LEU A 66 9.83 -2.61 0.65
C LEU A 66 9.70 -3.69 -0.44
N PHE A 67 8.90 -3.41 -1.47
CA PHE A 67 8.71 -4.37 -2.56
C PHE A 67 9.78 -4.22 -3.64
N PHE A 68 10.86 -4.99 -3.52
CA PHE A 68 11.98 -4.96 -4.47
C PHE A 68 11.58 -5.51 -5.85
N ILE A 69 10.61 -4.86 -6.49
CA ILE A 69 10.13 -5.27 -7.83
C ILE A 69 10.06 -6.80 -7.97
N ALA A 70 9.42 -7.45 -7.00
CA ALA A 70 9.27 -8.90 -7.01
C ALA A 70 10.63 -9.59 -6.83
N PRO A 71 11.26 -9.42 -5.65
CA PRO A 71 12.56 -10.04 -5.36
C PRO A 71 12.48 -11.57 -5.30
N ARG A 72 13.55 -12.23 -5.71
CA ARG A 72 13.59 -13.68 -5.71
C ARG A 72 13.87 -14.22 -4.30
N GLY A 73 13.31 -15.40 -4.00
CA GLY A 73 13.50 -16.01 -2.69
C GLY A 73 12.62 -15.38 -1.63
N THR A 74 12.87 -14.10 -1.33
CA THR A 74 12.10 -13.35 -0.32
C THR A 74 11.93 -14.16 1.00
N LEU A 75 12.86 -15.09 1.25
CA LEU A 75 12.80 -15.91 2.46
C LEU A 75 13.97 -15.62 3.38
N ALA A 76 15.20 -15.70 2.83
CA ALA A 76 16.40 -15.42 3.61
C ALA A 76 16.55 -13.93 3.90
N VAL A 77 15.61 -13.38 4.66
CA VAL A 77 15.62 -11.96 5.01
C VAL A 77 15.52 -11.78 6.53
N SER A 78 16.52 -11.10 7.10
CA SER A 78 16.57 -10.85 8.55
C SER A 78 15.23 -10.31 9.08
N ASP A 79 14.58 -11.09 9.93
CA ASP A 79 13.30 -10.71 10.54
C ASP A 79 12.30 -10.17 9.50
N VAL A 80 12.22 -10.85 8.35
CA VAL A 80 11.30 -10.44 7.28
C VAL A 80 9.86 -10.32 7.78
N GLN A 81 9.43 -11.28 8.60
CA GLN A 81 8.08 -11.29 9.15
C GLN A 81 7.82 -10.04 10.00
N TYR A 82 8.76 -9.73 10.89
CA TYR A 82 8.65 -8.55 11.76
C TYR A 82 8.72 -7.26 10.93
N LEU A 83 9.75 -7.17 10.09
CA LEU A 83 9.95 -6.00 9.22
C LEU A 83 8.70 -5.75 8.36
N LEU A 84 8.26 -6.77 7.64
CA LEU A 84 7.07 -6.67 6.80
C LEU A 84 5.86 -6.26 7.64
N THR A 85 5.67 -6.94 8.77
CA THR A 85 4.57 -6.64 9.67
C THR A 85 4.58 -5.16 10.07
N PHE A 86 5.74 -4.69 10.54
CA PHE A 86 5.89 -3.29 10.94
C PHE A 86 5.62 -2.36 9.75
N ALA A 87 6.23 -2.67 8.61
CA ALA A 87 6.05 -1.88 7.39
C ALA A 87 4.57 -1.77 7.03
N VAL A 88 3.86 -2.90 7.06
CA VAL A 88 2.44 -2.93 6.75
C VAL A 88 1.65 -2.15 7.80
N MET A 89 1.86 -2.48 9.08
CA MET A 89 1.17 -1.80 10.18
C MET A 89 1.35 -0.27 10.06
N LEU A 90 2.59 0.17 9.93
CA LEU A 90 2.88 1.59 9.80
C LEU A 90 2.19 2.16 8.56
N THR A 91 2.34 1.49 7.43
CA THR A 91 1.71 1.91 6.18
C THR A 91 0.19 2.09 6.35
N VAL A 92 -0.49 1.01 6.76
CA VAL A 92 -1.94 1.06 6.97
C VAL A 92 -2.30 2.11 8.02
N GLY A 93 -1.54 2.13 9.13
CA GLY A 93 -1.78 3.10 10.18
C GLY A 93 -1.75 4.52 9.65
N LEU A 94 -0.68 4.85 8.93
CA LEU A 94 -0.54 6.17 8.31
C LEU A 94 -1.76 6.44 7.43
N VAL A 95 -2.12 5.46 6.62
CA VAL A 95 -3.28 5.55 5.73
C VAL A 95 -4.54 5.85 6.54
N ILE A 96 -4.73 5.14 7.65
CA ILE A 96 -5.89 5.34 8.53
C ILE A 96 -5.95 6.79 9.02
N GLY A 97 -4.80 7.30 9.48
CA GLY A 97 -4.73 8.67 9.95
C GLY A 97 -4.99 9.67 8.85
N ASN A 98 -4.24 9.55 7.74
CA ASN A 98 -4.40 10.44 6.60
C ASN A 98 -5.84 10.39 6.08
N LEU A 99 -6.39 9.19 5.94
CA LEU A 99 -7.77 9.02 5.47
C LEU A 99 -8.73 9.69 6.44
N THR A 100 -8.52 9.45 7.74
CA THR A 100 -9.36 10.05 8.77
C THR A 100 -9.37 11.57 8.61
N ALA A 101 -8.18 12.16 8.52
CA ALA A 101 -8.05 13.61 8.34
C ALA A 101 -8.69 14.07 7.03
N GLY A 102 -8.39 13.35 5.94
CA GLY A 102 -8.96 13.68 4.64
C GLY A 102 -10.48 13.66 4.65
N VAL A 103 -11.05 12.64 5.27
CA VAL A 103 -12.50 12.50 5.36
C VAL A 103 -13.07 13.51 6.36
N ARG A 104 -12.46 13.60 7.54
CA ARG A 104 -12.90 14.56 8.57
C ARG A 104 -12.36 15.95 8.24
N TYR A 105 -12.63 16.43 7.03
CA TYR A 105 -12.17 17.74 6.58
C TYR A 105 -12.85 18.87 7.35
N GLN A 106 -12.03 19.76 7.93
CA GLN A 106 -12.55 20.90 8.68
C GLN A 106 -11.57 22.07 8.63
N ALA A 107 -10.39 21.89 9.21
CA ALA A 107 -9.38 22.94 9.22
C ALA A 107 -7.97 22.36 9.10
N MET A 1 -15.24 14.45 -2.55
CA MET A 1 -14.79 15.85 -2.28
C MET A 1 -13.28 15.90 -2.02
N VAL A 2 -12.77 17.10 -1.72
CA VAL A 2 -11.34 17.29 -1.46
C VAL A 2 -10.85 16.40 -0.31
N GLN A 3 -9.65 15.83 -0.48
CA GLN A 3 -9.05 14.97 0.53
C GLN A 3 -7.55 14.82 0.29
N ILE A 4 -6.79 14.61 1.36
CA ILE A 4 -5.35 14.45 1.24
C ILE A 4 -4.99 12.96 1.05
N GLN A 5 -5.40 12.15 2.02
CA GLN A 5 -5.13 10.71 1.98
C GLN A 5 -6.10 9.95 2.88
N GLY A 6 -7.23 9.51 2.33
CA GLY A 6 -8.22 8.78 3.13
C GLY A 6 -8.88 7.64 2.36
N SER A 7 -10.07 7.90 1.83
CA SER A 7 -10.81 6.89 1.07
C SER A 7 -9.97 6.33 -0.08
N VAL A 8 -9.48 7.21 -0.93
CA VAL A 8 -8.65 6.81 -2.08
C VAL A 8 -7.52 5.88 -1.63
N VAL A 9 -6.85 6.25 -0.53
CA VAL A 9 -5.77 5.45 0.00
C VAL A 9 -6.30 4.16 0.62
N ALA A 10 -7.47 4.25 1.26
CA ALA A 10 -8.11 3.08 1.86
C ALA A 10 -8.41 2.04 0.77
N ALA A 11 -8.89 2.51 -0.37
CA ALA A 11 -9.20 1.65 -1.50
C ALA A 11 -7.91 1.03 -2.04
N ALA A 12 -6.91 1.88 -2.28
CA ALA A 12 -5.61 1.43 -2.76
C ALA A 12 -5.02 0.38 -1.81
N LEU A 13 -5.00 0.71 -0.52
CA LEU A 13 -4.49 -0.21 0.50
C LEU A 13 -5.29 -1.51 0.49
N SER A 14 -6.62 -1.38 0.43
CA SER A 14 -7.51 -2.53 0.39
C SER A 14 -7.10 -3.47 -0.75
N ALA A 15 -6.76 -2.89 -1.90
CA ALA A 15 -6.32 -3.65 -3.06
C ALA A 15 -5.00 -4.37 -2.75
N VAL A 16 -4.03 -3.62 -2.20
CA VAL A 16 -2.73 -4.18 -1.84
C VAL A 16 -2.92 -5.34 -0.86
N ILE A 17 -3.73 -5.12 0.17
CA ILE A 17 -4.01 -6.16 1.17
C ILE A 17 -4.64 -7.38 0.49
N THR A 18 -5.60 -7.11 -0.40
CA THR A 18 -6.27 -8.16 -1.16
C THR A 18 -5.25 -8.95 -1.98
N LEU A 19 -4.39 -8.21 -2.70
CA LEU A 19 -3.34 -8.82 -3.51
C LEU A 19 -2.47 -9.72 -2.64
N ILE A 20 -2.04 -9.20 -1.50
CA ILE A 20 -1.21 -9.97 -0.57
C ILE A 20 -1.98 -11.20 -0.07
N ALA A 21 -3.24 -10.99 0.31
CA ALA A 21 -4.08 -12.10 0.78
C ALA A 21 -4.08 -13.24 -0.24
N MET A 22 -4.35 -12.89 -1.50
CA MET A 22 -4.33 -13.88 -2.58
C MET A 22 -2.92 -14.46 -2.72
N GLN A 23 -1.92 -13.58 -2.74
CA GLN A 23 -0.52 -13.99 -2.82
C GLN A 23 -0.20 -15.06 -1.78
N TRP A 24 -0.71 -14.87 -0.55
CA TRP A 24 -0.51 -15.82 0.53
C TRP A 24 -1.24 -17.13 0.24
N LEU A 25 -2.50 -17.02 -0.22
CA LEU A 25 -3.32 -18.19 -0.55
C LEU A 25 -2.73 -18.96 -1.74
N MET A 26 -2.26 -18.23 -2.75
CA MET A 26 -1.68 -18.84 -3.94
C MET A 26 -0.53 -18.00 -4.50
N ALA A 27 0.58 -18.66 -4.83
CA ALA A 27 1.76 -17.99 -5.38
C ALA A 27 2.49 -17.16 -4.31
N PHE A 28 3.20 -17.87 -3.42
CA PHE A 28 3.94 -17.23 -2.33
C PHE A 28 4.93 -16.17 -2.85
N ASP A 29 5.33 -15.26 -1.97
CA ASP A 29 6.26 -14.19 -2.31
C ASP A 29 5.66 -13.23 -3.35
N ALA A 30 6.38 -12.13 -3.63
CA ALA A 30 5.90 -11.14 -4.60
C ALA A 30 6.59 -11.30 -5.97
N ALA A 31 6.80 -12.55 -6.39
CA ALA A 31 7.45 -12.82 -7.68
C ALA A 31 6.81 -14.03 -8.38
N ASN A 32 5.73 -13.77 -9.11
CA ASN A 32 5.02 -14.82 -9.84
C ASN A 32 3.89 -14.24 -10.69
N LEU A 33 2.85 -13.71 -10.04
CA LEU A 33 1.70 -13.12 -10.75
C LEU A 33 1.34 -11.74 -10.19
N VAL A 34 1.42 -11.59 -8.86
CA VAL A 34 1.10 -10.32 -8.18
C VAL A 34 1.63 -9.10 -8.94
N MET A 35 2.83 -9.22 -9.54
CA MET A 35 3.44 -8.12 -10.28
C MET A 35 2.43 -7.36 -11.14
N LEU A 36 1.70 -8.11 -11.99
CA LEU A 36 0.68 -7.50 -12.86
C LEU A 36 -0.37 -6.77 -12.03
N TYR A 37 -0.93 -7.47 -11.04
CA TYR A 37 -1.93 -6.88 -10.15
C TYR A 37 -1.34 -5.66 -9.44
N LEU A 38 -0.14 -5.83 -8.87
CA LEU A 38 0.55 -4.75 -8.18
C LEU A 38 0.65 -3.53 -9.09
N LEU A 39 1.09 -3.77 -10.34
CA LEU A 39 1.21 -2.70 -11.34
C LEU A 39 -0.12 -1.96 -11.46
N GLY A 40 -1.21 -2.72 -11.62
CA GLY A 40 -2.53 -2.12 -11.72
C GLY A 40 -2.89 -1.36 -10.45
N VAL A 41 -2.63 -1.97 -9.30
CA VAL A 41 -2.91 -1.35 -8.01
C VAL A 41 -2.19 0.00 -7.87
N VAL A 42 -0.87 0.00 -8.10
CA VAL A 42 -0.09 1.24 -8.01
C VAL A 42 -0.68 2.28 -8.97
N VAL A 43 -1.07 1.84 -10.17
CA VAL A 43 -1.69 2.73 -11.14
C VAL A 43 -2.96 3.33 -10.57
N VAL A 44 -3.81 2.48 -9.97
CA VAL A 44 -5.05 2.94 -9.35
C VAL A 44 -4.75 4.04 -8.32
N ALA A 45 -3.79 3.77 -7.43
CA ALA A 45 -3.40 4.75 -6.42
C ALA A 45 -2.89 6.03 -7.07
N LEU A 46 -1.97 5.88 -8.03
CA LEU A 46 -1.42 7.02 -8.76
C LEU A 46 -2.53 7.83 -9.44
N PHE A 47 -3.53 7.12 -9.96
CA PHE A 47 -4.66 7.76 -10.63
C PHE A 47 -5.55 8.48 -9.60
N TYR A 48 -5.83 7.80 -8.48
CA TYR A 48 -6.66 8.37 -7.43
C TYR A 48 -5.95 9.54 -6.72
N GLY A 49 -4.69 9.32 -6.33
CA GLY A 49 -3.93 10.36 -5.64
C GLY A 49 -3.60 11.53 -6.55
N ARG A 50 -3.27 12.68 -5.95
CA ARG A 50 -2.93 13.87 -6.73
C ARG A 50 -2.04 14.83 -5.93
N TRP A 51 -2.54 15.32 -4.80
CA TRP A 51 -1.77 16.22 -3.95
C TRP A 51 -0.79 15.45 -3.07
N PRO A 52 0.53 15.54 -3.36
CA PRO A 52 1.55 14.83 -2.57
C PRO A 52 1.63 15.32 -1.12
N SER A 53 1.72 16.64 -0.95
CA SER A 53 1.79 17.26 0.37
C SER A 53 2.75 16.51 1.30
N VAL A 54 3.91 16.13 0.77
CA VAL A 54 4.94 15.41 1.53
C VAL A 54 4.50 13.98 1.90
N VAL A 55 3.37 13.86 2.59
CA VAL A 55 2.84 12.56 3.03
C VAL A 55 2.85 11.53 1.89
N ALA A 56 2.20 11.86 0.77
CA ALA A 56 2.14 10.96 -0.37
C ALA A 56 3.54 10.61 -0.86
N THR A 57 4.40 11.62 -1.03
CA THR A 57 5.78 11.42 -1.47
C THR A 57 6.50 10.45 -0.54
N VAL A 58 6.48 10.75 0.76
CA VAL A 58 7.12 9.91 1.77
C VAL A 58 6.59 8.48 1.70
N ILE A 59 5.26 8.34 1.78
CA ILE A 59 4.63 7.02 1.71
C ILE A 59 5.09 6.26 0.46
N ASN A 60 4.97 6.93 -0.70
CA ASN A 60 5.39 6.34 -1.98
C ASN A 60 6.84 5.90 -1.91
N VAL A 61 7.73 6.84 -1.53
CA VAL A 61 9.16 6.55 -1.40
C VAL A 61 9.38 5.31 -0.53
N VAL A 62 8.79 5.30 0.66
CA VAL A 62 8.90 4.17 1.58
C VAL A 62 8.59 2.86 0.85
N SER A 63 7.43 2.81 0.20
CA SER A 63 7.03 1.61 -0.55
C SER A 63 8.03 1.31 -1.66
N PHE A 64 8.50 2.36 -2.35
CA PHE A 64 9.48 2.22 -3.42
C PHE A 64 10.78 1.60 -2.90
N ASP A 65 11.21 2.05 -1.73
CA ASP A 65 12.42 1.54 -1.10
C ASP A 65 12.20 0.12 -0.57
N LEU A 66 11.04 -0.10 0.06
CA LEU A 66 10.70 -1.42 0.60
C LEU A 66 10.69 -2.48 -0.49
N PHE A 67 10.06 -2.16 -1.62
CA PHE A 67 9.98 -3.07 -2.77
C PHE A 67 11.00 -2.66 -3.83
N PHE A 68 10.90 -3.22 -5.04
CA PHE A 68 11.82 -2.88 -6.13
C PHE A 68 11.35 -3.44 -7.48
N ILE A 69 10.04 -3.34 -7.74
CA ILE A 69 9.44 -3.81 -8.99
C ILE A 69 9.91 -5.24 -9.32
N ALA A 70 9.42 -6.21 -8.55
CA ALA A 70 9.78 -7.62 -8.73
C ALA A 70 9.76 -8.04 -10.21
N PRO A 71 10.93 -8.12 -10.86
CA PRO A 71 11.04 -8.51 -12.28
C PRO A 71 10.88 -10.01 -12.50
N ARG A 72 11.69 -10.81 -11.81
CA ARG A 72 11.63 -12.26 -11.91
C ARG A 72 11.63 -12.91 -10.53
N GLY A 73 12.68 -12.64 -9.75
CA GLY A 73 12.79 -13.18 -8.40
C GLY A 73 13.16 -12.11 -7.40
N THR A 74 12.35 -11.97 -6.35
CA THR A 74 12.60 -10.95 -5.32
C THR A 74 13.27 -11.56 -4.10
N LEU A 75 12.50 -12.27 -3.28
CA LEU A 75 13.00 -12.90 -2.07
C LEU A 75 11.88 -13.59 -1.31
N ALA A 76 12.24 -14.53 -0.44
CA ALA A 76 11.26 -15.25 0.36
C ALA A 76 10.67 -14.32 1.43
N VAL A 77 9.35 -14.15 1.40
CA VAL A 77 8.65 -13.27 2.35
C VAL A 77 9.00 -13.62 3.79
N SER A 78 8.74 -14.87 4.19
CA SER A 78 9.02 -15.32 5.55
C SER A 78 8.35 -14.40 6.59
N ASP A 79 8.96 -14.29 7.77
CA ASP A 79 8.42 -13.46 8.84
C ASP A 79 8.82 -11.99 8.68
N VAL A 80 10.08 -11.75 8.32
CA VAL A 80 10.60 -10.38 8.15
C VAL A 80 9.79 -9.56 7.13
N GLN A 81 9.71 -10.04 5.89
CA GLN A 81 8.98 -9.34 4.83
C GLN A 81 7.50 -9.19 5.17
N TYR A 82 6.90 -10.25 5.71
CA TYR A 82 5.48 -10.23 6.07
C TYR A 82 5.23 -9.25 7.22
N LEU A 83 6.00 -9.39 8.29
CA LEU A 83 5.87 -8.53 9.47
C LEU A 83 6.05 -7.06 9.08
N LEU A 84 7.14 -6.75 8.37
CA LEU A 84 7.41 -5.39 7.93
C LEU A 84 6.23 -4.86 7.10
N THR A 85 5.86 -5.62 6.06
CA THR A 85 4.75 -5.26 5.18
C THR A 85 3.48 -5.00 6.00
N PHE A 86 3.16 -5.94 6.90
CA PHE A 86 1.96 -5.81 7.76
C PHE A 86 2.07 -4.56 8.64
N ALA A 87 3.22 -4.38 9.29
CA ALA A 87 3.45 -3.22 10.16
C ALA A 87 3.29 -1.91 9.40
N VAL A 88 3.96 -1.79 8.25
CA VAL A 88 3.86 -0.59 7.44
C VAL A 88 2.43 -0.41 6.93
N MET A 89 1.81 -1.51 6.49
CA MET A 89 0.42 -1.48 6.01
C MET A 89 -0.51 -0.94 7.10
N LEU A 90 -0.43 -1.55 8.29
CA LEU A 90 -1.25 -1.12 9.42
C LEU A 90 -0.99 0.35 9.74
N THR A 91 0.30 0.70 9.81
CA THR A 91 0.72 2.08 10.09
C THR A 91 0.09 3.04 9.07
N VAL A 92 0.23 2.70 7.78
CA VAL A 92 -0.34 3.51 6.71
C VAL A 92 -1.85 3.60 6.88
N GLY A 93 -2.52 2.45 7.00
CA GLY A 93 -3.96 2.43 7.18
C GLY A 93 -4.38 3.31 8.36
N LEU A 94 -3.65 3.19 9.47
CA LEU A 94 -3.92 4.00 10.66
C LEU A 94 -3.92 5.49 10.31
N VAL A 95 -2.82 5.97 9.74
CA VAL A 95 -2.71 7.39 9.35
C VAL A 95 -3.78 7.74 8.32
N ILE A 96 -4.06 6.80 7.40
CA ILE A 96 -5.09 7.00 6.38
C ILE A 96 -6.44 7.23 7.05
N GLY A 97 -6.75 6.42 8.05
CA GLY A 97 -8.00 6.55 8.79
C GLY A 97 -8.05 7.87 9.55
N ASN A 98 -7.00 8.13 10.33
CA ASN A 98 -6.91 9.38 11.10
C ASN A 98 -7.08 10.59 10.17
N LEU A 99 -6.39 10.56 9.03
CA LEU A 99 -6.49 11.63 8.05
C LEU A 99 -7.90 11.67 7.47
N THR A 100 -8.43 10.50 7.12
CA THR A 100 -9.78 10.38 6.59
C THR A 100 -10.76 11.09 7.51
N ALA A 101 -10.69 10.76 8.80
CA ALA A 101 -11.56 11.37 9.80
C ALA A 101 -11.38 12.89 9.84
N GLY A 102 -10.13 13.34 9.89
CA GLY A 102 -9.83 14.76 9.93
C GLY A 102 -10.35 15.51 8.72
N VAL A 103 -10.03 15.01 7.52
CA VAL A 103 -10.47 15.65 6.28
C VAL A 103 -11.97 15.41 6.03
N ARG A 104 -12.45 14.21 6.30
CA ARG A 104 -13.86 13.88 6.11
C ARG A 104 -14.71 14.29 7.33
N TYR A 105 -14.53 15.54 7.76
CA TYR A 105 -15.26 16.08 8.91
C TYR A 105 -15.84 17.46 8.56
N GLN A 106 -14.99 18.34 8.02
CA GLN A 106 -15.42 19.67 7.62
C GLN A 106 -15.54 19.78 6.10
N ALA A 107 -15.75 20.99 5.59
CA ALA A 107 -15.89 21.21 4.15
C ALA A 107 -14.72 22.03 3.60
N MET A 1 -17.32 17.16 0.32
CA MET A 1 -16.76 16.57 -0.93
C MET A 1 -15.22 16.62 -0.91
N VAL A 2 -14.59 15.45 -1.13
CA VAL A 2 -13.13 15.36 -1.14
C VAL A 2 -12.64 14.26 -2.08
N GLN A 3 -12.03 14.64 -3.19
CA GLN A 3 -11.52 13.68 -4.17
C GLN A 3 -10.02 13.45 -3.99
N ILE A 4 -9.62 13.14 -2.76
CA ILE A 4 -8.21 12.90 -2.44
C ILE A 4 -8.06 12.26 -1.06
N GLN A 5 -7.07 11.36 -0.91
CA GLN A 5 -6.83 10.68 0.36
C GLN A 5 -8.11 10.05 0.92
N GLY A 6 -8.79 9.27 0.07
CA GLY A 6 -10.03 8.63 0.51
C GLY A 6 -10.40 7.43 -0.34
N SER A 7 -11.32 7.64 -1.29
CA SER A 7 -11.77 6.56 -2.18
C SER A 7 -10.60 5.75 -2.73
N VAL A 8 -9.63 6.44 -3.34
CA VAL A 8 -8.46 5.78 -3.90
C VAL A 8 -7.72 4.98 -2.83
N VAL A 9 -7.54 5.58 -1.65
CA VAL A 9 -6.87 4.91 -0.53
C VAL A 9 -7.62 3.63 -0.14
N ALA A 10 -8.93 3.76 0.07
CA ALA A 10 -9.77 2.63 0.44
C ALA A 10 -9.71 1.54 -0.63
N ALA A 11 -10.02 1.90 -1.88
CA ALA A 11 -9.98 0.95 -2.99
C ALA A 11 -8.60 0.30 -3.08
N ALA A 12 -7.55 1.13 -3.01
CA ALA A 12 -6.17 0.66 -3.06
C ALA A 12 -5.88 -0.36 -1.97
N LEU A 13 -6.06 0.06 -0.72
CA LEU A 13 -5.82 -0.81 0.43
C LEU A 13 -6.66 -2.08 0.34
N SER A 14 -7.97 -1.91 0.14
CA SER A 14 -8.88 -3.05 0.03
C SER A 14 -8.45 -4.03 -1.06
N ALA A 15 -8.23 -3.52 -2.27
CA ALA A 15 -7.80 -4.35 -3.40
C ALA A 15 -6.45 -5.02 -3.13
N VAL A 16 -5.47 -4.20 -2.69
CA VAL A 16 -4.13 -4.70 -2.41
C VAL A 16 -4.15 -5.75 -1.30
N ILE A 17 -4.67 -5.40 -0.13
CA ILE A 17 -4.72 -6.33 1.00
C ILE A 17 -5.44 -7.63 0.62
N THR A 18 -6.55 -7.50 -0.11
CA THR A 18 -7.32 -8.67 -0.54
C THR A 18 -6.48 -9.58 -1.44
N LEU A 19 -5.95 -9.03 -2.53
CA LEU A 19 -5.11 -9.79 -3.46
C LEU A 19 -3.89 -10.35 -2.76
N ILE A 20 -3.18 -9.49 -2.03
CA ILE A 20 -1.99 -9.89 -1.29
C ILE A 20 -2.32 -11.04 -0.33
N ALA A 21 -3.33 -10.85 0.50
CA ALA A 21 -3.75 -11.88 1.46
C ALA A 21 -4.11 -13.18 0.74
N MET A 22 -5.02 -13.10 -0.24
CA MET A 22 -5.45 -14.26 -1.00
C MET A 22 -4.28 -14.98 -1.68
N GLN A 23 -3.50 -14.23 -2.47
CA GLN A 23 -2.35 -14.81 -3.19
C GLN A 23 -1.27 -15.31 -2.22
N TRP A 24 -0.85 -14.46 -1.30
CA TRP A 24 0.17 -14.82 -0.31
C TRP A 24 -0.25 -16.06 0.50
N LEU A 25 -1.55 -16.19 0.74
CA LEU A 25 -2.08 -17.34 1.50
C LEU A 25 -1.68 -18.66 0.82
N MET A 26 -1.52 -18.62 -0.51
CA MET A 26 -1.14 -19.81 -1.27
C MET A 26 0.38 -19.82 -1.54
N ALA A 27 0.92 -18.67 -1.97
CA ALA A 27 2.34 -18.56 -2.26
C ALA A 27 2.95 -17.32 -1.59
N PHE A 28 3.89 -17.54 -0.68
CA PHE A 28 4.54 -16.43 0.04
C PHE A 28 5.74 -15.87 -0.74
N ASP A 29 5.56 -15.67 -2.05
CA ASP A 29 6.63 -15.15 -2.90
C ASP A 29 6.16 -13.92 -3.68
N ALA A 30 7.10 -13.04 -4.02
CA ALA A 30 6.79 -11.83 -4.78
C ALA A 30 7.72 -11.63 -5.97
N ALA A 31 8.25 -12.74 -6.51
CA ALA A 31 9.15 -12.69 -7.66
C ALA A 31 8.35 -12.69 -8.97
N ASN A 32 7.45 -13.66 -9.12
CA ASN A 32 6.61 -13.76 -10.31
C ASN A 32 5.52 -12.69 -10.29
N LEU A 33 5.01 -12.38 -9.09
CA LEU A 33 3.98 -11.37 -8.92
C LEU A 33 4.55 -9.97 -9.12
N VAL A 34 4.33 -9.38 -10.29
CA VAL A 34 4.84 -8.05 -10.59
C VAL A 34 3.74 -7.14 -11.18
N MET A 35 3.07 -7.61 -12.23
CA MET A 35 2.00 -6.85 -12.87
C MET A 35 0.97 -6.35 -11.85
N LEU A 36 0.53 -7.24 -10.96
CA LEU A 36 -0.46 -6.88 -9.94
C LEU A 36 0.04 -5.74 -9.05
N TYR A 37 1.19 -5.96 -8.40
CA TYR A 37 1.78 -4.94 -7.52
C TYR A 37 1.90 -3.60 -8.27
N LEU A 38 2.51 -3.66 -9.45
CA LEU A 38 2.69 -2.46 -10.29
C LEU A 38 1.36 -1.79 -10.62
N LEU A 39 0.46 -2.54 -11.26
CA LEU A 39 -0.85 -2.02 -11.64
C LEU A 39 -1.54 -1.31 -10.47
N GLY A 40 -1.61 -1.98 -9.32
CA GLY A 40 -2.23 -1.40 -8.14
C GLY A 40 -1.50 -0.17 -7.64
N VAL A 41 -0.23 -0.34 -7.27
CA VAL A 41 0.60 0.77 -6.78
C VAL A 41 0.57 1.98 -7.70
N VAL A 42 0.83 1.74 -8.99
CA VAL A 42 0.86 2.82 -9.99
C VAL A 42 -0.51 3.51 -10.09
N VAL A 43 -1.56 2.74 -10.39
CA VAL A 43 -2.91 3.29 -10.52
C VAL A 43 -3.29 4.08 -9.27
N VAL A 44 -3.11 3.47 -8.10
CA VAL A 44 -3.43 4.13 -6.83
C VAL A 44 -2.67 5.44 -6.69
N ALA A 45 -1.33 5.37 -6.82
CA ALA A 45 -0.49 6.55 -6.72
C ALA A 45 -0.95 7.64 -7.68
N LEU A 46 -1.14 7.27 -8.95
CA LEU A 46 -1.59 8.21 -9.98
C LEU A 46 -2.94 8.84 -9.61
N PHE A 47 -3.94 7.98 -9.35
CA PHE A 47 -5.27 8.47 -8.97
C PHE A 47 -5.22 9.34 -7.72
N TYR A 48 -4.26 9.05 -6.83
CA TYR A 48 -4.08 9.81 -5.60
C TYR A 48 -3.21 11.05 -5.84
N GLY A 49 -2.73 11.25 -7.07
CA GLY A 49 -1.90 12.40 -7.38
C GLY A 49 -2.66 13.72 -7.38
N ARG A 50 -2.03 14.78 -7.88
CA ARG A 50 -2.64 16.11 -7.93
C ARG A 50 -2.93 16.65 -6.53
N TRP A 51 -1.95 16.49 -5.62
CA TRP A 51 -2.11 16.96 -4.24
C TRP A 51 -0.75 17.01 -3.51
N PRO A 52 -0.48 18.13 -2.80
CA PRO A 52 0.77 18.30 -2.05
C PRO A 52 0.70 17.72 -0.63
N SER A 53 1.61 16.79 -0.32
CA SER A 53 1.63 16.15 1.00
C SER A 53 2.82 15.20 1.14
N VAL A 54 3.03 14.71 2.37
CA VAL A 54 4.12 13.77 2.66
C VAL A 54 3.67 12.31 2.47
N VAL A 55 2.36 12.08 2.52
CA VAL A 55 1.82 10.72 2.34
C VAL A 55 2.14 10.16 0.96
N ALA A 56 1.71 10.86 -0.09
CA ALA A 56 1.96 10.43 -1.45
C ALA A 56 3.45 10.17 -1.70
N THR A 57 4.30 11.09 -1.20
CA THR A 57 5.75 10.96 -1.34
C THR A 57 6.25 9.69 -0.66
N VAL A 58 6.04 9.61 0.66
CA VAL A 58 6.47 8.43 1.43
C VAL A 58 5.90 7.15 0.81
N ILE A 59 4.62 7.17 0.47
CA ILE A 59 3.95 6.03 -0.14
C ILE A 59 4.63 5.62 -1.45
N ASN A 60 4.76 6.55 -2.38
CA ASN A 60 5.39 6.29 -3.67
C ASN A 60 6.82 5.74 -3.50
N VAL A 61 7.62 6.41 -2.68
CA VAL A 61 9.00 5.97 -2.44
C VAL A 61 9.03 4.55 -1.88
N VAL A 62 8.35 4.35 -0.74
CA VAL A 62 8.28 3.03 -0.11
C VAL A 62 7.75 1.97 -1.08
N SER A 63 6.64 2.27 -1.74
CA SER A 63 6.05 1.34 -2.70
C SER A 63 7.05 1.01 -3.82
N PHE A 64 7.67 2.04 -4.38
CA PHE A 64 8.64 1.87 -5.46
C PHE A 64 9.83 1.04 -5.00
N ASP A 65 10.52 1.51 -3.96
CA ASP A 65 11.70 0.80 -3.43
C ASP A 65 11.35 -0.62 -2.96
N LEU A 66 10.23 -0.75 -2.24
CA LEU A 66 9.78 -2.05 -1.74
C LEU A 66 9.44 -3.00 -2.90
N PHE A 67 8.92 -2.44 -4.00
CA PHE A 67 8.56 -3.24 -5.16
C PHE A 67 9.81 -3.77 -5.88
N PHE A 68 10.62 -4.56 -5.17
CA PHE A 68 11.85 -5.13 -5.72
C PHE A 68 11.91 -6.64 -5.50
N ILE A 69 10.74 -7.30 -5.50
CA ILE A 69 10.65 -8.76 -5.31
C ILE A 69 11.02 -9.17 -3.88
N ALA A 70 10.01 -9.49 -3.08
CA ALA A 70 10.22 -9.91 -1.69
C ALA A 70 11.00 -11.23 -1.64
N PRO A 71 11.88 -11.40 -0.62
CA PRO A 71 12.69 -12.61 -0.47
C PRO A 71 11.86 -13.86 -0.14
N ARG A 72 12.51 -15.02 -0.15
CA ARG A 72 11.85 -16.28 0.15
C ARG A 72 11.37 -16.31 1.61
N GLY A 73 10.25 -15.64 1.86
CA GLY A 73 9.69 -15.58 3.21
C GLY A 73 9.08 -14.22 3.52
N THR A 74 8.05 -13.85 2.77
CA THR A 74 7.37 -12.57 2.99
C THR A 74 5.99 -12.77 3.62
N LEU A 75 5.91 -13.68 4.58
CA LEU A 75 4.66 -13.97 5.28
C LEU A 75 4.95 -14.51 6.68
N ALA A 76 5.24 -13.61 7.63
CA ALA A 76 5.55 -13.99 9.01
C ALA A 76 6.63 -15.08 9.08
N VAL A 77 7.68 -14.93 8.29
CA VAL A 77 8.78 -15.90 8.25
C VAL A 77 9.72 -15.75 9.45
N SER A 78 9.94 -14.51 9.90
CA SER A 78 10.82 -14.24 11.04
C SER A 78 10.84 -12.74 11.38
N ASP A 79 11.85 -12.32 12.15
CA ASP A 79 12.00 -10.92 12.57
C ASP A 79 11.73 -9.95 11.42
N VAL A 80 12.47 -10.10 10.32
CA VAL A 80 12.30 -9.24 9.15
C VAL A 80 10.84 -9.10 8.75
N GLN A 81 10.14 -10.22 8.61
CA GLN A 81 8.73 -10.21 8.23
C GLN A 81 7.86 -9.65 9.36
N TYR A 82 8.20 -9.97 10.61
CA TYR A 82 7.46 -9.47 11.76
C TYR A 82 7.51 -7.94 11.78
N LEU A 83 8.71 -7.39 11.61
CA LEU A 83 8.92 -5.95 11.56
C LEU A 83 8.25 -5.36 10.32
N LEU A 84 8.50 -5.98 9.16
CA LEU A 84 7.91 -5.54 7.91
C LEU A 84 6.37 -5.45 8.03
N THR A 85 5.78 -6.51 8.58
CA THR A 85 4.33 -6.58 8.77
C THR A 85 3.86 -5.50 9.75
N PHE A 86 4.49 -5.45 10.92
CA PHE A 86 4.14 -4.45 11.93
C PHE A 86 4.25 -3.04 11.36
N ALA A 87 5.34 -2.78 10.63
CA ALA A 87 5.58 -1.48 10.02
C ALA A 87 4.45 -1.11 9.04
N VAL A 88 4.17 -2.01 8.10
CA VAL A 88 3.10 -1.75 7.12
C VAL A 88 1.73 -1.63 7.80
N MET A 89 1.47 -2.52 8.76
CA MET A 89 0.21 -2.51 9.50
C MET A 89 0.04 -1.18 10.25
N LEU A 90 1.02 -0.85 11.10
CA LEU A 90 0.99 0.40 11.86
C LEU A 90 0.84 1.60 10.93
N THR A 91 1.61 1.58 9.83
CA THR A 91 1.56 2.66 8.83
C THR A 91 0.16 2.77 8.25
N VAL A 92 -0.37 1.64 7.75
CA VAL A 92 -1.72 1.61 7.18
C VAL A 92 -2.76 2.11 8.18
N GLY A 93 -2.69 1.59 9.41
CA GLY A 93 -3.62 2.01 10.46
C GLY A 93 -3.51 3.50 10.77
N LEU A 94 -2.29 3.96 11.02
CA LEU A 94 -2.04 5.37 11.33
C LEU A 94 -2.56 6.26 10.19
N VAL A 95 -2.23 5.90 8.95
CA VAL A 95 -2.65 6.66 7.78
C VAL A 95 -4.17 6.65 7.62
N ILE A 96 -4.78 5.45 7.58
CA ILE A 96 -6.23 5.32 7.42
C ILE A 96 -6.97 6.10 8.52
N GLY A 97 -6.47 6.01 9.75
CA GLY A 97 -7.08 6.72 10.86
C GLY A 97 -7.03 8.23 10.69
N ASN A 98 -5.82 8.76 10.49
CA ASN A 98 -5.64 10.21 10.30
C ASN A 98 -6.34 10.71 9.04
N LEU A 99 -6.23 9.97 7.94
CA LEU A 99 -6.86 10.37 6.68
C LEU A 99 -8.39 10.44 6.82
N THR A 100 -8.98 9.42 7.43
CA THR A 100 -10.43 9.39 7.63
C THR A 100 -10.87 10.50 8.58
N ALA A 101 -10.09 10.72 9.65
CA ALA A 101 -10.40 11.77 10.61
C ALA A 101 -10.19 13.17 10.03
N GLY A 102 -9.16 13.32 9.20
CA GLY A 102 -8.86 14.62 8.59
C GLY A 102 -9.74 14.94 7.39
N VAL A 103 -9.97 13.95 6.52
CA VAL A 103 -10.80 14.15 5.32
C VAL A 103 -12.17 14.74 5.68
N ARG A 104 -12.69 14.39 6.86
CA ARG A 104 -13.98 14.90 7.31
C ARG A 104 -13.79 15.99 8.36
N TYR A 105 -14.36 17.17 8.10
CA TYR A 105 -14.25 18.30 9.01
C TYR A 105 -14.67 17.92 10.44
N GLN A 106 -13.67 17.76 11.31
CA GLN A 106 -13.90 17.39 12.71
C GLN A 106 -14.42 15.95 12.83
N ALA A 107 -13.89 15.06 11.99
CA ALA A 107 -14.27 13.64 11.97
C ALA A 107 -15.57 13.41 11.20
N MET A 1 -14.17 14.00 -1.33
CA MET A 1 -13.98 12.71 -2.08
C MET A 1 -12.53 12.55 -2.55
N VAL A 2 -12.20 13.12 -3.72
CA VAL A 2 -10.84 13.05 -4.26
C VAL A 2 -9.92 14.05 -3.57
N GLN A 3 -9.70 13.85 -2.27
CA GLN A 3 -8.85 14.75 -1.48
C GLN A 3 -7.69 13.98 -0.83
N ILE A 4 -6.72 14.73 -0.31
CA ILE A 4 -5.55 14.14 0.36
C ILE A 4 -5.99 13.19 1.47
N GLN A 5 -5.95 11.89 1.17
CA GLN A 5 -6.34 10.85 2.14
C GLN A 5 -7.86 10.85 2.38
N GLY A 6 -8.60 10.12 1.54
CA GLY A 6 -10.04 10.04 1.68
C GLY A 6 -10.62 8.73 1.16
N SER A 7 -11.86 8.77 0.67
CA SER A 7 -12.53 7.57 0.14
C SER A 7 -11.68 6.88 -0.91
N VAL A 8 -11.18 7.66 -1.88
CA VAL A 8 -10.33 7.12 -2.95
C VAL A 8 -9.14 6.39 -2.34
N VAL A 9 -8.46 7.05 -1.40
CA VAL A 9 -7.31 6.47 -0.71
C VAL A 9 -7.72 5.18 -0.01
N ALA A 10 -8.84 5.22 0.71
CA ALA A 10 -9.35 4.05 1.42
C ALA A 10 -9.56 2.89 0.43
N ALA A 11 -10.24 3.20 -0.67
CA ALA A 11 -10.50 2.20 -1.71
C ALA A 11 -9.18 1.63 -2.26
N ALA A 12 -8.27 2.53 -2.66
CA ALA A 12 -6.96 2.11 -3.16
C ALA A 12 -6.24 1.24 -2.14
N LEU A 13 -6.22 1.71 -0.88
CA LEU A 13 -5.60 0.96 0.20
C LEU A 13 -6.22 -0.43 0.29
N SER A 14 -7.55 -0.48 0.28
CA SER A 14 -8.29 -1.75 0.33
C SER A 14 -7.78 -2.69 -0.75
N ALA A 15 -7.58 -2.14 -1.96
CA ALA A 15 -7.07 -2.92 -3.08
C ALA A 15 -5.65 -3.43 -2.80
N VAL A 16 -4.77 -2.53 -2.37
CA VAL A 16 -3.38 -2.88 -2.05
C VAL A 16 -3.34 -3.96 -0.96
N ILE A 17 -4.06 -3.72 0.14
CA ILE A 17 -4.12 -4.68 1.25
C ILE A 17 -4.61 -6.03 0.76
N THR A 18 -5.68 -6.00 -0.05
CA THR A 18 -6.25 -7.23 -0.62
C THR A 18 -5.21 -7.94 -1.49
N LEU A 19 -4.56 -7.17 -2.38
CA LEU A 19 -3.53 -7.72 -3.26
C LEU A 19 -2.39 -8.35 -2.47
N ILE A 20 -1.82 -7.59 -1.53
CA ILE A 20 -0.72 -8.09 -0.71
C ILE A 20 -1.17 -9.31 0.11
N ALA A 21 -2.34 -9.20 0.75
CA ALA A 21 -2.89 -10.31 1.54
C ALA A 21 -2.96 -11.58 0.70
N MET A 22 -3.62 -11.49 -0.46
CA MET A 22 -3.75 -12.62 -1.37
C MET A 22 -2.38 -13.08 -1.86
N GLN A 23 -1.53 -12.11 -2.21
CA GLN A 23 -0.17 -12.40 -2.69
C GLN A 23 0.64 -13.16 -1.65
N TRP A 24 0.32 -12.95 -0.37
CA TRP A 24 1.02 -13.62 0.73
C TRP A 24 0.33 -14.95 1.07
N LEU A 25 -1.00 -14.94 1.07
CA LEU A 25 -1.78 -16.15 1.37
C LEU A 25 -1.73 -17.14 0.21
N MET A 26 -0.70 -17.99 0.21
CA MET A 26 -0.51 -19.00 -0.83
C MET A 26 0.20 -18.40 -2.05
N ALA A 27 0.82 -19.24 -2.86
CA ALA A 27 1.54 -18.77 -4.05
C ALA A 27 2.57 -17.70 -3.66
N PHE A 28 3.51 -18.10 -2.80
CA PHE A 28 4.56 -17.17 -2.31
C PHE A 28 5.48 -16.69 -3.44
N ASP A 29 6.36 -15.74 -3.08
CA ASP A 29 7.31 -15.15 -4.01
C ASP A 29 6.70 -13.98 -4.78
N ALA A 30 7.36 -12.83 -4.73
CA ALA A 30 6.91 -11.64 -5.42
C ALA A 30 7.46 -11.58 -6.85
N ALA A 31 8.47 -12.41 -7.17
CA ALA A 31 9.07 -12.44 -8.52
C ALA A 31 8.00 -12.27 -9.61
N ASN A 32 7.01 -13.16 -9.60
CA ASN A 32 5.92 -13.10 -10.57
C ASN A 32 4.74 -12.28 -10.04
N LEU A 33 4.46 -12.43 -8.74
CA LEU A 33 3.34 -11.72 -8.09
C LEU A 33 3.52 -10.20 -8.15
N VAL A 34 4.77 -9.72 -8.05
CA VAL A 34 5.06 -8.29 -8.10
C VAL A 34 4.35 -7.61 -9.27
N MET A 35 4.23 -8.31 -10.40
CA MET A 35 3.55 -7.77 -11.57
C MET A 35 2.17 -7.22 -11.18
N LEU A 36 1.39 -8.05 -10.51
CA LEU A 36 0.06 -7.64 -10.04
C LEU A 36 0.20 -6.57 -8.96
N TYR A 37 1.11 -6.80 -8.02
CA TYR A 37 1.37 -5.83 -6.94
C TYR A 37 1.70 -4.46 -7.53
N LEU A 38 2.65 -4.44 -8.48
CA LEU A 38 3.05 -3.20 -9.15
C LEU A 38 1.87 -2.60 -9.87
N LEU A 39 1.17 -3.42 -10.68
CA LEU A 39 -0.01 -2.96 -11.41
C LEU A 39 -0.98 -2.28 -10.45
N GLY A 40 -1.22 -2.93 -9.30
CA GLY A 40 -2.11 -2.37 -8.28
C GLY A 40 -1.57 -1.07 -7.73
N VAL A 41 -0.29 -1.07 -7.33
CA VAL A 41 0.34 0.13 -6.80
C VAL A 41 0.25 1.28 -7.81
N VAL A 42 0.44 0.95 -9.09
CA VAL A 42 0.36 1.94 -10.17
C VAL A 42 -1.03 2.57 -10.22
N VAL A 43 -2.07 1.73 -10.37
CA VAL A 43 -3.45 2.24 -10.41
C VAL A 43 -3.78 2.98 -9.12
N VAL A 44 -3.30 2.44 -7.98
CA VAL A 44 -3.51 3.08 -6.68
C VAL A 44 -2.93 4.49 -6.68
N ALA A 45 -1.62 4.59 -6.93
CA ALA A 45 -0.94 5.89 -6.98
C ALA A 45 -1.61 6.80 -8.00
N LEU A 46 -1.95 6.23 -9.18
CA LEU A 46 -2.62 6.99 -10.23
C LEU A 46 -3.85 7.72 -9.69
N PHE A 47 -4.73 6.98 -9.02
CA PHE A 47 -5.94 7.57 -8.43
C PHE A 47 -5.58 8.44 -7.22
N TYR A 48 -4.59 7.99 -6.44
CA TYR A 48 -4.14 8.73 -5.25
C TYR A 48 -3.57 10.10 -5.63
N GLY A 49 -2.85 10.15 -6.76
CA GLY A 49 -2.26 11.40 -7.22
C GLY A 49 -3.22 12.57 -7.22
N ARG A 50 -3.05 13.46 -6.24
CA ARG A 50 -3.90 14.64 -6.11
C ARG A 50 -3.11 15.84 -5.60
N TRP A 51 -2.64 15.74 -4.35
CA TRP A 51 -1.86 16.81 -3.73
C TRP A 51 -0.55 16.26 -3.18
N PRO A 52 0.60 16.84 -3.59
CA PRO A 52 1.92 16.39 -3.12
C PRO A 52 2.21 16.81 -1.68
N SER A 53 1.80 15.96 -0.73
CA SER A 53 1.99 16.24 0.69
C SER A 53 3.06 15.31 1.29
N VAL A 54 2.64 14.19 1.86
CA VAL A 54 3.56 13.23 2.48
C VAL A 54 3.09 11.78 2.31
N VAL A 55 1.81 11.53 2.64
CA VAL A 55 1.24 10.19 2.53
C VAL A 55 1.59 9.53 1.19
N ALA A 56 1.28 10.24 0.10
CA ALA A 56 1.60 9.73 -1.25
C ALA A 56 3.08 9.45 -1.40
N THR A 57 3.92 10.35 -0.85
CA THR A 57 5.37 10.19 -0.91
C THR A 57 5.80 8.92 -0.16
N VAL A 58 5.35 8.79 1.10
CA VAL A 58 5.67 7.61 1.90
C VAL A 58 5.25 6.34 1.16
N ILE A 59 4.01 6.34 0.67
CA ILE A 59 3.48 5.22 -0.10
C ILE A 59 4.36 4.95 -1.32
N ASN A 60 4.67 6.03 -2.04
CA ASN A 60 5.51 5.95 -3.23
C ASN A 60 6.85 5.29 -2.91
N VAL A 61 7.50 5.77 -1.84
CA VAL A 61 8.78 5.20 -1.40
C VAL A 61 8.62 3.73 -1.07
N VAL A 62 7.71 3.43 -0.14
CA VAL A 62 7.44 2.04 0.26
C VAL A 62 7.15 1.17 -0.96
N SER A 63 6.38 1.72 -1.90
CA SER A 63 6.02 1.01 -3.13
C SER A 63 7.27 0.79 -3.99
N PHE A 64 8.05 1.85 -4.19
CA PHE A 64 9.28 1.77 -4.98
C PHE A 64 10.23 0.74 -4.38
N ASP A 65 10.44 0.84 -3.06
CA ASP A 65 11.29 -0.09 -2.34
C ASP A 65 10.75 -1.52 -2.47
N LEU A 66 9.48 -1.70 -2.10
CA LEU A 66 8.82 -3.00 -2.18
C LEU A 66 8.93 -3.59 -3.59
N PHE A 67 8.66 -2.78 -4.61
CA PHE A 67 8.73 -3.21 -6.01
C PHE A 67 9.91 -4.16 -6.24
N PHE A 68 11.05 -3.85 -5.62
CA PHE A 68 12.25 -4.67 -5.73
C PHE A 68 12.48 -5.48 -4.45
N ILE A 69 12.32 -4.82 -3.30
CA ILE A 69 12.52 -5.47 -2.00
C ILE A 69 11.59 -6.67 -1.79
N ALA A 70 10.37 -6.62 -2.35
CA ALA A 70 9.42 -7.73 -2.21
C ALA A 70 9.90 -8.98 -2.96
N PRO A 71 10.05 -8.89 -4.30
CA PRO A 71 10.52 -10.02 -5.12
C PRO A 71 11.96 -10.42 -4.79
N ARG A 72 12.82 -9.43 -4.55
CA ARG A 72 14.22 -9.69 -4.22
C ARG A 72 14.40 -9.92 -2.71
N GLY A 73 13.76 -10.98 -2.20
CA GLY A 73 13.86 -11.30 -0.79
C GLY A 73 12.53 -11.73 -0.17
N THR A 74 11.78 -12.57 -0.89
CA THR A 74 10.48 -13.05 -0.41
C THR A 74 10.65 -14.20 0.60
N LEU A 75 11.71 -15.00 0.43
CA LEU A 75 11.96 -16.13 1.34
C LEU A 75 12.43 -15.64 2.72
N ALA A 76 11.49 -15.08 3.47
CA ALA A 76 11.78 -14.55 4.80
C ALA A 76 11.74 -15.64 5.87
N VAL A 77 12.82 -15.74 6.65
CA VAL A 77 12.90 -16.74 7.72
C VAL A 77 12.05 -16.35 8.95
N SER A 78 10.76 -16.12 8.71
CA SER A 78 9.82 -15.73 9.77
C SER A 78 10.31 -14.52 10.58
N ASP A 79 10.97 -13.57 9.91
CA ASP A 79 11.47 -12.37 10.58
C ASP A 79 11.22 -11.12 9.72
N VAL A 80 12.08 -10.90 8.72
CA VAL A 80 11.95 -9.73 7.83
C VAL A 80 10.52 -9.55 7.32
N GLN A 81 9.88 -10.64 6.89
CA GLN A 81 8.50 -10.57 6.40
C GLN A 81 7.56 -10.13 7.52
N TYR A 82 7.86 -10.50 8.75
CA TYR A 82 7.05 -10.10 9.91
C TYR A 82 7.24 -8.61 10.16
N LEU A 83 8.50 -8.18 10.18
CA LEU A 83 8.83 -6.76 10.40
C LEU A 83 8.18 -5.91 9.30
N LEU A 84 8.37 -6.33 8.05
CA LEU A 84 7.77 -5.62 6.91
C LEU A 84 6.25 -5.58 7.06
N THR A 85 5.65 -6.75 7.33
CA THR A 85 4.21 -6.84 7.53
C THR A 85 3.77 -5.88 8.64
N PHE A 86 4.54 -5.86 9.74
CA PHE A 86 4.24 -4.97 10.85
C PHE A 86 4.20 -3.52 10.35
N ALA A 87 5.22 -3.13 9.60
CA ALA A 87 5.29 -1.78 9.03
C ALA A 87 4.10 -1.52 8.12
N VAL A 88 3.76 -2.51 7.29
CA VAL A 88 2.62 -2.40 6.37
C VAL A 88 1.32 -2.20 7.17
N MET A 89 1.11 -3.06 8.17
CA MET A 89 -0.07 -2.97 9.02
C MET A 89 -0.14 -1.62 9.72
N LEU A 90 0.96 -1.25 10.39
CA LEU A 90 1.06 0.04 11.07
C LEU A 90 0.74 1.17 10.10
N THR A 91 1.36 1.12 8.92
CA THR A 91 1.14 2.12 7.88
C THR A 91 -0.34 2.16 7.50
N VAL A 92 -0.90 0.99 7.20
CA VAL A 92 -2.31 0.87 6.84
C VAL A 92 -3.20 1.49 7.92
N GLY A 93 -3.01 1.05 9.17
CA GLY A 93 -3.80 1.59 10.28
C GLY A 93 -3.65 3.09 10.40
N LEU A 94 -2.40 3.57 10.38
CA LEU A 94 -2.11 4.99 10.47
C LEU A 94 -2.79 5.77 9.34
N VAL A 95 -2.59 5.33 8.10
CA VAL A 95 -3.21 5.99 6.95
C VAL A 95 -4.73 5.92 7.02
N ILE A 96 -5.26 4.76 7.45
CA ILE A 96 -6.71 4.58 7.58
C ILE A 96 -7.30 5.65 8.50
N GLY A 97 -6.70 5.81 9.68
CA GLY A 97 -7.16 6.82 10.62
C GLY A 97 -6.90 8.22 10.09
N ASN A 98 -5.70 8.43 9.56
CA ASN A 98 -5.32 9.72 9.00
C ASN A 98 -6.33 10.18 7.93
N LEU A 99 -6.60 9.31 6.95
CA LEU A 99 -7.57 9.64 5.90
C LEU A 99 -8.96 9.82 6.48
N THR A 100 -9.33 8.97 7.46
CA THR A 100 -10.62 9.07 8.12
C THR A 100 -10.79 10.44 8.76
N ALA A 101 -9.73 10.91 9.42
CA ALA A 101 -9.76 12.22 10.08
C ALA A 101 -9.67 13.35 9.04
N GLY A 102 -8.62 13.33 8.22
CA GLY A 102 -8.44 14.35 7.19
C GLY A 102 -9.68 14.56 6.33
N VAL A 103 -10.33 13.47 5.93
CA VAL A 103 -11.54 13.56 5.11
C VAL A 103 -12.73 14.14 5.88
N ARG A 104 -12.58 14.28 7.21
CA ARG A 104 -13.64 14.83 8.04
C ARG A 104 -13.34 16.29 8.41
N TYR A 105 -14.05 17.21 7.76
CA TYR A 105 -13.86 18.65 8.00
C TYR A 105 -12.62 19.19 7.28
N GLN A 106 -12.51 20.52 7.19
CA GLN A 106 -11.38 21.16 6.53
C GLN A 106 -10.29 21.54 7.54
N ALA A 107 -10.68 22.25 8.60
CA ALA A 107 -9.76 22.68 9.63
C ALA A 107 -10.50 23.03 10.92
N MET A 1 -9.82 12.55 -15.18
CA MET A 1 -10.15 11.75 -13.95
C MET A 1 -9.76 12.51 -12.68
N VAL A 2 -10.40 12.16 -11.57
CA VAL A 2 -10.11 12.80 -10.28
C VAL A 2 -9.74 11.75 -9.23
N GLN A 3 -8.79 12.10 -8.36
CA GLN A 3 -8.34 11.19 -7.30
C GLN A 3 -8.10 11.94 -6.00
N ILE A 4 -8.44 11.29 -4.88
CA ILE A 4 -8.26 11.89 -3.56
C ILE A 4 -8.02 10.81 -2.50
N GLN A 5 -7.11 11.08 -1.57
CA GLN A 5 -6.80 10.13 -0.50
C GLN A 5 -8.03 9.83 0.34
N GLY A 6 -8.23 8.55 0.66
CA GLY A 6 -9.37 8.14 1.46
C GLY A 6 -10.11 6.95 0.87
N SER A 7 -11.25 7.21 0.22
CA SER A 7 -12.05 6.15 -0.39
C SER A 7 -11.26 5.35 -1.43
N VAL A 8 -10.99 5.95 -2.59
CA VAL A 8 -10.24 5.28 -3.65
C VAL A 8 -8.98 4.61 -3.12
N VAL A 9 -8.25 5.32 -2.25
CA VAL A 9 -7.03 4.78 -1.65
C VAL A 9 -7.33 3.52 -0.85
N ALA A 10 -8.27 3.63 0.10
CA ALA A 10 -8.66 2.50 0.94
C ALA A 10 -9.14 1.34 0.07
N ALA A 11 -9.97 1.64 -0.92
CA ALA A 11 -10.49 0.62 -1.83
C ALA A 11 -9.34 -0.06 -2.59
N ALA A 12 -8.49 0.76 -3.21
CA ALA A 12 -7.34 0.25 -3.95
C ALA A 12 -6.47 -0.63 -3.06
N LEU A 13 -6.03 -0.07 -1.93
CA LEU A 13 -5.21 -0.83 -0.98
C LEU A 13 -5.93 -2.09 -0.53
N SER A 14 -7.22 -1.95 -0.22
CA SER A 14 -8.04 -3.09 0.22
C SER A 14 -7.94 -4.23 -0.78
N ALA A 15 -8.03 -3.90 -2.07
CA ALA A 15 -7.92 -4.91 -3.12
C ALA A 15 -6.52 -5.54 -3.12
N VAL A 16 -5.50 -4.68 -3.04
CA VAL A 16 -4.10 -5.14 -3.00
C VAL A 16 -3.86 -6.07 -1.81
N ILE A 17 -4.24 -5.59 -0.61
CA ILE A 17 -4.08 -6.37 0.61
C ILE A 17 -4.86 -7.69 0.51
N THR A 18 -6.07 -7.62 -0.04
CA THR A 18 -6.90 -8.82 -0.23
C THR A 18 -6.20 -9.77 -1.19
N LEU A 19 -5.69 -9.22 -2.29
CA LEU A 19 -4.97 -10.01 -3.30
C LEU A 19 -3.75 -10.68 -2.66
N ILE A 20 -2.87 -9.88 -2.06
CA ILE A 20 -1.68 -10.41 -1.40
C ILE A 20 -2.07 -11.41 -0.32
N ALA A 21 -3.15 -11.12 0.41
CA ALA A 21 -3.64 -12.04 1.44
C ALA A 21 -3.92 -13.39 0.79
N MET A 22 -4.66 -13.37 -0.32
CA MET A 22 -4.97 -14.58 -1.07
C MET A 22 -3.68 -15.25 -1.55
N GLN A 23 -2.76 -14.43 -2.08
CA GLN A 23 -1.46 -14.94 -2.55
C GLN A 23 -0.77 -15.69 -1.41
N TRP A 24 -0.58 -15.00 -0.29
CA TRP A 24 0.05 -15.57 0.90
C TRP A 24 -0.59 -16.93 1.22
N LEU A 25 -1.93 -16.96 1.18
CA LEU A 25 -2.68 -18.19 1.45
C LEU A 25 -2.19 -19.34 0.56
N MET A 26 -1.73 -19.00 -0.64
CA MET A 26 -1.22 -19.99 -1.59
C MET A 26 0.24 -19.68 -1.98
N ALA A 27 1.04 -19.31 -0.96
CA ALA A 27 2.47 -18.97 -1.13
C ALA A 27 2.70 -17.46 -1.18
N PHE A 28 3.33 -16.92 -0.13
CA PHE A 28 3.61 -15.49 -0.04
C PHE A 28 4.70 -15.07 -1.04
N ASP A 29 4.28 -14.54 -2.18
CA ASP A 29 5.20 -14.09 -3.21
C ASP A 29 4.53 -13.09 -4.17
N ALA A 30 5.35 -12.29 -4.85
CA ALA A 30 4.83 -11.29 -5.79
C ALA A 30 4.32 -11.96 -7.07
N ALA A 31 3.25 -12.76 -6.92
CA ALA A 31 2.65 -13.47 -8.06
C ALA A 31 2.30 -12.51 -9.19
N ASN A 32 2.75 -12.84 -10.41
CA ASN A 32 2.50 -12.01 -11.59
C ASN A 32 3.02 -10.59 -11.38
N LEU A 33 4.35 -10.44 -11.45
CA LEU A 33 5.00 -9.15 -11.25
C LEU A 33 4.27 -8.04 -12.03
N VAL A 34 4.00 -8.28 -13.32
CA VAL A 34 3.29 -7.30 -14.14
C VAL A 34 1.99 -6.88 -13.47
N MET A 35 1.18 -7.87 -13.09
CA MET A 35 -0.09 -7.61 -12.41
C MET A 35 0.16 -6.98 -11.04
N LEU A 36 1.06 -7.57 -10.25
CA LEU A 36 1.40 -7.04 -8.93
C LEU A 36 1.91 -5.61 -9.05
N TYR A 37 2.83 -5.39 -10.00
CA TYR A 37 3.38 -4.06 -10.25
C TYR A 37 2.27 -3.10 -10.64
N LEU A 38 1.46 -3.49 -11.63
CA LEU A 38 0.34 -2.67 -12.08
C LEU A 38 -0.56 -2.31 -10.91
N LEU A 39 -0.97 -3.32 -10.14
CA LEU A 39 -1.82 -3.13 -8.98
C LEU A 39 -1.15 -2.18 -7.97
N GLY A 40 0.12 -2.45 -7.69
CA GLY A 40 0.87 -1.62 -6.76
C GLY A 40 1.00 -0.19 -7.21
N VAL A 41 1.59 0.03 -8.39
CA VAL A 41 1.77 1.39 -8.92
C VAL A 41 0.46 2.16 -8.96
N VAL A 42 -0.63 1.50 -9.40
CA VAL A 42 -1.94 2.14 -9.45
C VAL A 42 -2.38 2.58 -8.06
N VAL A 43 -2.47 1.63 -7.13
CA VAL A 43 -2.88 1.92 -5.76
C VAL A 43 -1.97 2.99 -5.13
N VAL A 44 -0.65 2.77 -5.24
CA VAL A 44 0.33 3.72 -4.72
C VAL A 44 0.11 5.10 -5.32
N ALA A 45 -0.04 5.16 -6.65
CA ALA A 45 -0.30 6.42 -7.33
C ALA A 45 -1.54 7.08 -6.73
N LEU A 46 -2.60 6.29 -6.58
CA LEU A 46 -3.85 6.78 -5.99
C LEU A 46 -3.58 7.29 -4.57
N PHE A 47 -2.77 6.54 -3.81
CA PHE A 47 -2.41 6.91 -2.45
C PHE A 47 -1.63 8.23 -2.40
N TYR A 48 -0.69 8.38 -3.35
CA TYR A 48 0.13 9.59 -3.45
C TYR A 48 -0.64 10.75 -4.07
N GLY A 49 -1.48 10.44 -5.07
CA GLY A 49 -2.28 11.46 -5.74
C GLY A 49 -3.28 12.14 -4.83
N ARG A 50 -2.78 12.92 -3.88
CA ARG A 50 -3.63 13.64 -2.93
C ARG A 50 -3.07 15.04 -2.65
N TRP A 51 -1.81 15.09 -2.23
CA TRP A 51 -1.12 16.34 -1.91
C TRP A 51 0.27 16.07 -1.34
N PRO A 52 1.29 16.85 -1.74
CA PRO A 52 2.66 16.68 -1.26
C PRO A 52 2.80 16.93 0.25
N SER A 53 2.19 16.04 1.03
CA SER A 53 2.21 16.16 2.50
C SER A 53 3.19 15.16 3.13
N VAL A 54 4.37 15.01 2.52
CA VAL A 54 5.40 14.10 3.02
C VAL A 54 4.98 12.63 2.89
N VAL A 55 3.92 12.25 3.61
CA VAL A 55 3.43 10.86 3.59
C VAL A 55 3.20 10.37 2.16
N ALA A 56 2.53 11.17 1.33
CA ALA A 56 2.27 10.80 -0.06
C ALA A 56 3.59 10.45 -0.77
N THR A 57 4.55 11.37 -0.70
CA THR A 57 5.87 11.14 -1.30
C THR A 57 6.47 9.86 -0.74
N VAL A 58 6.44 9.72 0.59
CA VAL A 58 6.97 8.53 1.25
C VAL A 58 6.33 7.27 0.68
N ILE A 59 4.99 7.30 0.52
CA ILE A 59 4.27 6.17 -0.05
C ILE A 59 4.85 5.83 -1.42
N ASN A 60 5.07 6.86 -2.24
CA ASN A 60 5.67 6.66 -3.56
C ASN A 60 7.07 6.05 -3.40
N VAL A 61 7.85 6.61 -2.48
CA VAL A 61 9.20 6.11 -2.20
C VAL A 61 9.15 4.62 -1.91
N VAL A 62 8.26 4.22 -0.99
CA VAL A 62 8.09 2.80 -0.65
C VAL A 62 7.84 1.99 -1.92
N SER A 63 6.88 2.46 -2.73
CA SER A 63 6.57 1.81 -4.00
C SER A 63 7.83 1.70 -4.85
N PHE A 64 8.62 2.78 -4.87
CA PHE A 64 9.88 2.81 -5.62
C PHE A 64 10.84 1.76 -5.07
N ASP A 65 10.96 1.70 -3.75
CA ASP A 65 11.82 0.73 -3.08
C ASP A 65 11.45 -0.69 -3.52
N LEU A 66 10.15 -0.93 -3.69
CA LEU A 66 9.65 -2.23 -4.11
C LEU A 66 9.72 -2.39 -5.64
N PHE A 67 9.75 -1.26 -6.36
CA PHE A 67 9.82 -1.27 -7.83
C PHE A 67 11.14 -1.84 -8.34
N PHE A 68 11.31 -3.15 -8.17
CA PHE A 68 12.52 -3.84 -8.61
C PHE A 68 12.30 -5.35 -8.69
N ILE A 69 11.14 -5.74 -9.24
CA ILE A 69 10.78 -7.16 -9.39
C ILE A 69 11.08 -7.95 -8.10
N ALA A 70 10.37 -7.61 -7.03
CA ALA A 70 10.56 -8.27 -5.73
C ALA A 70 12.03 -8.21 -5.30
N PRO A 71 12.56 -6.99 -5.07
CA PRO A 71 13.96 -6.79 -4.68
C PRO A 71 14.37 -7.60 -3.44
N ARG A 72 13.61 -7.48 -2.37
CA ARG A 72 13.91 -8.21 -1.12
C ARG A 72 12.73 -8.15 -0.14
N GLY A 73 11.66 -8.87 -0.44
CA GLY A 73 10.49 -8.87 0.44
C GLY A 73 9.36 -9.78 -0.02
N THR A 74 9.69 -10.99 -0.46
CA THR A 74 8.67 -11.93 -0.92
C THR A 74 9.05 -13.37 -0.54
N LEU A 75 8.45 -13.86 0.54
CA LEU A 75 8.73 -15.21 1.04
C LEU A 75 7.59 -15.70 1.93
N ALA A 76 7.34 -17.02 1.90
CA ALA A 76 6.29 -17.62 2.72
C ALA A 76 6.59 -17.49 4.21
N VAL A 77 7.83 -17.79 4.59
CA VAL A 77 8.25 -17.70 5.99
C VAL A 77 9.34 -16.65 6.18
N SER A 78 8.92 -15.43 6.55
CA SER A 78 9.85 -14.33 6.75
C SER A 78 9.35 -13.34 7.81
N ASP A 79 9.86 -13.47 9.02
CA ASP A 79 9.47 -12.60 10.14
C ASP A 79 9.67 -11.12 9.79
N VAL A 80 10.85 -10.79 9.25
CA VAL A 80 11.15 -9.41 8.86
C VAL A 80 10.04 -8.82 7.98
N GLN A 81 9.58 -9.61 7.00
CA GLN A 81 8.51 -9.18 6.12
C GLN A 81 7.21 -9.02 6.91
N TYR A 82 6.93 -10.01 7.77
CA TYR A 82 5.73 -10.01 8.62
C TYR A 82 5.67 -8.73 9.47
N LEU A 83 6.70 -8.51 10.28
CA LEU A 83 6.78 -7.34 11.15
C LEU A 83 6.73 -6.04 10.33
N LEU A 84 7.59 -5.95 9.32
CA LEU A 84 7.65 -4.77 8.45
C LEU A 84 6.28 -4.50 7.83
N THR A 85 5.75 -5.48 7.10
CA THR A 85 4.44 -5.35 6.46
C THR A 85 3.38 -4.97 7.49
N PHE A 86 3.43 -5.59 8.68
CA PHE A 86 2.48 -5.27 9.74
C PHE A 86 2.54 -3.78 10.07
N ALA A 87 3.76 -3.26 10.24
CA ALA A 87 3.95 -1.84 10.52
C ALA A 87 3.40 -0.99 9.37
N VAL A 88 3.63 -1.44 8.13
CA VAL A 88 3.13 -0.74 6.95
C VAL A 88 1.60 -0.73 6.96
N MET A 89 1.00 -1.89 7.22
CA MET A 89 -0.46 -2.02 7.28
C MET A 89 -1.00 -1.09 8.38
N LEU A 90 -0.43 -1.21 9.58
CA LEU A 90 -0.81 -0.36 10.71
C LEU A 90 -0.70 1.11 10.30
N THR A 91 0.42 1.44 9.65
CA THR A 91 0.66 2.80 9.16
C THR A 91 -0.45 3.21 8.19
N VAL A 92 -0.74 2.35 7.22
CA VAL A 92 -1.79 2.59 6.24
C VAL A 92 -3.10 2.95 6.96
N GLY A 93 -3.49 2.09 7.91
CA GLY A 93 -4.70 2.33 8.68
C GLY A 93 -4.69 3.69 9.35
N LEU A 94 -3.56 4.02 9.98
CA LEU A 94 -3.40 5.32 10.65
C LEU A 94 -3.55 6.45 9.64
N VAL A 95 -2.89 6.32 8.49
CA VAL A 95 -2.95 7.34 7.45
C VAL A 95 -4.38 7.50 6.93
N ILE A 96 -4.99 6.41 6.46
CA ILE A 96 -6.36 6.46 5.95
C ILE A 96 -7.32 6.96 7.05
N GLY A 97 -7.06 6.55 8.29
CA GLY A 97 -7.89 6.99 9.41
C GLY A 97 -7.77 8.48 9.64
N ASN A 98 -6.55 8.95 9.91
CA ASN A 98 -6.30 10.37 10.13
C ASN A 98 -6.84 11.17 8.94
N LEU A 99 -6.53 10.70 7.72
CA LEU A 99 -7.02 11.34 6.50
C LEU A 99 -8.54 11.45 6.55
N THR A 100 -9.19 10.34 6.91
CA THR A 100 -10.66 10.31 7.02
C THR A 100 -11.14 11.43 7.93
N ALA A 101 -10.55 11.53 9.13
CA ALA A 101 -10.91 12.58 10.07
C ALA A 101 -10.66 13.96 9.47
N GLY A 102 -9.47 14.14 8.90
CA GLY A 102 -9.12 15.41 8.27
C GLY A 102 -10.13 15.82 7.21
N VAL A 103 -10.44 14.89 6.30
CA VAL A 103 -11.41 15.13 5.24
C VAL A 103 -12.81 15.34 5.82
N ARG A 104 -13.10 14.61 6.90
CA ARG A 104 -14.40 14.72 7.58
C ARG A 104 -14.62 16.12 8.14
N TYR A 105 -13.65 16.64 8.90
CA TYR A 105 -13.77 17.98 9.47
C TYR A 105 -12.47 18.40 10.19
N GLN A 106 -11.41 18.65 9.42
CA GLN A 106 -10.11 19.06 9.97
C GLN A 106 -9.44 17.93 10.75
N ALA A 107 -10.14 17.40 11.76
CA ALA A 107 -9.61 16.31 12.58
C ALA A 107 -10.74 15.39 13.08
N MET A 1 -16.61 10.06 -9.93
CA MET A 1 -16.15 11.18 -9.06
C MET A 1 -14.94 10.78 -8.22
N VAL A 2 -14.02 11.72 -8.01
CA VAL A 2 -12.81 11.46 -7.21
C VAL A 2 -12.62 12.52 -6.13
N GLN A 3 -12.36 12.06 -4.90
CA GLN A 3 -12.16 12.96 -3.76
C GLN A 3 -10.69 12.93 -3.30
N ILE A 4 -10.41 13.58 -2.17
CA ILE A 4 -9.06 13.61 -1.62
C ILE A 4 -8.74 12.27 -0.94
N GLN A 5 -7.66 12.20 -0.17
CA GLN A 5 -7.29 10.95 0.51
C GLN A 5 -8.40 10.47 1.45
N GLY A 6 -9.27 9.61 0.95
CA GLY A 6 -10.37 9.09 1.74
C GLY A 6 -10.89 7.77 1.23
N SER A 7 -12.18 7.72 0.87
CA SER A 7 -12.80 6.50 0.35
C SER A 7 -11.96 5.91 -0.79
N VAL A 8 -11.54 6.76 -1.73
CA VAL A 8 -10.72 6.32 -2.86
C VAL A 8 -9.46 5.60 -2.39
N VAL A 9 -8.84 6.15 -1.34
CA VAL A 9 -7.63 5.57 -0.77
C VAL A 9 -7.95 4.30 0.01
N ALA A 10 -9.02 4.35 0.81
CA ALA A 10 -9.44 3.18 1.57
C ALA A 10 -9.69 2.01 0.64
N ALA A 11 -10.43 2.29 -0.45
CA ALA A 11 -10.73 1.27 -1.46
C ALA A 11 -9.43 0.78 -2.10
N ALA A 12 -8.58 1.72 -2.51
CA ALA A 12 -7.29 1.39 -3.11
C ALA A 12 -6.49 0.47 -2.19
N LEU A 13 -6.36 0.87 -0.93
CA LEU A 13 -5.64 0.07 0.07
C LEU A 13 -6.29 -1.30 0.23
N SER A 14 -7.62 -1.31 0.42
CA SER A 14 -8.39 -2.55 0.55
C SER A 14 -8.17 -3.46 -0.66
N ALA A 15 -8.13 -2.86 -1.85
CA ALA A 15 -7.91 -3.62 -3.08
C ALA A 15 -6.50 -4.21 -3.11
N VAL A 16 -5.49 -3.34 -2.94
CA VAL A 16 -4.10 -3.78 -2.93
C VAL A 16 -3.87 -4.87 -1.88
N ILE A 17 -4.35 -4.63 -0.66
CA ILE A 17 -4.20 -5.60 0.43
C ILE A 17 -4.90 -6.92 0.06
N THR A 18 -6.09 -6.81 -0.54
CA THR A 18 -6.84 -8.00 -0.97
C THR A 18 -6.04 -8.76 -2.02
N LEU A 19 -5.49 -8.01 -2.98
CA LEU A 19 -4.67 -8.61 -4.04
C LEU A 19 -3.45 -9.31 -3.46
N ILE A 20 -2.64 -8.57 -2.69
CA ILE A 20 -1.45 -9.15 -2.06
C ILE A 20 -1.82 -10.33 -1.17
N ALA A 21 -2.93 -10.20 -0.42
CA ALA A 21 -3.40 -11.27 0.46
C ALA A 21 -3.75 -12.51 -0.36
N MET A 22 -4.57 -12.32 -1.39
CA MET A 22 -4.97 -13.43 -2.26
C MET A 22 -3.74 -14.07 -2.92
N GLN A 23 -2.85 -13.24 -3.45
CA GLN A 23 -1.62 -13.72 -4.08
C GLN A 23 -0.74 -14.46 -3.06
N TRP A 24 -0.56 -13.86 -1.88
CA TRP A 24 0.24 -14.47 -0.82
C TRP A 24 -0.30 -15.84 -0.45
N LEU A 25 -1.62 -15.96 -0.44
CA LEU A 25 -2.28 -17.24 -0.14
C LEU A 25 -1.80 -18.35 -1.09
N MET A 26 -1.40 -17.96 -2.30
CA MET A 26 -0.92 -18.90 -3.30
C MET A 26 0.62 -18.97 -3.34
N ALA A 27 1.26 -17.80 -3.32
CA ALA A 27 2.73 -17.74 -3.37
C ALA A 27 3.29 -16.92 -2.20
N PHE A 28 4.39 -17.41 -1.61
CA PHE A 28 5.02 -16.74 -0.47
C PHE A 28 5.93 -15.58 -0.92
N ASP A 29 6.25 -14.70 0.03
CA ASP A 29 7.12 -13.54 -0.22
C ASP A 29 6.50 -12.62 -1.28
N ALA A 30 6.85 -12.83 -2.55
CA ALA A 30 6.33 -12.00 -3.63
C ALA A 30 6.25 -12.79 -4.94
N ALA A 31 7.40 -13.01 -5.57
CA ALA A 31 7.48 -13.73 -6.85
C ALA A 31 6.82 -12.95 -7.99
N ASN A 32 5.49 -12.80 -7.93
CA ASN A 32 4.75 -12.06 -8.96
C ASN A 32 4.09 -10.79 -8.39
N LEU A 33 4.51 -10.39 -7.18
CA LEU A 33 3.95 -9.20 -6.54
C LEU A 33 4.29 -7.93 -7.33
N VAL A 34 5.46 -7.93 -7.98
CA VAL A 34 5.92 -6.79 -8.78
C VAL A 34 4.80 -6.25 -9.67
N MET A 35 4.15 -7.13 -10.43
CA MET A 35 3.05 -6.74 -11.32
C MET A 35 1.86 -6.27 -10.49
N LEU A 36 1.50 -7.06 -9.47
CA LEU A 36 0.39 -6.71 -8.59
C LEU A 36 0.59 -5.32 -7.99
N TYR A 37 1.77 -5.11 -7.40
CA TYR A 37 2.09 -3.80 -6.80
C TYR A 37 2.01 -2.71 -7.87
N LEU A 38 2.57 -2.97 -9.05
CA LEU A 38 2.52 -2.01 -10.15
C LEU A 38 1.08 -1.64 -10.45
N LEU A 39 0.25 -2.65 -10.69
CA LEU A 39 -1.17 -2.45 -10.97
C LEU A 39 -1.83 -1.70 -9.80
N GLY A 40 -1.47 -2.10 -8.57
CA GLY A 40 -2.01 -1.46 -7.38
C GLY A 40 -1.66 0.02 -7.30
N VAL A 41 -0.36 0.33 -7.30
CA VAL A 41 0.10 1.73 -7.25
C VAL A 41 -0.54 2.54 -8.36
N VAL A 42 -0.77 1.92 -9.53
CA VAL A 42 -1.41 2.59 -10.65
C VAL A 42 -2.84 2.98 -10.26
N VAL A 43 -3.60 2.01 -9.74
CA VAL A 43 -4.98 2.25 -9.31
C VAL A 43 -5.00 3.30 -8.19
N VAL A 44 -4.11 3.15 -7.21
CA VAL A 44 -4.01 4.10 -6.11
C VAL A 44 -3.67 5.49 -6.64
N ALA A 45 -2.69 5.55 -7.54
CA ALA A 45 -2.28 6.82 -8.15
C ALA A 45 -3.44 7.45 -8.90
N LEU A 46 -4.11 6.66 -9.74
CA LEU A 46 -5.27 7.13 -10.48
C LEU A 46 -6.29 7.73 -9.52
N PHE A 47 -6.56 7.01 -8.43
CA PHE A 47 -7.48 7.48 -7.39
C PHE A 47 -6.94 8.76 -6.73
N TYR A 48 -5.63 8.80 -6.53
CA TYR A 48 -4.95 9.96 -5.92
C TYR A 48 -4.87 11.15 -6.89
N GLY A 49 -5.04 10.88 -8.19
CA GLY A 49 -4.96 11.92 -9.21
C GLY A 49 -5.93 13.06 -8.96
N ARG A 50 -5.55 13.96 -8.07
CA ARG A 50 -6.38 15.11 -7.70
C ARG A 50 -5.64 16.05 -6.76
N TRP A 51 -5.15 15.50 -5.64
CA TRP A 51 -4.42 16.29 -4.65
C TRP A 51 -3.65 15.40 -3.68
N PRO A 52 -2.46 14.92 -4.08
CA PRO A 52 -1.63 14.05 -3.24
C PRO A 52 -0.65 14.82 -2.36
N SER A 53 -0.18 14.17 -1.29
CA SER A 53 0.78 14.81 -0.37
C SER A 53 2.00 13.91 -0.11
N VAL A 54 2.93 14.42 0.70
CA VAL A 54 4.15 13.67 1.05
C VAL A 54 3.84 12.30 1.64
N VAL A 55 2.80 12.23 2.48
CA VAL A 55 2.40 10.96 3.11
C VAL A 55 2.31 9.82 2.09
N ALA A 56 1.67 10.10 0.96
CA ALA A 56 1.51 9.12 -0.12
C ALA A 56 2.89 8.74 -0.70
N THR A 57 3.71 9.75 -0.95
CA THR A 57 5.04 9.54 -1.50
C THR A 57 5.87 8.65 -0.58
N VAL A 58 5.87 8.99 0.72
CA VAL A 58 6.61 8.23 1.72
C VAL A 58 6.15 6.77 1.77
N ILE A 59 4.84 6.56 1.96
CA ILE A 59 4.29 5.20 2.03
C ILE A 59 4.60 4.41 0.75
N ASN A 60 4.51 5.07 -0.40
CA ASN A 60 4.80 4.41 -1.67
C ASN A 60 6.29 4.08 -1.78
N VAL A 61 7.15 5.08 -1.51
CA VAL A 61 8.59 4.85 -1.56
C VAL A 61 9.00 3.72 -0.62
N VAL A 62 8.56 3.82 0.65
CA VAL A 62 8.85 2.79 1.64
C VAL A 62 8.35 1.42 1.15
N SER A 63 7.16 1.42 0.55
CA SER A 63 6.58 0.20 0.00
C SER A 63 7.46 -0.36 -1.12
N PHE A 64 7.81 0.50 -2.07
CA PHE A 64 8.67 0.12 -3.18
C PHE A 64 9.98 -0.48 -2.68
N ASP A 65 10.64 0.26 -1.79
CA ASP A 65 11.91 -0.19 -1.20
C ASP A 65 11.73 -1.51 -0.45
N LEU A 66 10.76 -1.54 0.47
CA LEU A 66 10.46 -2.76 1.24
C LEU A 66 10.16 -3.93 0.32
N PHE A 67 9.44 -3.66 -0.77
CA PHE A 67 9.09 -4.68 -1.76
C PHE A 67 10.31 -5.05 -2.61
N PHE A 68 11.23 -4.10 -2.80
CA PHE A 68 12.43 -4.31 -3.60
C PHE A 68 12.10 -4.83 -5.00
N ILE A 69 11.10 -4.21 -5.64
CA ILE A 69 10.66 -4.59 -6.99
C ILE A 69 10.07 -6.01 -7.03
N ALA A 70 9.79 -6.59 -5.85
CA ALA A 70 9.21 -7.93 -5.75
C ALA A 70 9.76 -8.89 -6.83
N PRO A 71 11.03 -9.33 -6.67
CA PRO A 71 11.68 -10.24 -7.63
C PRO A 71 10.98 -11.60 -7.73
N ARG A 72 11.25 -12.32 -8.83
CA ARG A 72 10.65 -13.64 -9.07
C ARG A 72 10.88 -14.58 -7.89
N GLY A 73 12.04 -14.46 -7.24
CA GLY A 73 12.35 -15.31 -6.11
C GLY A 73 12.93 -14.52 -4.94
N THR A 74 12.21 -14.51 -3.82
CA THR A 74 12.65 -13.79 -2.62
C THR A 74 13.41 -14.71 -1.66
N LEU A 75 14.27 -14.12 -0.84
CA LEU A 75 15.06 -14.89 0.13
C LEU A 75 14.20 -15.76 1.06
N ALA A 76 13.00 -15.28 1.40
CA ALA A 76 12.08 -16.01 2.27
C ALA A 76 12.71 -16.24 3.66
N VAL A 77 13.23 -15.16 4.24
CA VAL A 77 13.86 -15.23 5.56
C VAL A 77 12.99 -14.60 6.64
N SER A 78 13.11 -15.08 7.87
CA SER A 78 12.35 -14.55 9.00
C SER A 78 12.91 -13.20 9.45
N ASP A 79 12.44 -12.73 10.61
CA ASP A 79 12.90 -11.45 11.17
C ASP A 79 12.46 -10.28 10.28
N VAL A 80 13.02 -10.22 9.07
CA VAL A 80 12.66 -9.17 8.11
C VAL A 80 11.16 -9.18 7.82
N GLN A 81 10.57 -10.38 7.77
CA GLN A 81 9.14 -10.54 7.53
C GLN A 81 8.34 -9.78 8.59
N TYR A 82 8.81 -9.86 9.84
CA TYR A 82 8.15 -9.17 10.96
C TYR A 82 8.35 -7.67 10.82
N LEU A 83 9.60 -7.26 10.55
CA LEU A 83 9.92 -5.85 10.36
C LEU A 83 9.04 -5.25 9.26
N LEU A 84 9.04 -5.90 8.09
CA LEU A 84 8.22 -5.46 6.97
C LEU A 84 6.75 -5.45 7.36
N THR A 85 6.32 -6.52 8.06
CA THR A 85 4.93 -6.61 8.52
C THR A 85 4.57 -5.37 9.34
N PHE A 86 5.46 -5.01 10.27
CA PHE A 86 5.24 -3.83 11.11
C PHE A 86 5.26 -2.56 10.24
N ALA A 87 6.26 -2.46 9.36
CA ALA A 87 6.39 -1.30 8.47
C ALA A 87 5.13 -1.08 7.64
N VAL A 88 4.61 -2.16 7.04
CA VAL A 88 3.40 -2.06 6.22
C VAL A 88 2.17 -1.79 7.10
N MET A 89 2.07 -2.50 8.23
CA MET A 89 0.96 -2.30 9.16
C MET A 89 0.89 -0.84 9.61
N LEU A 90 2.03 -0.32 10.07
CA LEU A 90 2.12 1.07 10.51
C LEU A 90 1.76 2.00 9.35
N THR A 91 2.32 1.71 8.18
CA THR A 91 2.05 2.50 6.97
C THR A 91 0.55 2.54 6.69
N VAL A 92 -0.09 1.37 6.72
CA VAL A 92 -1.53 1.28 6.50
C VAL A 92 -2.29 2.04 7.57
N GLY A 93 -1.98 1.77 8.84
CA GLY A 93 -2.63 2.46 9.95
C GLY A 93 -2.53 3.96 9.82
N LEU A 94 -1.32 4.45 9.53
CA LEU A 94 -1.08 5.87 9.36
C LEU A 94 -1.89 6.42 8.17
N VAL A 95 -1.83 5.71 7.04
CA VAL A 95 -2.56 6.11 5.84
C VAL A 95 -4.08 6.16 6.08
N ILE A 96 -4.64 5.06 6.60
CA ILE A 96 -6.07 5.01 6.89
C ILE A 96 -6.47 6.13 7.84
N GLY A 97 -5.66 6.36 8.87
CA GLY A 97 -5.94 7.45 9.81
C GLY A 97 -5.85 8.79 9.11
N ASN A 98 -4.81 8.94 8.28
CA ASN A 98 -4.58 10.17 7.52
C ASN A 98 -5.79 10.48 6.63
N LEU A 99 -6.18 9.54 5.78
CA LEU A 99 -7.32 9.72 4.89
C LEU A 99 -8.61 9.93 5.68
N THR A 100 -8.78 9.16 6.77
CA THR A 100 -9.97 9.28 7.62
C THR A 100 -10.07 10.66 8.26
N ALA A 101 -8.92 11.25 8.58
CA ALA A 101 -8.89 12.58 9.20
C ALA A 101 -9.01 13.69 8.14
N GLY A 102 -8.30 13.52 7.02
CA GLY A 102 -8.32 14.50 5.95
C GLY A 102 -9.70 14.67 5.32
N VAL A 103 -10.26 13.57 4.79
CA VAL A 103 -11.58 13.62 4.16
C VAL A 103 -12.67 14.02 5.16
N ARG A 104 -12.96 15.32 5.17
CA ARG A 104 -13.99 15.91 6.07
C ARG A 104 -13.68 17.39 6.34
N TYR A 105 -12.40 17.72 6.47
CA TYR A 105 -11.98 19.10 6.74
C TYR A 105 -12.20 20.00 5.52
N GLN A 106 -13.48 20.16 5.15
CA GLN A 106 -13.85 21.00 4.00
C GLN A 106 -13.42 20.32 2.70
N ALA A 107 -14.27 19.43 2.18
CA ALA A 107 -14.00 18.70 0.94
C ALA A 107 -13.08 17.49 1.18
#